data_7BJG
# 
_entry.id   7BJG 
# 
_audit_conform.dict_name       mmcif_pdbx.dic 
_audit_conform.dict_version    5.391 
_audit_conform.dict_location   http://mmcif.pdb.org/dictionaries/ascii/mmcif_pdbx.dic 
# 
loop_
_database_2.database_id 
_database_2.database_code 
_database_2.pdbx_database_accession 
_database_2.pdbx_DOI 
PDB   7BJG         pdb_00007bjg 10.2210/pdb7bjg/pdb 
WWPDB D_1292113489 ?            ?                   
# 
loop_
_pdbx_audit_revision_history.ordinal 
_pdbx_audit_revision_history.data_content_type 
_pdbx_audit_revision_history.major_revision 
_pdbx_audit_revision_history.minor_revision 
_pdbx_audit_revision_history.revision_date 
1 'Structure model' 1 0 2021-05-26 
2 'Structure model' 1 1 2021-06-30 
3 'Structure model' 1 2 2021-07-14 
4 'Structure model' 1 3 2024-05-01 
# 
_pdbx_audit_revision_details.ordinal             1 
_pdbx_audit_revision_details.revision_ordinal    1 
_pdbx_audit_revision_details.data_content_type   'Structure model' 
_pdbx_audit_revision_details.provider            repository 
_pdbx_audit_revision_details.type                'Initial release' 
_pdbx_audit_revision_details.description         ? 
_pdbx_audit_revision_details.details             ? 
# 
loop_
_pdbx_audit_revision_group.ordinal 
_pdbx_audit_revision_group.revision_ordinal 
_pdbx_audit_revision_group.data_content_type 
_pdbx_audit_revision_group.group 
1 2 'Structure model' 'Database references'    
2 3 'Structure model' 'Database references'    
3 4 'Structure model' 'Data collection'        
4 4 'Structure model' 'Database references'    
5 4 'Structure model' 'Refinement description' 
# 
loop_
_pdbx_audit_revision_category.ordinal 
_pdbx_audit_revision_category.revision_ordinal 
_pdbx_audit_revision_category.data_content_type 
_pdbx_audit_revision_category.category 
1 2 'Structure model' citation                      
2 2 'Structure model' citation_author               
3 3 'Structure model' citation                      
4 3 'Structure model' citation_author               
5 4 'Structure model' chem_comp_atom                
6 4 'Structure model' chem_comp_bond                
7 4 'Structure model' database_2                    
8 4 'Structure model' pdbx_initial_refinement_model 
# 
loop_
_pdbx_audit_revision_item.ordinal 
_pdbx_audit_revision_item.revision_ordinal 
_pdbx_audit_revision_item.data_content_type 
_pdbx_audit_revision_item.item 
1  2 'Structure model' '_citation.country'                   
2  2 'Structure model' '_citation.journal_abbrev'            
3  2 'Structure model' '_citation.journal_id_ASTM'           
4  2 'Structure model' '_citation.journal_id_CSD'            
5  2 'Structure model' '_citation.journal_id_ISSN'           
6  2 'Structure model' '_citation.pdbx_database_id_DOI'      
7  2 'Structure model' '_citation.pdbx_database_id_PubMed'   
8  2 'Structure model' '_citation.title'                     
9  2 'Structure model' '_citation.year'                      
10 2 'Structure model' '_citation_author.identifier_ORCID'   
11 2 'Structure model' '_citation_author.name'               
12 3 'Structure model' '_citation.journal_volume'            
13 3 'Structure model' '_citation.page_first'                
14 3 'Structure model' '_citation.page_last'                 
15 3 'Structure model' '_citation_author.identifier_ORCID'   
16 4 'Structure model' '_database_2.pdbx_DOI'                
17 4 'Structure model' '_database_2.pdbx_database_accession' 
# 
_pdbx_database_status.status_code                     REL 
_pdbx_database_status.status_code_sf                  REL 
_pdbx_database_status.status_code_mr                  ? 
_pdbx_database_status.entry_id                        7BJG 
_pdbx_database_status.recvd_initial_deposition_date   2021-01-14 
_pdbx_database_status.SG_entry                        N 
_pdbx_database_status.deposit_site                    PDBE 
_pdbx_database_status.process_site                    PDBE 
_pdbx_database_status.status_code_cs                  ? 
_pdbx_database_status.status_code_nmr_data            ? 
_pdbx_database_status.methods_development_category    ? 
_pdbx_database_status.pdb_format_compatible           Y 
# 
loop_
_audit_author.name 
_audit_author.pdbx_ordinal 
_audit_author.identifier_ORCID 
'Dimitrova-Paternoga, L.' 1 0000-0001-5673-6373 
'Jagtap, P.K.A.'          2 0000-0002-9457-4130 
'Ephrussi, A.'            3 0000-0002-5061-4620 
'Hennig, J.'              4 0000-0001-5214-7002 
# 
_citation.abstract                  ? 
_citation.abstract_id_CAS           ? 
_citation.book_id_ISBN              ? 
_citation.book_publisher            ? 
_citation.book_publisher_city       ? 
_citation.book_title                ? 
_citation.coordinate_linkage        ? 
_citation.country                   US 
_citation.database_id_Medline       ? 
_citation.details                   ? 
_citation.id                        primary 
_citation.journal_abbrev            'Genes Dev.' 
_citation.journal_id_ASTM           GEDEEP 
_citation.journal_id_CSD            2056 
_citation.journal_id_ISSN           0890-9369 
_citation.journal_full              ? 
_citation.journal_issue             ? 
_citation.journal_volume            35 
_citation.language                  ? 
_citation.page_first                976 
_citation.page_last                 991 
_citation.title                     'Molecular basis of mRNA transport by a kinesin-1-atypical tropomyosin complex.' 
_citation.year                      2021 
_citation.database_id_CSD           ? 
_citation.pdbx_database_id_DOI      10.1101/gad.348443.121 
_citation.pdbx_database_id_PubMed   34140355 
_citation.pdbx_database_id_patent   ? 
_citation.unpublished_flag          ? 
# 
loop_
_citation_author.citation_id 
_citation_author.name 
_citation_author.ordinal 
_citation_author.identifier_ORCID 
primary 'Dimitrova-Paternoga, L.' 1  ? 
primary 'Jagtap, P.K.A.'          2  ? 
primary 'Cyrklaff, A.'            3  ? 
primary 'Lapouge, K.'             4  ? 
primary 'Sehr, P.'                5  ? 
primary 'Perez, K.'               6  ? 
primary 'Heber, S.'               7  ? 
primary 'Low, C.'                 8  ? 
primary 'Hennig, J.'              9  ? 
primary 'Ephrussi, A.'            10 ? 
# 
loop_
_entity.id 
_entity.type 
_entity.src_method 
_entity.pdbx_description 
_entity.formula_weight 
_entity.pdbx_number_of_molecules 
_entity.pdbx_ec 
_entity.pdbx_mutation 
_entity.pdbx_fragment 
_entity.details 
1 polymer man SD21996p 11922.319 1  ? ? ? ? 
2 water   nat water    18.015    19 ? ? ? ? 
# 
_entity_name_com.entity_id   1 
_entity_name_com.name        'Tropomyosin 1,isoform H' 
# 
_entity_poly.entity_id                      1 
_entity_poly.type                           'polypeptide(L)' 
_entity_poly.nstd_linkage                   no 
_entity_poly.nstd_monomer                   no 
_entity_poly.pdbx_seq_one_letter_code       
;SMKFNIIRNELHNIMNTQLKRAESEVAALNRRIQLLEEDLERSEERLGSATAKLSEASQAADESERARKILENRALADEE
RMDALENQLKEARFLAEEADKKY
;
_entity_poly.pdbx_seq_one_letter_code_can   
;SMKFNIIRNELHNIMNTQLKRAESEVAALNRRIQLLEEDLERSEERLGSATAKLSEASQAADESERARKILENRALADEE
RMDALENQLKEARFLAEEADKKY
;
_entity_poly.pdbx_strand_id                 A 
_entity_poly.pdbx_target_identifier         ? 
# 
_pdbx_entity_nonpoly.entity_id   2 
_pdbx_entity_nonpoly.name        water 
_pdbx_entity_nonpoly.comp_id     HOH 
# 
loop_
_entity_poly_seq.entity_id 
_entity_poly_seq.num 
_entity_poly_seq.mon_id 
_entity_poly_seq.hetero 
1 1   SER n 
1 2   MET n 
1 3   LYS n 
1 4   PHE n 
1 5   ASN n 
1 6   ILE n 
1 7   ILE n 
1 8   ARG n 
1 9   ASN n 
1 10  GLU n 
1 11  LEU n 
1 12  HIS n 
1 13  ASN n 
1 14  ILE n 
1 15  MET n 
1 16  ASN n 
1 17  THR n 
1 18  GLN n 
1 19  LEU n 
1 20  LYS n 
1 21  ARG n 
1 22  ALA n 
1 23  GLU n 
1 24  SER n 
1 25  GLU n 
1 26  VAL n 
1 27  ALA n 
1 28  ALA n 
1 29  LEU n 
1 30  ASN n 
1 31  ARG n 
1 32  ARG n 
1 33  ILE n 
1 34  GLN n 
1 35  LEU n 
1 36  LEU n 
1 37  GLU n 
1 38  GLU n 
1 39  ASP n 
1 40  LEU n 
1 41  GLU n 
1 42  ARG n 
1 43  SER n 
1 44  GLU n 
1 45  GLU n 
1 46  ARG n 
1 47  LEU n 
1 48  GLY n 
1 49  SER n 
1 50  ALA n 
1 51  THR n 
1 52  ALA n 
1 53  LYS n 
1 54  LEU n 
1 55  SER n 
1 56  GLU n 
1 57  ALA n 
1 58  SER n 
1 59  GLN n 
1 60  ALA n 
1 61  ALA n 
1 62  ASP n 
1 63  GLU n 
1 64  SER n 
1 65  GLU n 
1 66  ARG n 
1 67  ALA n 
1 68  ARG n 
1 69  LYS n 
1 70  ILE n 
1 71  LEU n 
1 72  GLU n 
1 73  ASN n 
1 74  ARG n 
1 75  ALA n 
1 76  LEU n 
1 77  ALA n 
1 78  ASP n 
1 79  GLU n 
1 80  GLU n 
1 81  ARG n 
1 82  MET n 
1 83  ASP n 
1 84  ALA n 
1 85  LEU n 
1 86  GLU n 
1 87  ASN n 
1 88  GLN n 
1 89  LEU n 
1 90  LYS n 
1 91  GLU n 
1 92  ALA n 
1 93  ARG n 
1 94  PHE n 
1 95  LEU n 
1 96  ALA n 
1 97  GLU n 
1 98  GLU n 
1 99  ALA n 
1 100 ASP n 
1 101 LYS n 
1 102 LYS n 
1 103 TYR n 
# 
_entity_src_gen.entity_id                          1 
_entity_src_gen.pdbx_src_id                        1 
_entity_src_gen.pdbx_alt_source_flag               sample 
_entity_src_gen.pdbx_seq_type                      'Biological sequence' 
_entity_src_gen.pdbx_beg_seq_num                   1 
_entity_src_gen.pdbx_end_seq_num                   103 
_entity_src_gen.gene_src_common_name               'Fruit fly' 
_entity_src_gen.gene_src_genus                     ? 
_entity_src_gen.pdbx_gene_src_gene                 
;Tm1, 10, 1305, 2299, BcDNA:GH09289, BcDNA:LD37158, BcDNA:SD21996, chr3R:11122272..11122408, cTM, cTm, cTmII, Dm Tm1, Dm TmH33, Dm TmH34, Dmel\CG4898, DmTm1, l(3)02299, l(3)S130510, l(3)s2958, mTmII, PmI, region 3, TM, Tm, TM1, tm1, TmH, TmH-33, TmH-34, TmH33, TmH34, TMII, TmII, tmII, Tmr33, Tmr34, TnH, TnH-33, TnH-34, tropomyosin, CG4898, Dmel_CG4898
;
_entity_src_gen.gene_src_species                   ? 
_entity_src_gen.gene_src_strain                    ? 
_entity_src_gen.gene_src_tissue                    ? 
_entity_src_gen.gene_src_tissue_fraction           ? 
_entity_src_gen.gene_src_details                   ? 
_entity_src_gen.pdbx_gene_src_fragment             ? 
_entity_src_gen.pdbx_gene_src_scientific_name      'Drosophila melanogaster' 
_entity_src_gen.pdbx_gene_src_ncbi_taxonomy_id     7227 
_entity_src_gen.pdbx_gene_src_variant              ? 
_entity_src_gen.pdbx_gene_src_cell_line            ? 
_entity_src_gen.pdbx_gene_src_atcc                 ? 
_entity_src_gen.pdbx_gene_src_organ                ? 
_entity_src_gen.pdbx_gene_src_organelle            ? 
_entity_src_gen.pdbx_gene_src_cell                 ? 
_entity_src_gen.pdbx_gene_src_cellular_location    ? 
_entity_src_gen.host_org_common_name               ? 
_entity_src_gen.pdbx_host_org_scientific_name      'Escherichia coli' 
_entity_src_gen.pdbx_host_org_ncbi_taxonomy_id     562 
_entity_src_gen.host_org_genus                     ? 
_entity_src_gen.pdbx_host_org_gene                 ? 
_entity_src_gen.pdbx_host_org_organ                ? 
_entity_src_gen.host_org_species                   ? 
_entity_src_gen.pdbx_host_org_tissue               ? 
_entity_src_gen.pdbx_host_org_tissue_fraction      ? 
_entity_src_gen.pdbx_host_org_strain               ? 
_entity_src_gen.pdbx_host_org_variant              ? 
_entity_src_gen.pdbx_host_org_cell_line            ? 
_entity_src_gen.pdbx_host_org_atcc                 ? 
_entity_src_gen.pdbx_host_org_culture_collection   ? 
_entity_src_gen.pdbx_host_org_cell                 ? 
_entity_src_gen.pdbx_host_org_organelle            ? 
_entity_src_gen.pdbx_host_org_cellular_location    ? 
_entity_src_gen.pdbx_host_org_vector_type          ? 
_entity_src_gen.pdbx_host_org_vector               ? 
_entity_src_gen.host_org_details                   ? 
_entity_src_gen.expression_system_id               ? 
_entity_src_gen.plasmid_name                       ? 
_entity_src_gen.plasmid_details                    ? 
_entity_src_gen.pdbx_description                   ? 
# 
loop_
_chem_comp.id 
_chem_comp.type 
_chem_comp.mon_nstd_flag 
_chem_comp.name 
_chem_comp.pdbx_synonyms 
_chem_comp.formula 
_chem_comp.formula_weight 
ALA 'L-peptide linking' y ALANINE         ? 'C3 H7 N O2'     89.093  
ARG 'L-peptide linking' y ARGININE        ? 'C6 H15 N4 O2 1' 175.209 
ASN 'L-peptide linking' y ASPARAGINE      ? 'C4 H8 N2 O3'    132.118 
ASP 'L-peptide linking' y 'ASPARTIC ACID' ? 'C4 H7 N O4'     133.103 
GLN 'L-peptide linking' y GLUTAMINE       ? 'C5 H10 N2 O3'   146.144 
GLU 'L-peptide linking' y 'GLUTAMIC ACID' ? 'C5 H9 N O4'     147.129 
GLY 'peptide linking'   y GLYCINE         ? 'C2 H5 N O2'     75.067  
HIS 'L-peptide linking' y HISTIDINE       ? 'C6 H10 N3 O2 1' 156.162 
HOH non-polymer         . WATER           ? 'H2 O'           18.015  
ILE 'L-peptide linking' y ISOLEUCINE      ? 'C6 H13 N O2'    131.173 
LEU 'L-peptide linking' y LEUCINE         ? 'C6 H13 N O2'    131.173 
LYS 'L-peptide linking' y LYSINE          ? 'C6 H15 N2 O2 1' 147.195 
MET 'L-peptide linking' y METHIONINE      ? 'C5 H11 N O2 S'  149.211 
PHE 'L-peptide linking' y PHENYLALANINE   ? 'C9 H11 N O2'    165.189 
SER 'L-peptide linking' y SERINE          ? 'C3 H7 N O3'     105.093 
THR 'L-peptide linking' y THREONINE       ? 'C4 H9 N O3'     119.119 
TYR 'L-peptide linking' y TYROSINE        ? 'C9 H11 N O3'    181.189 
VAL 'L-peptide linking' y VALINE          ? 'C5 H11 N O2'    117.146 
# 
loop_
_pdbx_poly_seq_scheme.asym_id 
_pdbx_poly_seq_scheme.entity_id 
_pdbx_poly_seq_scheme.seq_id 
_pdbx_poly_seq_scheme.mon_id 
_pdbx_poly_seq_scheme.ndb_seq_num 
_pdbx_poly_seq_scheme.pdb_seq_num 
_pdbx_poly_seq_scheme.auth_seq_num 
_pdbx_poly_seq_scheme.pdb_mon_id 
_pdbx_poly_seq_scheme.auth_mon_id 
_pdbx_poly_seq_scheme.pdb_strand_id 
_pdbx_poly_seq_scheme.pdb_ins_code 
_pdbx_poly_seq_scheme.hetero 
A 1 1   SER 1   261 261 SER SER A . n 
A 1 2   MET 2   262 262 MET MET A . n 
A 1 3   LYS 3   263 263 LYS LYS A . n 
A 1 4   PHE 4   264 264 PHE PHE A . n 
A 1 5   ASN 5   265 265 ASN ASN A . n 
A 1 6   ILE 6   266 266 ILE ILE A . n 
A 1 7   ILE 7   267 267 ILE ILE A . n 
A 1 8   ARG 8   268 268 ARG ARG A . n 
A 1 9   ASN 9   269 269 ASN ASN A . n 
A 1 10  GLU 10  270 270 GLU GLU A . n 
A 1 11  LEU 11  271 271 LEU LEU A . n 
A 1 12  HIS 12  272 272 HIS HIS A . n 
A 1 13  ASN 13  273 273 ASN ASN A . n 
A 1 14  ILE 14  274 274 ILE ILE A . n 
A 1 15  MET 15  275 275 MET MET A . n 
A 1 16  ASN 16  276 276 ASN ASN A . n 
A 1 17  THR 17  277 277 THR THR A . n 
A 1 18  GLN 18  278 278 GLN GLN A . n 
A 1 19  LEU 19  279 279 LEU LEU A . n 
A 1 20  LYS 20  280 280 LYS LYS A . n 
A 1 21  ARG 21  281 281 ARG ARG A . n 
A 1 22  ALA 22  282 282 ALA ALA A . n 
A 1 23  GLU 23  283 283 GLU GLU A . n 
A 1 24  SER 24  284 284 SER SER A . n 
A 1 25  GLU 25  285 285 GLU GLU A . n 
A 1 26  VAL 26  286 286 VAL VAL A . n 
A 1 27  ALA 27  287 287 ALA ALA A . n 
A 1 28  ALA 28  288 288 ALA ALA A . n 
A 1 29  LEU 29  289 289 LEU LEU A . n 
A 1 30  ASN 30  290 290 ASN ASN A . n 
A 1 31  ARG 31  291 291 ARG ARG A . n 
A 1 32  ARG 32  292 292 ARG ARG A . n 
A 1 33  ILE 33  293 293 ILE ILE A . n 
A 1 34  GLN 34  294 294 GLN GLN A . n 
A 1 35  LEU 35  295 295 LEU LEU A . n 
A 1 36  LEU 36  296 296 LEU LEU A . n 
A 1 37  GLU 37  297 297 GLU GLU A . n 
A 1 38  GLU 38  298 298 GLU GLU A . n 
A 1 39  ASP 39  299 299 ASP ASP A . n 
A 1 40  LEU 40  300 300 LEU LEU A . n 
A 1 41  GLU 41  301 301 GLU GLU A . n 
A 1 42  ARG 42  302 302 ARG ARG A . n 
A 1 43  SER 43  303 303 SER SER A . n 
A 1 44  GLU 44  304 304 GLU GLU A . n 
A 1 45  GLU 45  305 305 GLU GLU A . n 
A 1 46  ARG 46  306 306 ARG ARG A . n 
A 1 47  LEU 47  307 307 LEU LEU A . n 
A 1 48  GLY 48  308 308 GLY GLY A . n 
A 1 49  SER 49  309 309 SER SER A . n 
A 1 50  ALA 50  310 310 ALA ALA A . n 
A 1 51  THR 51  311 311 THR THR A . n 
A 1 52  ALA 52  312 312 ALA ALA A . n 
A 1 53  LYS 53  313 313 LYS LYS A . n 
A 1 54  LEU 54  314 314 LEU LEU A . n 
A 1 55  SER 55  315 315 SER SER A . n 
A 1 56  GLU 56  316 316 GLU GLU A . n 
A 1 57  ALA 57  317 317 ALA ALA A . n 
A 1 58  SER 58  318 318 SER SER A . n 
A 1 59  GLN 59  319 319 GLN GLN A . n 
A 1 60  ALA 60  320 320 ALA ALA A . n 
A 1 61  ALA 61  321 321 ALA ALA A . n 
A 1 62  ASP 62  322 322 ASP ASP A . n 
A 1 63  GLU 63  323 323 GLU GLU A . n 
A 1 64  SER 64  324 324 SER SER A . n 
A 1 65  GLU 65  325 325 GLU GLU A . n 
A 1 66  ARG 66  326 326 ARG ARG A . n 
A 1 67  ALA 67  327 327 ALA ALA A . n 
A 1 68  ARG 68  328 328 ARG ARG A . n 
A 1 69  LYS 69  329 329 LYS LYS A . n 
A 1 70  ILE 70  330 330 ILE ILE A . n 
A 1 71  LEU 71  331 331 LEU LEU A . n 
A 1 72  GLU 72  332 332 GLU GLU A . n 
A 1 73  ASN 73  333 333 ASN ASN A . n 
A 1 74  ARG 74  334 334 ARG ARG A . n 
A 1 75  ALA 75  335 335 ALA ALA A . n 
A 1 76  LEU 76  336 336 LEU LEU A . n 
A 1 77  ALA 77  337 337 ALA ALA A . n 
A 1 78  ASP 78  338 338 ASP ASP A . n 
A 1 79  GLU 79  339 339 GLU GLU A . n 
A 1 80  GLU 80  340 340 GLU GLU A . n 
A 1 81  ARG 81  341 341 ARG ARG A . n 
A 1 82  MET 82  342 342 MET MET A . n 
A 1 83  ASP 83  343 343 ASP ASP A . n 
A 1 84  ALA 84  344 344 ALA ALA A . n 
A 1 85  LEU 85  345 345 LEU LEU A . n 
A 1 86  GLU 86  346 346 GLU GLU A . n 
A 1 87  ASN 87  347 347 ASN ASN A . n 
A 1 88  GLN 88  348 348 GLN GLN A . n 
A 1 89  LEU 89  349 349 LEU LEU A . n 
A 1 90  LYS 90  350 350 LYS LYS A . n 
A 1 91  GLU 91  351 351 GLU GLU A . n 
A 1 92  ALA 92  352 352 ALA ALA A . n 
A 1 93  ARG 93  353 353 ARG ARG A . n 
A 1 94  PHE 94  354 354 PHE PHE A . n 
A 1 95  LEU 95  355 355 LEU LEU A . n 
A 1 96  ALA 96  356 356 ALA ALA A . n 
A 1 97  GLU 97  357 357 GLU GLU A . n 
A 1 98  GLU 98  358 358 GLU GLU A . n 
A 1 99  ALA 99  359 ?   ?   ?   A . n 
A 1 100 ASP 100 360 ?   ?   ?   A . n 
A 1 101 LYS 101 361 ?   ?   ?   A . n 
A 1 102 LYS 102 362 ?   ?   ?   A . n 
A 1 103 TYR 103 363 ?   ?   ?   A . n 
# 
loop_
_pdbx_nonpoly_scheme.asym_id 
_pdbx_nonpoly_scheme.entity_id 
_pdbx_nonpoly_scheme.mon_id 
_pdbx_nonpoly_scheme.ndb_seq_num 
_pdbx_nonpoly_scheme.pdb_seq_num 
_pdbx_nonpoly_scheme.auth_seq_num 
_pdbx_nonpoly_scheme.pdb_mon_id 
_pdbx_nonpoly_scheme.auth_mon_id 
_pdbx_nonpoly_scheme.pdb_strand_id 
_pdbx_nonpoly_scheme.pdb_ins_code 
B 2 HOH 1  401 7  HOH HOH A . 
B 2 HOH 2  402 18 HOH HOH A . 
B 2 HOH 3  403 9  HOH HOH A . 
B 2 HOH 4  404 10 HOH HOH A . 
B 2 HOH 5  405 6  HOH HOH A . 
B 2 HOH 6  406 17 HOH HOH A . 
B 2 HOH 7  407 3  HOH HOH A . 
B 2 HOH 8  408 2  HOH HOH A . 
B 2 HOH 9  409 1  HOH HOH A . 
B 2 HOH 10 410 8  HOH HOH A . 
B 2 HOH 11 411 15 HOH HOH A . 
B 2 HOH 12 412 11 HOH HOH A . 
B 2 HOH 13 413 12 HOH HOH A . 
B 2 HOH 14 414 5  HOH HOH A . 
B 2 HOH 15 415 16 HOH HOH A . 
B 2 HOH 16 416 19 HOH HOH A . 
B 2 HOH 17 417 20 HOH HOH A . 
B 2 HOH 18 418 13 HOH HOH A . 
B 2 HOH 19 419 14 HOH HOH A . 
# 
loop_
_pdbx_unobs_or_zero_occ_atoms.id 
_pdbx_unobs_or_zero_occ_atoms.PDB_model_num 
_pdbx_unobs_or_zero_occ_atoms.polymer_flag 
_pdbx_unobs_or_zero_occ_atoms.occupancy_flag 
_pdbx_unobs_or_zero_occ_atoms.auth_asym_id 
_pdbx_unobs_or_zero_occ_atoms.auth_comp_id 
_pdbx_unobs_or_zero_occ_atoms.auth_seq_id 
_pdbx_unobs_or_zero_occ_atoms.PDB_ins_code 
_pdbx_unobs_or_zero_occ_atoms.auth_atom_id 
_pdbx_unobs_or_zero_occ_atoms.label_alt_id 
_pdbx_unobs_or_zero_occ_atoms.label_asym_id 
_pdbx_unobs_or_zero_occ_atoms.label_comp_id 
_pdbx_unobs_or_zero_occ_atoms.label_seq_id 
_pdbx_unobs_or_zero_occ_atoms.label_atom_id 
1  1 Y 1 A LYS 263 ? CD  ? A LYS 3  CD  
2  1 Y 1 A LYS 263 ? CE  ? A LYS 3  CE  
3  1 Y 1 A LYS 263 ? NZ  ? A LYS 3  NZ  
4  1 Y 1 A GLU 323 ? OE1 ? A GLU 63 OE1 
5  1 Y 1 A GLU 323 ? OE2 ? A GLU 63 OE2 
6  1 Y 1 A ARG 353 ? CG  ? A ARG 93 CG  
7  1 Y 1 A ARG 353 ? CD  ? A ARG 93 CD  
8  1 Y 1 A ARG 353 ? NE  ? A ARG 93 NE  
9  1 Y 1 A ARG 353 ? CZ  ? A ARG 93 CZ  
10 1 Y 1 A ARG 353 ? NH1 ? A ARG 93 NH1 
11 1 Y 1 A ARG 353 ? NH2 ? A ARG 93 NH2 
# 
loop_
_software.citation_id 
_software.classification 
_software.compiler_name 
_software.compiler_version 
_software.contact_author 
_software.contact_author_email 
_software.date 
_software.description 
_software.dependencies 
_software.hardware 
_software.language 
_software.location 
_software.mods 
_software.name 
_software.os 
_software.os_version 
_software.type 
_software.version 
_software.pdbx_ordinal 
? 'data reduction'  ? ? ? ? ? ? ? ? ? ? ? XDS         ? ? ? .           1 
? 'data scaling'    ? ? ? ? ? ? ? ? ? ? ? XSCALE      ? ? ? .           2 
? refinement        ? ? ? ? ? ? ? ? ? ? ? PHENIX      ? ? ? 1.17.1_3660 3 
? 'data extraction' ? ? ? ? ? ? ? ? ? ? ? PDB_EXTRACT ? ? ? 3.25        4 
? phasing           ? ? ? ? ? ? ? ? ? ? ? AMPLE       ? ? ? .           5 
# 
_cell.angle_alpha                  90.000 
_cell.angle_alpha_esd              ? 
_cell.angle_beta                   90.000 
_cell.angle_beta_esd               ? 
_cell.angle_gamma                  120.000 
_cell.angle_gamma_esd              ? 
_cell.entry_id                     7BJG 
_cell.details                      ? 
_cell.formula_units_Z              ? 
_cell.length_a                     107.030 
_cell.length_a_esd                 ? 
_cell.length_b                     107.030 
_cell.length_b_esd                 ? 
_cell.length_c                     52.670 
_cell.length_c_esd                 ? 
_cell.volume                       ? 
_cell.volume_esd                   ? 
_cell.Z_PDB                        12 
_cell.reciprocal_angle_alpha       ? 
_cell.reciprocal_angle_beta        ? 
_cell.reciprocal_angle_gamma       ? 
_cell.reciprocal_angle_alpha_esd   ? 
_cell.reciprocal_angle_beta_esd    ? 
_cell.reciprocal_angle_gamma_esd   ? 
_cell.reciprocal_length_a          ? 
_cell.reciprocal_length_b          ? 
_cell.reciprocal_length_c          ? 
_cell.reciprocal_length_a_esd      ? 
_cell.reciprocal_length_b_esd      ? 
_cell.reciprocal_length_c_esd      ? 
_cell.pdbx_unique_axis             ? 
# 
_symmetry.entry_id                         7BJG 
_symmetry.cell_setting                     ? 
_symmetry.Int_Tables_number                177 
_symmetry.space_group_name_Hall            ? 
_symmetry.space_group_name_H-M             'P 6 2 2' 
_symmetry.pdbx_full_space_group_name_H-M   ? 
# 
_exptl.absorpt_coefficient_mu     ? 
_exptl.absorpt_correction_T_max   ? 
_exptl.absorpt_correction_T_min   ? 
_exptl.absorpt_correction_type    ? 
_exptl.absorpt_process_details    ? 
_exptl.entry_id                   7BJG 
_exptl.crystals_number            1 
_exptl.details                    ? 
_exptl.method                     'X-RAY DIFFRACTION' 
_exptl.method_details             ? 
# 
_exptl_crystal.colour                      ? 
_exptl_crystal.density_diffrn              ? 
_exptl_crystal.density_Matthews            3.85 
_exptl_crystal.density_method              ? 
_exptl_crystal.density_percent_sol         68.04 
_exptl_crystal.description                 ? 
_exptl_crystal.F_000                       ? 
_exptl_crystal.id                          1 
_exptl_crystal.preparation                 ? 
_exptl_crystal.size_max                    ? 
_exptl_crystal.size_mid                    ? 
_exptl_crystal.size_min                    ? 
_exptl_crystal.size_rad                    ? 
_exptl_crystal.colour_lustre               ? 
_exptl_crystal.colour_modifier             ? 
_exptl_crystal.colour_primary              ? 
_exptl_crystal.density_meas                ? 
_exptl_crystal.density_meas_esd            ? 
_exptl_crystal.density_meas_gt             ? 
_exptl_crystal.density_meas_lt             ? 
_exptl_crystal.density_meas_temp           ? 
_exptl_crystal.density_meas_temp_esd       ? 
_exptl_crystal.density_meas_temp_gt        ? 
_exptl_crystal.density_meas_temp_lt        ? 
_exptl_crystal.pdbx_crystal_image_url      ? 
_exptl_crystal.pdbx_crystal_image_format   ? 
_exptl_crystal.pdbx_mosaicity              ? 
_exptl_crystal.pdbx_mosaicity_esd          ? 
# 
_exptl_crystal_grow.apparatus       ? 
_exptl_crystal_grow.atmosphere      ? 
_exptl_crystal_grow.crystal_id      1 
_exptl_crystal_grow.details         ? 
_exptl_crystal_grow.method          'VAPOR DIFFUSION, SITTING DROP' 
_exptl_crystal_grow.method_ref      ? 
_exptl_crystal_grow.pH              8 
_exptl_crystal_grow.pressure        ? 
_exptl_crystal_grow.pressure_esd    ? 
_exptl_crystal_grow.seeding         ? 
_exptl_crystal_grow.seeding_ref     ? 
_exptl_crystal_grow.temp            293 
_exptl_crystal_grow.temp_details    ? 
_exptl_crystal_grow.temp_esd        ? 
_exptl_crystal_grow.time            ? 
_exptl_crystal_grow.pdbx_details    '0.1 M Tris-HCl pH8, 40% MPD' 
_exptl_crystal_grow.pdbx_pH_range   ? 
# 
_diffrn.ambient_environment              ? 
_diffrn.ambient_temp                     100 
_diffrn.ambient_temp_details             ? 
_diffrn.ambient_temp_esd                 ? 
_diffrn.crystal_id                       1 
_diffrn.crystal_support                  ? 
_diffrn.crystal_treatment                ? 
_diffrn.details                          ? 
_diffrn.id                               1 
_diffrn.ambient_pressure                 ? 
_diffrn.ambient_pressure_esd             ? 
_diffrn.ambient_pressure_gt              ? 
_diffrn.ambient_pressure_lt              ? 
_diffrn.ambient_temp_gt                  ? 
_diffrn.ambient_temp_lt                  ? 
_diffrn.pdbx_serial_crystal_experiment   N 
# 
_diffrn_detector.details                      ? 
_diffrn_detector.detector                     PIXEL 
_diffrn_detector.diffrn_id                    1 
_diffrn_detector.type                         'DECTRIS PILATUS3 6M' 
_diffrn_detector.area_resol_mean              ? 
_diffrn_detector.dtime                        ? 
_diffrn_detector.pdbx_frames_total            ? 
_diffrn_detector.pdbx_collection_time_total   ? 
_diffrn_detector.pdbx_collection_date         2018-08-31 
_diffrn_detector.pdbx_frequency               ? 
# 
_diffrn_radiation.collimation                      ? 
_diffrn_radiation.diffrn_id                        1 
_diffrn_radiation.filter_edge                      ? 
_diffrn_radiation.inhomogeneity                    ? 
_diffrn_radiation.monochromator                    ? 
_diffrn_radiation.polarisn_norm                    ? 
_diffrn_radiation.polarisn_ratio                   ? 
_diffrn_radiation.probe                            ? 
_diffrn_radiation.type                             ? 
_diffrn_radiation.xray_symbol                      ? 
_diffrn_radiation.wavelength_id                    1 
_diffrn_radiation.pdbx_monochromatic_or_laue_m_l   M 
_diffrn_radiation.pdbx_wavelength_list             ? 
_diffrn_radiation.pdbx_wavelength                  ? 
_diffrn_radiation.pdbx_diffrn_protocol             'SINGLE WAVELENGTH' 
_diffrn_radiation.pdbx_analyzer                    ? 
_diffrn_radiation.pdbx_scattering_type             x-ray 
# 
_diffrn_radiation_wavelength.id           1 
_diffrn_radiation_wavelength.wavelength   1.0723 
_diffrn_radiation_wavelength.wt           1.0 
# 
_diffrn_source.current                     ? 
_diffrn_source.details                     ? 
_diffrn_source.diffrn_id                   1 
_diffrn_source.power                       ? 
_diffrn_source.size                        ? 
_diffrn_source.source                      SYNCHROTRON 
_diffrn_source.target                      ? 
_diffrn_source.type                        'ESRF BEAMLINE ID29' 
_diffrn_source.voltage                     ? 
_diffrn_source.take-off_angle              ? 
_diffrn_source.pdbx_wavelength_list        1.0723 
_diffrn_source.pdbx_wavelength             ? 
_diffrn_source.pdbx_synchrotron_beamline   ID29 
_diffrn_source.pdbx_synchrotron_site       ESRF 
# 
_reflns.B_iso_Wilson_estimate                          69.318 
_reflns.entry_id                                       7BJG 
_reflns.data_reduction_details                         ? 
_reflns.data_reduction_method                          ? 
_reflns.d_resolution_high                              2.450 
_reflns.d_resolution_low                               53.520 
_reflns.details                                        ? 
_reflns.limit_h_max                                    ? 
_reflns.limit_h_min                                    ? 
_reflns.limit_k_max                                    ? 
_reflns.limit_k_min                                    ? 
_reflns.limit_l_max                                    ? 
_reflns.limit_l_min                                    ? 
_reflns.number_all                                     ? 
_reflns.number_obs                                     6906 
_reflns.observed_criterion                             ? 
_reflns.observed_criterion_F_max                       ? 
_reflns.observed_criterion_F_min                       ? 
_reflns.observed_criterion_I_max                       ? 
_reflns.observed_criterion_I_min                       ? 
_reflns.observed_criterion_sigma_F                     ? 
_reflns.observed_criterion_sigma_I                     ? 
_reflns.percent_possible_obs                           99.100 
_reflns.R_free_details                                 ? 
_reflns.Rmerge_F_all                                   ? 
_reflns.Rmerge_F_obs                                   ? 
_reflns.Friedel_coverage                               ? 
_reflns.number_gt                                      ? 
_reflns.threshold_expression                           ? 
_reflns.pdbx_redundancy                                18.711 
_reflns.pdbx_Rmerge_I_obs                              0.091 
_reflns.pdbx_Rmerge_I_all                              ? 
_reflns.pdbx_Rsym_value                                ? 
_reflns.pdbx_netI_over_av_sigmaI                       ? 
_reflns.pdbx_netI_over_sigmaI                          17.550 
_reflns.pdbx_res_netI_over_av_sigmaI_2                 ? 
_reflns.pdbx_res_netI_over_sigmaI_2                    ? 
_reflns.pdbx_chi_squared                               0.980 
_reflns.pdbx_scaling_rejects                           ? 
_reflns.pdbx_d_res_high_opt                            ? 
_reflns.pdbx_d_res_low_opt                             ? 
_reflns.pdbx_d_res_opt_method                          ? 
_reflns.phase_calculation_details                      ? 
_reflns.pdbx_Rrim_I_all                                0.094 
_reflns.pdbx_Rpim_I_all                                ? 
_reflns.pdbx_d_opt                                     ? 
_reflns.pdbx_number_measured_all                       129216 
_reflns.pdbx_diffrn_id                                 1 
_reflns.pdbx_ordinal                                   1 
_reflns.pdbx_CC_half                                   0.999 
_reflns.pdbx_CC_star                                   ? 
_reflns.pdbx_R_split                                   ? 
_reflns.pdbx_aniso_diffraction_limit_axis_1_ortho[1]   ? 
_reflns.pdbx_aniso_diffraction_limit_axis_1_ortho[2]   ? 
_reflns.pdbx_aniso_diffraction_limit_axis_1_ortho[3]   ? 
_reflns.pdbx_aniso_diffraction_limit_axis_2_ortho[1]   ? 
_reflns.pdbx_aniso_diffraction_limit_axis_2_ortho[2]   ? 
_reflns.pdbx_aniso_diffraction_limit_axis_2_ortho[3]   ? 
_reflns.pdbx_aniso_diffraction_limit_axis_3_ortho[1]   ? 
_reflns.pdbx_aniso_diffraction_limit_axis_3_ortho[2]   ? 
_reflns.pdbx_aniso_diffraction_limit_axis_3_ortho[3]   ? 
_reflns.pdbx_aniso_diffraction_limit_1                 ? 
_reflns.pdbx_aniso_diffraction_limit_2                 ? 
_reflns.pdbx_aniso_diffraction_limit_3                 ? 
_reflns.pdbx_aniso_B_tensor_eigenvector_1_ortho[1]     ? 
_reflns.pdbx_aniso_B_tensor_eigenvector_1_ortho[2]     ? 
_reflns.pdbx_aniso_B_tensor_eigenvector_1_ortho[3]     ? 
_reflns.pdbx_aniso_B_tensor_eigenvector_2_ortho[1]     ? 
_reflns.pdbx_aniso_B_tensor_eigenvector_2_ortho[2]     ? 
_reflns.pdbx_aniso_B_tensor_eigenvector_2_ortho[3]     ? 
_reflns.pdbx_aniso_B_tensor_eigenvector_3_ortho[1]     ? 
_reflns.pdbx_aniso_B_tensor_eigenvector_3_ortho[2]     ? 
_reflns.pdbx_aniso_B_tensor_eigenvector_3_ortho[3]     ? 
_reflns.pdbx_aniso_B_tensor_eigenvalue_1               ? 
_reflns.pdbx_aniso_B_tensor_eigenvalue_2               ? 
_reflns.pdbx_aniso_B_tensor_eigenvalue_3               ? 
_reflns.pdbx_orthogonalization_convention              ? 
_reflns.pdbx_percent_possible_ellipsoidal              ? 
_reflns.pdbx_percent_possible_spherical                ? 
_reflns.pdbx_percent_possible_ellipsoidal_anomalous    ? 
_reflns.pdbx_percent_possible_spherical_anomalous      ? 
_reflns.pdbx_redundancy_anomalous                      ? 
_reflns.pdbx_CC_half_anomalous                         ? 
_reflns.pdbx_absDiff_over_sigma_anomalous              ? 
_reflns.pdbx_percent_possible_anomalous                ? 
_reflns.pdbx_observed_signal_threshold                 ? 
_reflns.pdbx_signal_type                               ? 
_reflns.pdbx_signal_details                            ? 
_reflns.pdbx_signal_software_id                        ? 
# 
loop_
_reflns_shell.d_res_high 
_reflns_shell.d_res_low 
_reflns_shell.meanI_over_sigI_all 
_reflns_shell.meanI_over_sigI_obs 
_reflns_shell.number_measured_all 
_reflns_shell.number_measured_obs 
_reflns_shell.number_possible 
_reflns_shell.number_unique_all 
_reflns_shell.number_unique_obs 
_reflns_shell.percent_possible_all 
_reflns_shell.percent_possible_obs 
_reflns_shell.Rmerge_F_all 
_reflns_shell.Rmerge_F_obs 
_reflns_shell.Rmerge_I_all 
_reflns_shell.Rmerge_I_obs 
_reflns_shell.meanI_over_sigI_gt 
_reflns_shell.meanI_over_uI_all 
_reflns_shell.meanI_over_uI_gt 
_reflns_shell.number_measured_gt 
_reflns_shell.number_unique_gt 
_reflns_shell.percent_possible_gt 
_reflns_shell.Rmerge_F_gt 
_reflns_shell.Rmerge_I_gt 
_reflns_shell.pdbx_redundancy 
_reflns_shell.pdbx_Rsym_value 
_reflns_shell.pdbx_chi_squared 
_reflns_shell.pdbx_netI_over_sigmaI_all 
_reflns_shell.pdbx_netI_over_sigmaI_obs 
_reflns_shell.pdbx_Rrim_I_all 
_reflns_shell.pdbx_Rpim_I_all 
_reflns_shell.pdbx_rejects 
_reflns_shell.pdbx_ordinal 
_reflns_shell.pdbx_diffrn_id 
_reflns_shell.pdbx_CC_half 
_reflns_shell.pdbx_CC_star 
_reflns_shell.pdbx_R_split 
_reflns_shell.pdbx_percent_possible_ellipsoidal 
_reflns_shell.pdbx_percent_possible_spherical 
_reflns_shell.pdbx_percent_possible_ellipsoidal_anomalous 
_reflns_shell.pdbx_percent_possible_spherical_anomalous 
_reflns_shell.pdbx_redundancy_anomalous 
_reflns_shell.pdbx_CC_half_anomalous 
_reflns_shell.pdbx_absDiff_over_sigma_anomalous 
_reflns_shell.pdbx_percent_possible_anomalous 
2.450  2.510  ? 2.210  ? 8935 509 ? 493 96.900  ? ? ? ? 1.067 ? ? ? ? ? ? ? ? 18.124 ? ? ? ? 1.097 ? ? 1  1 0.942 ? ? ? ? ? ? ? ? 
? ? 
2.510  2.580  ? 3.230  ? 9391 475 ? 470 98.900  ? ? ? ? 0.808 ? ? ? ? ? ? ? ? 19.981 ? ? ? ? 0.829 ? ? 2  1 0.958 ? ? ? ? ? ? ? ? 
? ? 
2.580  2.650  ? 4.230  ? 9170 483 ? 475 98.300  ? ? ? ? 0.613 ? ? ? ? ? ? ? ? 19.305 ? ? ? ? 0.630 ? ? 3  1 0.982 ? ? ? ? ? ? ? ? 
? ? 
2.650  2.740  ? 4.790  ? 8555 451 ? 443 98.200  ? ? ? ? 0.552 ? ? ? ? ? ? ? ? 19.312 ? ? ? ? 0.567 ? ? 4  1 0.984 ? ? ? ? ? ? ? ? 
? ? 
2.740  2.830  ? 7.180  ? 8055 452 ? 444 98.200  ? ? ? ? 0.352 ? ? ? ? ? ? ? ? 18.142 ? ? ? ? 0.363 ? ? 5  1 0.992 ? ? ? ? ? ? ? ? 
? ? 
2.830  2.920  ? 10.970 ? 8188 435 ? 430 98.900  ? ? ? ? 0.240 ? ? ? ? ? ? ? ? 19.042 ? ? ? ? 0.247 ? ? 6  1 0.994 ? ? ? ? ? ? ? ? 
? ? 
2.920  3.040  ? 12.650 ? 8103 412 ? 407 98.800  ? ? ? ? 0.216 ? ? ? ? ? ? ? ? 19.909 ? ? ? ? 0.222 ? ? 7  1 0.995 ? ? ? ? ? ? ? ? 
? ? 
3.040  3.160  ? 15.370 ? 7871 411 ? 408 99.300  ? ? ? ? 0.172 ? ? ? ? ? ? ? ? 19.292 ? ? ? ? 0.177 ? ? 8  1 0.996 ? ? ? ? ? ? ? ? 
? ? 
3.160  3.300  ? 17.970 ? 7485 391 ? 390 99.700  ? ? ? ? 0.155 ? ? ? ? ? ? ? ? 19.192 ? ? ? ? 0.159 ? ? 9  1 0.995 ? ? ? ? ? ? ? ? 
? ? 
3.300  3.460  ? 20.390 ? 6797 376 ? 376 100.000 ? ? ? ? 0.122 ? ? ? ? ? ? ? ? 18.077 ? ? ? ? 0.126 ? ? 10 1 0.997 ? ? ? ? ? ? ? ? 
? ? 
3.460  3.650  ? 25.010 ? 6755 357 ? 357 100.000 ? ? ? ? 0.105 ? ? ? ? ? ? ? ? 18.922 ? ? ? ? 0.108 ? ? 11 1 0.998 ? ? ? ? ? ? ? ? 
? ? 
3.650  3.870  ? 28.870 ? 6642 343 ? 343 100.000 ? ? ? ? 0.091 ? ? ? ? ? ? ? ? 19.364 ? ? ? ? 0.093 ? ? 12 1 0.998 ? ? ? ? ? ? ? ? 
? ? 
3.870  4.140  ? 31.420 ? 6162 324 ? 324 100.000 ? ? ? ? 0.081 ? ? ? ? ? ? ? ? 19.019 ? ? ? ? 0.084 ? ? 13 1 0.997 ? ? ? ? ? ? ? ? 
? ? 
4.140  4.470  ? 32.730 ? 5432 303 ? 303 100.000 ? ? ? ? 0.072 ? ? ? ? ? ? ? ? 17.927 ? ? ? ? 0.074 ? ? 14 1 0.998 ? ? ? ? ? ? ? ? 
? ? 
4.470  4.890  ? 33.810 ? 5086 281 ? 280 99.600  ? ? ? ? 0.073 ? ? ? ? ? ? ? ? 18.164 ? ? ? ? 0.076 ? ? 15 1 0.999 ? ? ? ? ? ? ? ? 
? ? 
4.890  5.470  ? 32.800 ? 4797 255 ? 254 99.600  ? ? ? ? 0.073 ? ? ? ? ? ? ? ? 18.886 ? ? ? ? 0.075 ? ? 16 1 0.999 ? ? ? ? ? ? ? ? 
? ? 
5.470  6.320  ? 29.820 ? 4238 236 ? 236 100.000 ? ? ? ? 0.086 ? ? ? ? ? ? ? ? 17.958 ? ? ? ? 0.089 ? ? 17 1 0.998 ? ? ? ? ? ? ? ? 
? ? 
6.320  7.740  ? 33.530 ? 3354 203 ? 202 99.500  ? ? ? ? 0.072 ? ? ? ? ? ? ? ? 16.604 ? ? ? ? 0.075 ? ? 18 1 0.998 ? ? ? ? ? ? ? ? 
? ? 
7.740  10.940 ? 37.630 ? 2749 166 ? 165 99.400  ? ? ? ? 0.065 ? ? ? ? ? ? ? ? 16.661 ? ? ? ? 0.067 ? ? 19 1 0.999 ? ? ? ? ? ? ? ? 
? ? 
10.940 53.520 ? 35.030 ? 1451 109 ? 106 97.200  ? ? ? ? 0.063 ? ? ? ? ? ? ? ? 13.689 ? ? ? ? 0.066 ? ? 20 1 0.999 ? ? ? ? ? ? ? ? 
? ? 
# 
_refine.aniso_B[1][1]                            ? 
_refine.aniso_B[1][2]                            ? 
_refine.aniso_B[1][3]                            ? 
_refine.aniso_B[2][2]                            ? 
_refine.aniso_B[2][3]                            ? 
_refine.aniso_B[3][3]                            ? 
_refine.B_iso_max                                129.530 
_refine.B_iso_mean                               74.5063 
_refine.B_iso_min                                38.580 
_refine.correlation_coeff_Fo_to_Fc               ? 
_refine.correlation_coeff_Fo_to_Fc_free          ? 
_refine.details                                  ? 
_refine.diff_density_max                         ? 
_refine.diff_density_max_esd                     ? 
_refine.diff_density_min                         ? 
_refine.diff_density_min_esd                     ? 
_refine.diff_density_rms                         ? 
_refine.diff_density_rms_esd                     ? 
_refine.entry_id                                 7BJG 
_refine.pdbx_refine_id                           'X-RAY DIFFRACTION' 
_refine.ls_abs_structure_details                 ? 
_refine.ls_abs_structure_Flack                   ? 
_refine.ls_abs_structure_Flack_esd               ? 
_refine.ls_abs_structure_Rogers                  ? 
_refine.ls_abs_structure_Rogers_esd              ? 
_refine.ls_d_res_high                            2.4500 
_refine.ls_d_res_low                             53.5200 
_refine.ls_extinction_coef                       ? 
_refine.ls_extinction_coef_esd                   ? 
_refine.ls_extinction_expression                 ? 
_refine.ls_extinction_method                     ? 
_refine.ls_goodness_of_fit_all                   ? 
_refine.ls_goodness_of_fit_all_esd               ? 
_refine.ls_goodness_of_fit_obs                   ? 
_refine.ls_goodness_of_fit_obs_esd               ? 
_refine.ls_hydrogen_treatment                    ? 
_refine.ls_matrix_type                           ? 
_refine.ls_number_constraints                    ? 
_refine.ls_number_parameters                     ? 
_refine.ls_number_reflns_all                     ? 
_refine.ls_number_reflns_obs                     6886 
_refine.ls_number_reflns_R_free                  344 
_refine.ls_number_reflns_R_work                  6542 
_refine.ls_number_restraints                     ? 
_refine.ls_percent_reflns_obs                    98.7800 
_refine.ls_percent_reflns_R_free                 5.0000 
_refine.ls_R_factor_all                          ? 
_refine.ls_R_factor_obs                          0.2543 
_refine.ls_R_factor_R_free                       0.2941 
_refine.ls_R_factor_R_free_error                 ? 
_refine.ls_R_factor_R_free_error_details         ? 
_refine.ls_R_factor_R_work                       0.2522 
_refine.ls_R_Fsqd_factor_obs                     ? 
_refine.ls_R_I_factor_obs                        ? 
_refine.ls_redundancy_reflns_all                 ? 
_refine.ls_redundancy_reflns_obs                 ? 
_refine.ls_restrained_S_all                      ? 
_refine.ls_restrained_S_obs                      ? 
_refine.ls_shift_over_esd_max                    ? 
_refine.ls_shift_over_esd_mean                   ? 
_refine.ls_structure_factor_coef                 ? 
_refine.ls_weighting_details                     ? 
_refine.ls_weighting_scheme                      ? 
_refine.ls_wR_factor_all                         ? 
_refine.ls_wR_factor_obs                         ? 
_refine.ls_wR_factor_R_free                      ? 
_refine.ls_wR_factor_R_work                      ? 
_refine.occupancy_max                            ? 
_refine.occupancy_min                            ? 
_refine.solvent_model_details                    'FLAT BULK SOLVENT MODEL' 
_refine.solvent_model_param_bsol                 ? 
_refine.solvent_model_param_ksol                 ? 
_refine.pdbx_R_complete                          ? 
_refine.ls_R_factor_gt                           ? 
_refine.ls_goodness_of_fit_gt                    ? 
_refine.ls_goodness_of_fit_ref                   ? 
_refine.ls_shift_over_su_max                     ? 
_refine.ls_shift_over_su_max_lt                  ? 
_refine.ls_shift_over_su_mean                    ? 
_refine.ls_shift_over_su_mean_lt                 ? 
_refine.pdbx_ls_sigma_I                          ? 
_refine.pdbx_ls_sigma_F                          1.370 
_refine.pdbx_ls_sigma_Fsqd                       ? 
_refine.pdbx_data_cutoff_high_absF               ? 
_refine.pdbx_data_cutoff_high_rms_absF           ? 
_refine.pdbx_data_cutoff_low_absF                ? 
_refine.pdbx_isotropic_thermal_model             ? 
_refine.pdbx_ls_cross_valid_method               THROUGHOUT 
_refine.pdbx_method_to_determine_struct          'MOLECULAR REPLACEMENT' 
_refine.pdbx_starting_model                      'poly A helix' 
_refine.pdbx_stereochemistry_target_values       ML 
_refine.pdbx_R_Free_selection_details            ? 
_refine.pdbx_stereochem_target_val_spec_case     ? 
_refine.pdbx_overall_ESU_R                       ? 
_refine.pdbx_overall_ESU_R_Free                  ? 
_refine.pdbx_solvent_vdw_probe_radii             1.1100 
_refine.pdbx_solvent_ion_probe_radii             ? 
_refine.pdbx_solvent_shrinkage_radii             0.9000 
_refine.pdbx_real_space_R                        ? 
_refine.pdbx_density_correlation                 ? 
_refine.pdbx_pd_number_of_powder_patterns        ? 
_refine.pdbx_pd_number_of_points                 ? 
_refine.pdbx_pd_meas_number_of_points            ? 
_refine.pdbx_pd_proc_ls_prof_R_factor            ? 
_refine.pdbx_pd_proc_ls_prof_wR_factor           ? 
_refine.pdbx_pd_Marquardt_correlation_coeff      ? 
_refine.pdbx_pd_Fsqrd_R_factor                   ? 
_refine.pdbx_pd_ls_matrix_band_width             ? 
_refine.pdbx_overall_phase_error                 39.5100 
_refine.pdbx_overall_SU_R_free_Cruickshank_DPI   ? 
_refine.pdbx_overall_SU_R_free_Blow_DPI          ? 
_refine.pdbx_overall_SU_R_Blow_DPI               ? 
_refine.pdbx_TLS_residual_ADP_flag               ? 
_refine.pdbx_diffrn_id                           1 
_refine.overall_SU_B                             ? 
_refine.overall_SU_ML                            0.2700 
_refine.overall_SU_R_Cruickshank_DPI             ? 
_refine.overall_SU_R_free                        ? 
_refine.overall_FOM_free_R_set                   ? 
_refine.overall_FOM_work_R_set                   ? 
_refine.pdbx_average_fsc_overall                 ? 
_refine.pdbx_average_fsc_work                    ? 
_refine.pdbx_average_fsc_free                    ? 
# 
_refine_hist.pdbx_refine_id                   'X-RAY DIFFRACTION' 
_refine_hist.cycle_id                         final 
_refine_hist.details                          ? 
_refine_hist.d_res_high                       2.4500 
_refine_hist.d_res_low                        53.5200 
_refine_hist.number_atoms_solvent             19 
_refine_hist.number_atoms_total               797 
_refine_hist.number_reflns_all                ? 
_refine_hist.number_reflns_obs                ? 
_refine_hist.number_reflns_R_free             ? 
_refine_hist.number_reflns_R_work             ? 
_refine_hist.R_factor_all                     ? 
_refine_hist.R_factor_obs                     ? 
_refine_hist.R_factor_R_free                  ? 
_refine_hist.R_factor_R_work                  ? 
_refine_hist.pdbx_number_residues_total       98 
_refine_hist.pdbx_B_iso_mean_ligand           ? 
_refine_hist.pdbx_B_iso_mean_solvent          74.78 
_refine_hist.pdbx_number_atoms_protein        778 
_refine_hist.pdbx_number_atoms_nucleic_acid   0 
_refine_hist.pdbx_number_atoms_ligand         0 
_refine_hist.pdbx_number_atoms_lipid          ? 
_refine_hist.pdbx_number_atoms_carb           ? 
_refine_hist.pdbx_pseudo_atom_details         ? 
# 
loop_
_refine_ls_shell.pdbx_refine_id 
_refine_ls_shell.d_res_high 
_refine_ls_shell.d_res_low 
_refine_ls_shell.number_reflns_all 
_refine_ls_shell.number_reflns_obs 
_refine_ls_shell.number_reflns_R_free 
_refine_ls_shell.number_reflns_R_work 
_refine_ls_shell.percent_reflns_obs 
_refine_ls_shell.percent_reflns_R_free 
_refine_ls_shell.R_factor_all 
_refine_ls_shell.R_factor_obs 
_refine_ls_shell.R_factor_R_free 
_refine_ls_shell.R_factor_R_free_error 
_refine_ls_shell.R_factor_R_work 
_refine_ls_shell.redundancy_reflns_all 
_refine_ls_shell.redundancy_reflns_obs 
_refine_ls_shell.wR_factor_all 
_refine_ls_shell.wR_factor_obs 
_refine_ls_shell.wR_factor_R_free 
_refine_ls_shell.wR_factor_R_work 
_refine_ls_shell.pdbx_R_complete 
_refine_ls_shell.pdbx_total_number_of_bins_used 
_refine_ls_shell.pdbx_phase_error 
_refine_ls_shell.pdbx_fsc_work 
_refine_ls_shell.pdbx_fsc_free 
'X-RAY DIFFRACTION' 2.4500 3.0800  3313 . 165 3148 98.0000  . . . 0.3968 0.0000 0.3290 . . . . . . . 2 . . . 
'X-RAY DIFFRACTION' 3.0800 53.5200 3573 . 179 3394 100.0000 . . . 0.2734 0.0000 0.2368 . . . . . . . 2 . . . 
# 
_struct.entry_id                     7BJG 
_struct.title                        'Crystal structure of atypical Tm1 (Tm1-I/C), residues 262-363' 
_struct.pdbx_model_details           ? 
_struct.pdbx_formula_weight          ? 
_struct.pdbx_formula_weight_method   ? 
_struct.pdbx_model_type_details      ? 
_struct.pdbx_CASP_flag               N 
# 
_struct_keywords.entry_id        7BJG 
_struct_keywords.text            'coiled-coil, Drosophila oocyte, binds Khc, RNA transport, TRANSPORT PROTEIN' 
_struct_keywords.pdbx_keywords   'TRANSPORT PROTEIN' 
# 
loop_
_struct_asym.id 
_struct_asym.pdbx_blank_PDB_chainid_flag 
_struct_asym.pdbx_modified 
_struct_asym.entity_id 
_struct_asym.details 
A N N 1 ? 
B N N 2 ? 
# 
_struct_ref.id                         1 
_struct_ref.db_name                    UNP 
_struct_ref.db_code                    Q8IG84_DROME 
_struct_ref.pdbx_db_accession          Q8IG84 
_struct_ref.pdbx_db_isoform            ? 
_struct_ref.entity_id                  1 
_struct_ref.pdbx_seq_one_letter_code   
;MKFNIIRNELHNIMNTQLKRAESEVAALNRRIQLLEEDLERSEERLGSATAKLSEASQAADESERARKILENRALADEER
MDALENQLKEARFLAEEADKKY
;
_struct_ref.pdbx_align_begin           499 
# 
_struct_ref_seq.align_id                      1 
_struct_ref_seq.ref_id                        1 
_struct_ref_seq.pdbx_PDB_id_code              7BJG 
_struct_ref_seq.pdbx_strand_id                A 
_struct_ref_seq.seq_align_beg                 2 
_struct_ref_seq.pdbx_seq_align_beg_ins_code   ? 
_struct_ref_seq.seq_align_end                 103 
_struct_ref_seq.pdbx_seq_align_end_ins_code   ? 
_struct_ref_seq.pdbx_db_accession             Q8IG84 
_struct_ref_seq.db_align_beg                  499 
_struct_ref_seq.pdbx_db_align_beg_ins_code    ? 
_struct_ref_seq.db_align_end                  600 
_struct_ref_seq.pdbx_db_align_end_ins_code    ? 
_struct_ref_seq.pdbx_auth_seq_align_beg       262 
_struct_ref_seq.pdbx_auth_seq_align_end       363 
# 
_struct_ref_seq_dif.align_id                     1 
_struct_ref_seq_dif.pdbx_pdb_id_code             7BJG 
_struct_ref_seq_dif.mon_id                       SER 
_struct_ref_seq_dif.pdbx_pdb_strand_id           A 
_struct_ref_seq_dif.seq_num                      1 
_struct_ref_seq_dif.pdbx_pdb_ins_code            ? 
_struct_ref_seq_dif.pdbx_seq_db_name             UNP 
_struct_ref_seq_dif.pdbx_seq_db_accession_code   Q8IG84 
_struct_ref_seq_dif.db_mon_id                    ? 
_struct_ref_seq_dif.pdbx_seq_db_seq_num          ? 
_struct_ref_seq_dif.details                      'expression tag' 
_struct_ref_seq_dif.pdbx_auth_seq_num            261 
_struct_ref_seq_dif.pdbx_ordinal                 1 
# 
_pdbx_struct_assembly.id                   1 
_pdbx_struct_assembly.details              author_and_software_defined_assembly 
_pdbx_struct_assembly.method_details       PISA 
_pdbx_struct_assembly.oligomeric_details   dimeric 
_pdbx_struct_assembly.oligomeric_count     2 
# 
loop_
_pdbx_struct_assembly_prop.biol_id 
_pdbx_struct_assembly_prop.type 
_pdbx_struct_assembly_prop.value 
_pdbx_struct_assembly_prop.details 
1 'ABSA (A^2)' 2990  ? 
1 MORE         -28   ? 
1 'SSA (A^2)'  15790 ? 
# 
_pdbx_struct_assembly_gen.assembly_id       1 
_pdbx_struct_assembly_gen.oper_expression   1,2 
_pdbx_struct_assembly_gen.asym_id_list      A,B 
# 
_pdbx_struct_assembly_auth_evidence.id                     1 
_pdbx_struct_assembly_auth_evidence.assembly_id            1 
_pdbx_struct_assembly_auth_evidence.experimental_support   'gel filtration' 
_pdbx_struct_assembly_auth_evidence.details                ? 
# 
loop_
_pdbx_struct_oper_list.id 
_pdbx_struct_oper_list.type 
_pdbx_struct_oper_list.name 
_pdbx_struct_oper_list.symmetry_operation 
_pdbx_struct_oper_list.matrix[1][1] 
_pdbx_struct_oper_list.matrix[1][2] 
_pdbx_struct_oper_list.matrix[1][3] 
_pdbx_struct_oper_list.vector[1] 
_pdbx_struct_oper_list.matrix[2][1] 
_pdbx_struct_oper_list.matrix[2][2] 
_pdbx_struct_oper_list.matrix[2][3] 
_pdbx_struct_oper_list.vector[2] 
_pdbx_struct_oper_list.matrix[3][1] 
_pdbx_struct_oper_list.matrix[3][2] 
_pdbx_struct_oper_list.matrix[3][3] 
_pdbx_struct_oper_list.vector[3] 
1 'identity operation'         1_555  x,y,z      1.0000000000 0.0000000000 0.0000000000  0.0000000000   0.0000000000 1.0000000000  0.0000000000  0.0000000000 0.0000000000  0.0000000000  1.0000000000  0.0000000000   
2 'crystal symmetry operation' 12_556 x,x-y,-z+1 0.3209676612 0.8535795039 -0.4103435037 -14.6806770824 0.8535795039 -0.4484361800 -0.2651547154 8.5578316722 -0.4103435037 -0.2651547154 -0.8725314813 -29.4580268659 
# 
_struct_conf.conf_type_id            HELX_P 
_struct_conf.id                      HELX_P1 
_struct_conf.pdbx_PDB_helix_id       AA1 
_struct_conf.beg_label_comp_id       MET 
_struct_conf.beg_label_asym_id       A 
_struct_conf.beg_label_seq_id        2 
_struct_conf.pdbx_beg_PDB_ins_code   ? 
_struct_conf.end_label_comp_id       LEU 
_struct_conf.end_label_asym_id       A 
_struct_conf.end_label_seq_id        95 
_struct_conf.pdbx_end_PDB_ins_code   ? 
_struct_conf.beg_auth_comp_id        MET 
_struct_conf.beg_auth_asym_id        A 
_struct_conf.beg_auth_seq_id         262 
_struct_conf.end_auth_comp_id        LEU 
_struct_conf.end_auth_asym_id        A 
_struct_conf.end_auth_seq_id         355 
_struct_conf.pdbx_PDB_helix_class    1 
_struct_conf.details                 ? 
_struct_conf.pdbx_PDB_helix_length   94 
# 
_struct_conf_type.id          HELX_P 
_struct_conf_type.criteria    ? 
_struct_conf_type.reference   ? 
# 
_struct_mon_prot_cis.pdbx_id                1 
_struct_mon_prot_cis.label_comp_id          ALA 
_struct_mon_prot_cis.label_seq_id           96 
_struct_mon_prot_cis.label_asym_id          A 
_struct_mon_prot_cis.label_alt_id           . 
_struct_mon_prot_cis.pdbx_PDB_ins_code      ? 
_struct_mon_prot_cis.auth_comp_id           ALA 
_struct_mon_prot_cis.auth_seq_id            356 
_struct_mon_prot_cis.auth_asym_id           A 
_struct_mon_prot_cis.pdbx_label_comp_id_2   GLU 
_struct_mon_prot_cis.pdbx_label_seq_id_2    97 
_struct_mon_prot_cis.pdbx_label_asym_id_2   A 
_struct_mon_prot_cis.pdbx_PDB_ins_code_2    ? 
_struct_mon_prot_cis.pdbx_auth_comp_id_2    GLU 
_struct_mon_prot_cis.pdbx_auth_seq_id_2     357 
_struct_mon_prot_cis.pdbx_auth_asym_id_2    A 
_struct_mon_prot_cis.pdbx_PDB_model_num     1 
_struct_mon_prot_cis.pdbx_omega_angle       7.94 
# 
loop_
_pdbx_validate_close_contact.id 
_pdbx_validate_close_contact.PDB_model_num 
_pdbx_validate_close_contact.auth_atom_id_1 
_pdbx_validate_close_contact.auth_asym_id_1 
_pdbx_validate_close_contact.auth_comp_id_1 
_pdbx_validate_close_contact.auth_seq_id_1 
_pdbx_validate_close_contact.PDB_ins_code_1 
_pdbx_validate_close_contact.label_alt_id_1 
_pdbx_validate_close_contact.auth_atom_id_2 
_pdbx_validate_close_contact.auth_asym_id_2 
_pdbx_validate_close_contact.auth_comp_id_2 
_pdbx_validate_close_contact.auth_seq_id_2 
_pdbx_validate_close_contact.PDB_ins_code_2 
_pdbx_validate_close_contact.label_alt_id_2 
_pdbx_validate_close_contact.dist 
1 1 O   A HOH 410 ? ? O A HOH 419 ? ? 2.04 
2 1 O   A SER 261 ? ? N A LYS 263 ? ? 2.15 
3 1 OE1 A GLU 283 ? ? O A HOH 401 ? ? 2.17 
# 
_pdbx_validate_symm_contact.id                1 
_pdbx_validate_symm_contact.PDB_model_num     1 
_pdbx_validate_symm_contact.auth_atom_id_1    O 
_pdbx_validate_symm_contact.auth_asym_id_1    A 
_pdbx_validate_symm_contact.auth_comp_id_1    HOH 
_pdbx_validate_symm_contact.auth_seq_id_1     411 
_pdbx_validate_symm_contact.PDB_ins_code_1    ? 
_pdbx_validate_symm_contact.label_alt_id_1    ? 
_pdbx_validate_symm_contact.site_symmetry_1   1_555 
_pdbx_validate_symm_contact.auth_atom_id_2    O 
_pdbx_validate_symm_contact.auth_asym_id_2    A 
_pdbx_validate_symm_contact.auth_comp_id_2    HOH 
_pdbx_validate_symm_contact.auth_seq_id_2     419 
_pdbx_validate_symm_contact.PDB_ins_code_2    ? 
_pdbx_validate_symm_contact.label_alt_id_2    ? 
_pdbx_validate_symm_contact.site_symmetry_2   12_556 
_pdbx_validate_symm_contact.dist              2.18 
# 
loop_
_pdbx_validate_torsion.id 
_pdbx_validate_torsion.PDB_model_num 
_pdbx_validate_torsion.auth_comp_id 
_pdbx_validate_torsion.auth_asym_id 
_pdbx_validate_torsion.auth_seq_id 
_pdbx_validate_torsion.PDB_ins_code 
_pdbx_validate_torsion.label_alt_id 
_pdbx_validate_torsion.phi 
_pdbx_validate_torsion.psi 
1 1 MET A 262 ? ? 36.18   -51.16 
2 1 ASN A 269 ? ? -178.28 -56.33 
3 1 LEU A 355 ? ? -70.03  48.77  
4 1 ALA A 356 ? ? -163.55 89.14  
5 1 GLU A 357 ? ? 60.11   75.26  
# 
loop_
_pdbx_unobs_or_zero_occ_residues.id 
_pdbx_unobs_or_zero_occ_residues.PDB_model_num 
_pdbx_unobs_or_zero_occ_residues.polymer_flag 
_pdbx_unobs_or_zero_occ_residues.occupancy_flag 
_pdbx_unobs_or_zero_occ_residues.auth_asym_id 
_pdbx_unobs_or_zero_occ_residues.auth_comp_id 
_pdbx_unobs_or_zero_occ_residues.auth_seq_id 
_pdbx_unobs_or_zero_occ_residues.PDB_ins_code 
_pdbx_unobs_or_zero_occ_residues.label_asym_id 
_pdbx_unobs_or_zero_occ_residues.label_comp_id 
_pdbx_unobs_or_zero_occ_residues.label_seq_id 
1 1 Y 1 A ALA 359 ? A ALA 99  
2 1 Y 1 A ASP 360 ? A ASP 100 
3 1 Y 1 A LYS 361 ? A LYS 101 
4 1 Y 1 A LYS 362 ? A LYS 102 
5 1 Y 1 A TYR 363 ? A TYR 103 
# 
loop_
_chem_comp_atom.comp_id 
_chem_comp_atom.atom_id 
_chem_comp_atom.type_symbol 
_chem_comp_atom.pdbx_aromatic_flag 
_chem_comp_atom.pdbx_stereo_config 
_chem_comp_atom.pdbx_ordinal 
ALA N    N N N 1   
ALA CA   C N S 2   
ALA C    C N N 3   
ALA O    O N N 4   
ALA CB   C N N 5   
ALA OXT  O N N 6   
ALA H    H N N 7   
ALA H2   H N N 8   
ALA HA   H N N 9   
ALA HB1  H N N 10  
ALA HB2  H N N 11  
ALA HB3  H N N 12  
ALA HXT  H N N 13  
ARG N    N N N 14  
ARG CA   C N S 15  
ARG C    C N N 16  
ARG O    O N N 17  
ARG CB   C N N 18  
ARG CG   C N N 19  
ARG CD   C N N 20  
ARG NE   N N N 21  
ARG CZ   C N N 22  
ARG NH1  N N N 23  
ARG NH2  N N N 24  
ARG OXT  O N N 25  
ARG H    H N N 26  
ARG H2   H N N 27  
ARG HA   H N N 28  
ARG HB2  H N N 29  
ARG HB3  H N N 30  
ARG HG2  H N N 31  
ARG HG3  H N N 32  
ARG HD2  H N N 33  
ARG HD3  H N N 34  
ARG HE   H N N 35  
ARG HH11 H N N 36  
ARG HH12 H N N 37  
ARG HH21 H N N 38  
ARG HH22 H N N 39  
ARG HXT  H N N 40  
ASN N    N N N 41  
ASN CA   C N S 42  
ASN C    C N N 43  
ASN O    O N N 44  
ASN CB   C N N 45  
ASN CG   C N N 46  
ASN OD1  O N N 47  
ASN ND2  N N N 48  
ASN OXT  O N N 49  
ASN H    H N N 50  
ASN H2   H N N 51  
ASN HA   H N N 52  
ASN HB2  H N N 53  
ASN HB3  H N N 54  
ASN HD21 H N N 55  
ASN HD22 H N N 56  
ASN HXT  H N N 57  
ASP N    N N N 58  
ASP CA   C N S 59  
ASP C    C N N 60  
ASP O    O N N 61  
ASP CB   C N N 62  
ASP CG   C N N 63  
ASP OD1  O N N 64  
ASP OD2  O N N 65  
ASP OXT  O N N 66  
ASP H    H N N 67  
ASP H2   H N N 68  
ASP HA   H N N 69  
ASP HB2  H N N 70  
ASP HB3  H N N 71  
ASP HD2  H N N 72  
ASP HXT  H N N 73  
GLN N    N N N 74  
GLN CA   C N S 75  
GLN C    C N N 76  
GLN O    O N N 77  
GLN CB   C N N 78  
GLN CG   C N N 79  
GLN CD   C N N 80  
GLN OE1  O N N 81  
GLN NE2  N N N 82  
GLN OXT  O N N 83  
GLN H    H N N 84  
GLN H2   H N N 85  
GLN HA   H N N 86  
GLN HB2  H N N 87  
GLN HB3  H N N 88  
GLN HG2  H N N 89  
GLN HG3  H N N 90  
GLN HE21 H N N 91  
GLN HE22 H N N 92  
GLN HXT  H N N 93  
GLU N    N N N 94  
GLU CA   C N S 95  
GLU C    C N N 96  
GLU O    O N N 97  
GLU CB   C N N 98  
GLU CG   C N N 99  
GLU CD   C N N 100 
GLU OE1  O N N 101 
GLU OE2  O N N 102 
GLU OXT  O N N 103 
GLU H    H N N 104 
GLU H2   H N N 105 
GLU HA   H N N 106 
GLU HB2  H N N 107 
GLU HB3  H N N 108 
GLU HG2  H N N 109 
GLU HG3  H N N 110 
GLU HE2  H N N 111 
GLU HXT  H N N 112 
GLY N    N N N 113 
GLY CA   C N N 114 
GLY C    C N N 115 
GLY O    O N N 116 
GLY OXT  O N N 117 
GLY H    H N N 118 
GLY H2   H N N 119 
GLY HA2  H N N 120 
GLY HA3  H N N 121 
GLY HXT  H N N 122 
HIS N    N N N 123 
HIS CA   C N S 124 
HIS C    C N N 125 
HIS O    O N N 126 
HIS CB   C N N 127 
HIS CG   C Y N 128 
HIS ND1  N Y N 129 
HIS CD2  C Y N 130 
HIS CE1  C Y N 131 
HIS NE2  N Y N 132 
HIS OXT  O N N 133 
HIS H    H N N 134 
HIS H2   H N N 135 
HIS HA   H N N 136 
HIS HB2  H N N 137 
HIS HB3  H N N 138 
HIS HD1  H N N 139 
HIS HD2  H N N 140 
HIS HE1  H N N 141 
HIS HE2  H N N 142 
HIS HXT  H N N 143 
HOH O    O N N 144 
HOH H1   H N N 145 
HOH H2   H N N 146 
ILE N    N N N 147 
ILE CA   C N S 148 
ILE C    C N N 149 
ILE O    O N N 150 
ILE CB   C N S 151 
ILE CG1  C N N 152 
ILE CG2  C N N 153 
ILE CD1  C N N 154 
ILE OXT  O N N 155 
ILE H    H N N 156 
ILE H2   H N N 157 
ILE HA   H N N 158 
ILE HB   H N N 159 
ILE HG12 H N N 160 
ILE HG13 H N N 161 
ILE HG21 H N N 162 
ILE HG22 H N N 163 
ILE HG23 H N N 164 
ILE HD11 H N N 165 
ILE HD12 H N N 166 
ILE HD13 H N N 167 
ILE HXT  H N N 168 
LEU N    N N N 169 
LEU CA   C N S 170 
LEU C    C N N 171 
LEU O    O N N 172 
LEU CB   C N N 173 
LEU CG   C N N 174 
LEU CD1  C N N 175 
LEU CD2  C N N 176 
LEU OXT  O N N 177 
LEU H    H N N 178 
LEU H2   H N N 179 
LEU HA   H N N 180 
LEU HB2  H N N 181 
LEU HB3  H N N 182 
LEU HG   H N N 183 
LEU HD11 H N N 184 
LEU HD12 H N N 185 
LEU HD13 H N N 186 
LEU HD21 H N N 187 
LEU HD22 H N N 188 
LEU HD23 H N N 189 
LEU HXT  H N N 190 
LYS N    N N N 191 
LYS CA   C N S 192 
LYS C    C N N 193 
LYS O    O N N 194 
LYS CB   C N N 195 
LYS CG   C N N 196 
LYS CD   C N N 197 
LYS CE   C N N 198 
LYS NZ   N N N 199 
LYS OXT  O N N 200 
LYS H    H N N 201 
LYS H2   H N N 202 
LYS HA   H N N 203 
LYS HB2  H N N 204 
LYS HB3  H N N 205 
LYS HG2  H N N 206 
LYS HG3  H N N 207 
LYS HD2  H N N 208 
LYS HD3  H N N 209 
LYS HE2  H N N 210 
LYS HE3  H N N 211 
LYS HZ1  H N N 212 
LYS HZ2  H N N 213 
LYS HZ3  H N N 214 
LYS HXT  H N N 215 
MET N    N N N 216 
MET CA   C N S 217 
MET C    C N N 218 
MET O    O N N 219 
MET CB   C N N 220 
MET CG   C N N 221 
MET SD   S N N 222 
MET CE   C N N 223 
MET OXT  O N N 224 
MET H    H N N 225 
MET H2   H N N 226 
MET HA   H N N 227 
MET HB2  H N N 228 
MET HB3  H N N 229 
MET HG2  H N N 230 
MET HG3  H N N 231 
MET HE1  H N N 232 
MET HE2  H N N 233 
MET HE3  H N N 234 
MET HXT  H N N 235 
PHE N    N N N 236 
PHE CA   C N S 237 
PHE C    C N N 238 
PHE O    O N N 239 
PHE CB   C N N 240 
PHE CG   C Y N 241 
PHE CD1  C Y N 242 
PHE CD2  C Y N 243 
PHE CE1  C Y N 244 
PHE CE2  C Y N 245 
PHE CZ   C Y N 246 
PHE OXT  O N N 247 
PHE H    H N N 248 
PHE H2   H N N 249 
PHE HA   H N N 250 
PHE HB2  H N N 251 
PHE HB3  H N N 252 
PHE HD1  H N N 253 
PHE HD2  H N N 254 
PHE HE1  H N N 255 
PHE HE2  H N N 256 
PHE HZ   H N N 257 
PHE HXT  H N N 258 
SER N    N N N 259 
SER CA   C N S 260 
SER C    C N N 261 
SER O    O N N 262 
SER CB   C N N 263 
SER OG   O N N 264 
SER OXT  O N N 265 
SER H    H N N 266 
SER H2   H N N 267 
SER HA   H N N 268 
SER HB2  H N N 269 
SER HB3  H N N 270 
SER HG   H N N 271 
SER HXT  H N N 272 
THR N    N N N 273 
THR CA   C N S 274 
THR C    C N N 275 
THR O    O N N 276 
THR CB   C N R 277 
THR OG1  O N N 278 
THR CG2  C N N 279 
THR OXT  O N N 280 
THR H    H N N 281 
THR H2   H N N 282 
THR HA   H N N 283 
THR HB   H N N 284 
THR HG1  H N N 285 
THR HG21 H N N 286 
THR HG22 H N N 287 
THR HG23 H N N 288 
THR HXT  H N N 289 
TYR N    N N N 290 
TYR CA   C N S 291 
TYR C    C N N 292 
TYR O    O N N 293 
TYR CB   C N N 294 
TYR CG   C Y N 295 
TYR CD1  C Y N 296 
TYR CD2  C Y N 297 
TYR CE1  C Y N 298 
TYR CE2  C Y N 299 
TYR CZ   C Y N 300 
TYR OH   O N N 301 
TYR OXT  O N N 302 
TYR H    H N N 303 
TYR H2   H N N 304 
TYR HA   H N N 305 
TYR HB2  H N N 306 
TYR HB3  H N N 307 
TYR HD1  H N N 308 
TYR HD2  H N N 309 
TYR HE1  H N N 310 
TYR HE2  H N N 311 
TYR HH   H N N 312 
TYR HXT  H N N 313 
VAL N    N N N 314 
VAL CA   C N S 315 
VAL C    C N N 316 
VAL O    O N N 317 
VAL CB   C N N 318 
VAL CG1  C N N 319 
VAL CG2  C N N 320 
VAL OXT  O N N 321 
VAL H    H N N 322 
VAL H2   H N N 323 
VAL HA   H N N 324 
VAL HB   H N N 325 
VAL HG11 H N N 326 
VAL HG12 H N N 327 
VAL HG13 H N N 328 
VAL HG21 H N N 329 
VAL HG22 H N N 330 
VAL HG23 H N N 331 
VAL HXT  H N N 332 
# 
loop_
_chem_comp_bond.comp_id 
_chem_comp_bond.atom_id_1 
_chem_comp_bond.atom_id_2 
_chem_comp_bond.value_order 
_chem_comp_bond.pdbx_aromatic_flag 
_chem_comp_bond.pdbx_stereo_config 
_chem_comp_bond.pdbx_ordinal 
ALA N   CA   sing N N 1   
ALA N   H    sing N N 2   
ALA N   H2   sing N N 3   
ALA CA  C    sing N N 4   
ALA CA  CB   sing N N 5   
ALA CA  HA   sing N N 6   
ALA C   O    doub N N 7   
ALA C   OXT  sing N N 8   
ALA CB  HB1  sing N N 9   
ALA CB  HB2  sing N N 10  
ALA CB  HB3  sing N N 11  
ALA OXT HXT  sing N N 12  
ARG N   CA   sing N N 13  
ARG N   H    sing N N 14  
ARG N   H2   sing N N 15  
ARG CA  C    sing N N 16  
ARG CA  CB   sing N N 17  
ARG CA  HA   sing N N 18  
ARG C   O    doub N N 19  
ARG C   OXT  sing N N 20  
ARG CB  CG   sing N N 21  
ARG CB  HB2  sing N N 22  
ARG CB  HB3  sing N N 23  
ARG CG  CD   sing N N 24  
ARG CG  HG2  sing N N 25  
ARG CG  HG3  sing N N 26  
ARG CD  NE   sing N N 27  
ARG CD  HD2  sing N N 28  
ARG CD  HD3  sing N N 29  
ARG NE  CZ   sing N N 30  
ARG NE  HE   sing N N 31  
ARG CZ  NH1  sing N N 32  
ARG CZ  NH2  doub N N 33  
ARG NH1 HH11 sing N N 34  
ARG NH1 HH12 sing N N 35  
ARG NH2 HH21 sing N N 36  
ARG NH2 HH22 sing N N 37  
ARG OXT HXT  sing N N 38  
ASN N   CA   sing N N 39  
ASN N   H    sing N N 40  
ASN N   H2   sing N N 41  
ASN CA  C    sing N N 42  
ASN CA  CB   sing N N 43  
ASN CA  HA   sing N N 44  
ASN C   O    doub N N 45  
ASN C   OXT  sing N N 46  
ASN CB  CG   sing N N 47  
ASN CB  HB2  sing N N 48  
ASN CB  HB3  sing N N 49  
ASN CG  OD1  doub N N 50  
ASN CG  ND2  sing N N 51  
ASN ND2 HD21 sing N N 52  
ASN ND2 HD22 sing N N 53  
ASN OXT HXT  sing N N 54  
ASP N   CA   sing N N 55  
ASP N   H    sing N N 56  
ASP N   H2   sing N N 57  
ASP CA  C    sing N N 58  
ASP CA  CB   sing N N 59  
ASP CA  HA   sing N N 60  
ASP C   O    doub N N 61  
ASP C   OXT  sing N N 62  
ASP CB  CG   sing N N 63  
ASP CB  HB2  sing N N 64  
ASP CB  HB3  sing N N 65  
ASP CG  OD1  doub N N 66  
ASP CG  OD2  sing N N 67  
ASP OD2 HD2  sing N N 68  
ASP OXT HXT  sing N N 69  
GLN N   CA   sing N N 70  
GLN N   H    sing N N 71  
GLN N   H2   sing N N 72  
GLN CA  C    sing N N 73  
GLN CA  CB   sing N N 74  
GLN CA  HA   sing N N 75  
GLN C   O    doub N N 76  
GLN C   OXT  sing N N 77  
GLN CB  CG   sing N N 78  
GLN CB  HB2  sing N N 79  
GLN CB  HB3  sing N N 80  
GLN CG  CD   sing N N 81  
GLN CG  HG2  sing N N 82  
GLN CG  HG3  sing N N 83  
GLN CD  OE1  doub N N 84  
GLN CD  NE2  sing N N 85  
GLN NE2 HE21 sing N N 86  
GLN NE2 HE22 sing N N 87  
GLN OXT HXT  sing N N 88  
GLU N   CA   sing N N 89  
GLU N   H    sing N N 90  
GLU N   H2   sing N N 91  
GLU CA  C    sing N N 92  
GLU CA  CB   sing N N 93  
GLU CA  HA   sing N N 94  
GLU C   O    doub N N 95  
GLU C   OXT  sing N N 96  
GLU CB  CG   sing N N 97  
GLU CB  HB2  sing N N 98  
GLU CB  HB3  sing N N 99  
GLU CG  CD   sing N N 100 
GLU CG  HG2  sing N N 101 
GLU CG  HG3  sing N N 102 
GLU CD  OE1  doub N N 103 
GLU CD  OE2  sing N N 104 
GLU OE2 HE2  sing N N 105 
GLU OXT HXT  sing N N 106 
GLY N   CA   sing N N 107 
GLY N   H    sing N N 108 
GLY N   H2   sing N N 109 
GLY CA  C    sing N N 110 
GLY CA  HA2  sing N N 111 
GLY CA  HA3  sing N N 112 
GLY C   O    doub N N 113 
GLY C   OXT  sing N N 114 
GLY OXT HXT  sing N N 115 
HIS N   CA   sing N N 116 
HIS N   H    sing N N 117 
HIS N   H2   sing N N 118 
HIS CA  C    sing N N 119 
HIS CA  CB   sing N N 120 
HIS CA  HA   sing N N 121 
HIS C   O    doub N N 122 
HIS C   OXT  sing N N 123 
HIS CB  CG   sing N N 124 
HIS CB  HB2  sing N N 125 
HIS CB  HB3  sing N N 126 
HIS CG  ND1  sing Y N 127 
HIS CG  CD2  doub Y N 128 
HIS ND1 CE1  doub Y N 129 
HIS ND1 HD1  sing N N 130 
HIS CD2 NE2  sing Y N 131 
HIS CD2 HD2  sing N N 132 
HIS CE1 NE2  sing Y N 133 
HIS CE1 HE1  sing N N 134 
HIS NE2 HE2  sing N N 135 
HIS OXT HXT  sing N N 136 
HOH O   H1   sing N N 137 
HOH O   H2   sing N N 138 
ILE N   CA   sing N N 139 
ILE N   H    sing N N 140 
ILE N   H2   sing N N 141 
ILE CA  C    sing N N 142 
ILE CA  CB   sing N N 143 
ILE CA  HA   sing N N 144 
ILE C   O    doub N N 145 
ILE C   OXT  sing N N 146 
ILE CB  CG1  sing N N 147 
ILE CB  CG2  sing N N 148 
ILE CB  HB   sing N N 149 
ILE CG1 CD1  sing N N 150 
ILE CG1 HG12 sing N N 151 
ILE CG1 HG13 sing N N 152 
ILE CG2 HG21 sing N N 153 
ILE CG2 HG22 sing N N 154 
ILE CG2 HG23 sing N N 155 
ILE CD1 HD11 sing N N 156 
ILE CD1 HD12 sing N N 157 
ILE CD1 HD13 sing N N 158 
ILE OXT HXT  sing N N 159 
LEU N   CA   sing N N 160 
LEU N   H    sing N N 161 
LEU N   H2   sing N N 162 
LEU CA  C    sing N N 163 
LEU CA  CB   sing N N 164 
LEU CA  HA   sing N N 165 
LEU C   O    doub N N 166 
LEU C   OXT  sing N N 167 
LEU CB  CG   sing N N 168 
LEU CB  HB2  sing N N 169 
LEU CB  HB3  sing N N 170 
LEU CG  CD1  sing N N 171 
LEU CG  CD2  sing N N 172 
LEU CG  HG   sing N N 173 
LEU CD1 HD11 sing N N 174 
LEU CD1 HD12 sing N N 175 
LEU CD1 HD13 sing N N 176 
LEU CD2 HD21 sing N N 177 
LEU CD2 HD22 sing N N 178 
LEU CD2 HD23 sing N N 179 
LEU OXT HXT  sing N N 180 
LYS N   CA   sing N N 181 
LYS N   H    sing N N 182 
LYS N   H2   sing N N 183 
LYS CA  C    sing N N 184 
LYS CA  CB   sing N N 185 
LYS CA  HA   sing N N 186 
LYS C   O    doub N N 187 
LYS C   OXT  sing N N 188 
LYS CB  CG   sing N N 189 
LYS CB  HB2  sing N N 190 
LYS CB  HB3  sing N N 191 
LYS CG  CD   sing N N 192 
LYS CG  HG2  sing N N 193 
LYS CG  HG3  sing N N 194 
LYS CD  CE   sing N N 195 
LYS CD  HD2  sing N N 196 
LYS CD  HD3  sing N N 197 
LYS CE  NZ   sing N N 198 
LYS CE  HE2  sing N N 199 
LYS CE  HE3  sing N N 200 
LYS NZ  HZ1  sing N N 201 
LYS NZ  HZ2  sing N N 202 
LYS NZ  HZ3  sing N N 203 
LYS OXT HXT  sing N N 204 
MET N   CA   sing N N 205 
MET N   H    sing N N 206 
MET N   H2   sing N N 207 
MET CA  C    sing N N 208 
MET CA  CB   sing N N 209 
MET CA  HA   sing N N 210 
MET C   O    doub N N 211 
MET C   OXT  sing N N 212 
MET CB  CG   sing N N 213 
MET CB  HB2  sing N N 214 
MET CB  HB3  sing N N 215 
MET CG  SD   sing N N 216 
MET CG  HG2  sing N N 217 
MET CG  HG3  sing N N 218 
MET SD  CE   sing N N 219 
MET CE  HE1  sing N N 220 
MET CE  HE2  sing N N 221 
MET CE  HE3  sing N N 222 
MET OXT HXT  sing N N 223 
PHE N   CA   sing N N 224 
PHE N   H    sing N N 225 
PHE N   H2   sing N N 226 
PHE CA  C    sing N N 227 
PHE CA  CB   sing N N 228 
PHE CA  HA   sing N N 229 
PHE C   O    doub N N 230 
PHE C   OXT  sing N N 231 
PHE CB  CG   sing N N 232 
PHE CB  HB2  sing N N 233 
PHE CB  HB3  sing N N 234 
PHE CG  CD1  doub Y N 235 
PHE CG  CD2  sing Y N 236 
PHE CD1 CE1  sing Y N 237 
PHE CD1 HD1  sing N N 238 
PHE CD2 CE2  doub Y N 239 
PHE CD2 HD2  sing N N 240 
PHE CE1 CZ   doub Y N 241 
PHE CE1 HE1  sing N N 242 
PHE CE2 CZ   sing Y N 243 
PHE CE2 HE2  sing N N 244 
PHE CZ  HZ   sing N N 245 
PHE OXT HXT  sing N N 246 
SER N   CA   sing N N 247 
SER N   H    sing N N 248 
SER N   H2   sing N N 249 
SER CA  C    sing N N 250 
SER CA  CB   sing N N 251 
SER CA  HA   sing N N 252 
SER C   O    doub N N 253 
SER C   OXT  sing N N 254 
SER CB  OG   sing N N 255 
SER CB  HB2  sing N N 256 
SER CB  HB3  sing N N 257 
SER OG  HG   sing N N 258 
SER OXT HXT  sing N N 259 
THR N   CA   sing N N 260 
THR N   H    sing N N 261 
THR N   H2   sing N N 262 
THR CA  C    sing N N 263 
THR CA  CB   sing N N 264 
THR CA  HA   sing N N 265 
THR C   O    doub N N 266 
THR C   OXT  sing N N 267 
THR CB  OG1  sing N N 268 
THR CB  CG2  sing N N 269 
THR CB  HB   sing N N 270 
THR OG1 HG1  sing N N 271 
THR CG2 HG21 sing N N 272 
THR CG2 HG22 sing N N 273 
THR CG2 HG23 sing N N 274 
THR OXT HXT  sing N N 275 
TYR N   CA   sing N N 276 
TYR N   H    sing N N 277 
TYR N   H2   sing N N 278 
TYR CA  C    sing N N 279 
TYR CA  CB   sing N N 280 
TYR CA  HA   sing N N 281 
TYR C   O    doub N N 282 
TYR C   OXT  sing N N 283 
TYR CB  CG   sing N N 284 
TYR CB  HB2  sing N N 285 
TYR CB  HB3  sing N N 286 
TYR CG  CD1  doub Y N 287 
TYR CG  CD2  sing Y N 288 
TYR CD1 CE1  sing Y N 289 
TYR CD1 HD1  sing N N 290 
TYR CD2 CE2  doub Y N 291 
TYR CD2 HD2  sing N N 292 
TYR CE1 CZ   doub Y N 293 
TYR CE1 HE1  sing N N 294 
TYR CE2 CZ   sing Y N 295 
TYR CE2 HE2  sing N N 296 
TYR CZ  OH   sing N N 297 
TYR OH  HH   sing N N 298 
TYR OXT HXT  sing N N 299 
VAL N   CA   sing N N 300 
VAL N   H    sing N N 301 
VAL N   H2   sing N N 302 
VAL CA  C    sing N N 303 
VAL CA  CB   sing N N 304 
VAL CA  HA   sing N N 305 
VAL C   O    doub N N 306 
VAL C   OXT  sing N N 307 
VAL CB  CG1  sing N N 308 
VAL CB  CG2  sing N N 309 
VAL CB  HB   sing N N 310 
VAL CG1 HG11 sing N N 311 
VAL CG1 HG12 sing N N 312 
VAL CG1 HG13 sing N N 313 
VAL CG2 HG21 sing N N 314 
VAL CG2 HG22 sing N N 315 
VAL CG2 HG23 sing N N 316 
VAL OXT HXT  sing N N 317 
# 
_pdbx_audit_support.funding_organization   'German Research Foundation (DFG)' 
_pdbx_audit_support.country                Germany 
_pdbx_audit_support.grant_number           'SPP 1935' 
_pdbx_audit_support.ordinal                1 
# 
_pdbx_initial_refinement_model.accession_code   ? 
_pdbx_initial_refinement_model.id               1 
_pdbx_initial_refinement_model.entity_id_list   ? 
_pdbx_initial_refinement_model.type             other 
_pdbx_initial_refinement_model.source_name      ? 
_pdbx_initial_refinement_model.details          'poly A helix' 
# 
_atom_sites.entry_id                    7BJG 
_atom_sites.Cartn_transf_matrix[1][1]   ? 
_atom_sites.Cartn_transf_matrix[1][2]   ? 
_atom_sites.Cartn_transf_matrix[1][3]   ? 
_atom_sites.Cartn_transf_matrix[2][1]   ? 
_atom_sites.Cartn_transf_matrix[2][2]   ? 
_atom_sites.Cartn_transf_matrix[2][3]   ? 
_atom_sites.Cartn_transf_matrix[3][1]   ? 
_atom_sites.Cartn_transf_matrix[3][2]   ? 
_atom_sites.Cartn_transf_matrix[3][3]   ? 
_atom_sites.Cartn_transf_vector[1]      ? 
_atom_sites.Cartn_transf_vector[2]      ? 
_atom_sites.Cartn_transf_vector[3]      ? 
_atom_sites.fract_transf_matrix[1][1]   -0.00876756 
_atom_sites.fract_transf_matrix[1][2]   -0.00566559 
_atom_sites.fract_transf_matrix[1][3]   0.00272358 
_atom_sites.fract_transf_matrix[2][1]   -0.00953868 
_atom_sites.fract_transf_matrix[2][2]   0.00494968 
_atom_sites.fract_transf_matrix[2][3]   0.00095749 
_atom_sites.fract_transf_matrix[3][1]   -0.00356087 
_atom_sites.fract_transf_matrix[3][2]   -0.00331203 
_atom_sites.fract_transf_matrix[3][3]   -0.01835262 
_atom_sites.fract_transf_vector[1]      0.402838 
_atom_sites.fract_transf_vector[2]      0.124338 
_atom_sites.fract_transf_vector[3]      0.217714 
_atom_sites.solution_primary            ? 
_atom_sites.solution_secondary          ? 
_atom_sites.solution_hydrogens          ? 
_atom_sites.special_details             ? 
# 
loop_
_atom_type.symbol 
C 
N 
O 
S 
# 
loop_
_atom_site.group_PDB 
_atom_site.id 
_atom_site.type_symbol 
_atom_site.label_atom_id 
_atom_site.label_alt_id 
_atom_site.label_comp_id 
_atom_site.label_asym_id 
_atom_site.label_entity_id 
_atom_site.label_seq_id 
_atom_site.pdbx_PDB_ins_code 
_atom_site.Cartn_x 
_atom_site.Cartn_y 
_atom_site.Cartn_z 
_atom_site.occupancy 
_atom_site.B_iso_or_equiv 
_atom_site.pdbx_formal_charge 
_atom_site.auth_seq_id 
_atom_site.auth_comp_id 
_atom_site.auth_asym_id 
_atom_site.auth_atom_id 
_atom_site.pdbx_PDB_model_num 
ATOM   1   N N   . SER A 1 1  ? -36.848 6.067   -60.257 1.00 65.57  ? 261 SER A N   1 
ATOM   2   C CA  . SER A 1 1  ? -36.985 7.182   -59.325 1.00 73.90  ? 261 SER A CA  1 
ATOM   3   C C   . SER A 1 1  ? -38.045 6.833   -58.328 1.00 77.33  ? 261 SER A C   1 
ATOM   4   O O   . SER A 1 1  ? -38.532 5.711   -58.349 1.00 90.14  ? 261 SER A O   1 
ATOM   5   C CB  . SER A 1 1  ? -37.355 8.477   -60.031 1.00 77.92  ? 261 SER A CB  1 
ATOM   6   O OG  . SER A 1 1  ? -37.881 9.415   -59.100 1.00 84.12  ? 261 SER A OG  1 
ATOM   7   N N   . MET A 1 2  ? -38.428 7.798   -57.489 1.00 64.76  ? 262 MET A N   1 
ATOM   8   C CA  . MET A 1 2  ? -39.302 7.586   -56.331 1.00 72.97  ? 262 MET A CA  1 
ATOM   9   C C   . MET A 1 2  ? -39.080 6.251   -55.618 1.00 70.45  ? 262 MET A C   1 
ATOM   10  O O   . MET A 1 2  ? -38.941 6.228   -54.397 1.00 64.97  ? 262 MET A O   1 
ATOM   11  C CB  . MET A 1 2  ? -40.768 7.720   -56.720 1.00 58.91  ? 262 MET A CB  1 
ATOM   12  C CG  . MET A 1 2  ? -41.674 7.672   -55.518 1.00 59.87  ? 262 MET A CG  1 
ATOM   13  S SD  . MET A 1 2  ? -41.431 9.091   -54.405 1.00 85.85  ? 262 MET A SD  1 
ATOM   14  C CE  . MET A 1 2  ? -42.152 10.395  -55.401 1.00 72.45  ? 262 MET A CE  1 
ATOM   15  N N   . LYS A 1 3  ? -39.082 5.134   -56.348 1.00 68.80  ? 263 LYS A N   1 
ATOM   16  C CA  . LYS A 1 3  ? -38.561 3.888   -55.795 1.00 61.58  ? 263 LYS A CA  1 
ATOM   17  C C   . LYS A 1 3  ? -37.097 4.050   -55.446 1.00 68.85  ? 263 LYS A C   1 
ATOM   18  O O   . LYS A 1 3  ? -36.648 3.641   -54.370 1.00 76.55  ? 263 LYS A O   1 
ATOM   19  C CB  . LYS A 1 3  ? -38.746 2.740   -56.796 1.00 72.01  ? 263 LYS A CB  1 
ATOM   20  C CG  . LYS A 1 3  ? -38.912 1.354   -56.165 1.00 67.06  ? 263 LYS A CG  1 
ATOM   21  N N   . PHE A 1 4  ? -36.333 4.664   -56.346 1.00 71.64  ? 264 PHE A N   1 
ATOM   22  C CA  . PHE A 1 4  ? -34.936 4.942   -56.049 1.00 77.08  ? 264 PHE A CA  1 
ATOM   23  C C   . PHE A 1 4  ? -34.804 5.963   -54.923 1.00 76.80  ? 264 PHE A C   1 
ATOM   24  O O   . PHE A 1 4  ? -33.900 5.851   -54.091 1.00 77.33  ? 264 PHE A O   1 
ATOM   25  C CB  . PHE A 1 4  ? -34.214 5.423   -57.311 1.00 84.15  ? 264 PHE A CB  1 
ATOM   26  C CG  . PHE A 1 4  ? -32.761 5.787   -57.085 1.00 88.09  ? 264 PHE A CG  1 
ATOM   27  C CD1 . PHE A 1 4  ? -31.794 4.795   -56.923 1.00 87.84  ? 264 PHE A CD1 1 
ATOM   28  C CD2 . PHE A 1 4  ? -32.363 7.126   -57.038 1.00 84.58  ? 264 PHE A CD2 1 
ATOM   29  C CE1 . PHE A 1 4  ? -30.452 5.130   -56.709 1.00 88.43  ? 264 PHE A CE1 1 
ATOM   30  C CE2 . PHE A 1 4  ? -31.025 7.472   -56.827 1.00 91.06  ? 264 PHE A CE2 1 
ATOM   31  C CZ  . PHE A 1 4  ? -30.067 6.469   -56.659 1.00 90.16  ? 264 PHE A CZ  1 
ATOM   32  N N   . ASN A 1 5  ? -35.693 6.964   -54.878 1.00 71.13  ? 265 ASN A N   1 
ATOM   33  C CA  . ASN A 1 5  ? -35.660 7.938   -53.789 1.00 67.22  ? 265 ASN A CA  1 
ATOM   34  C C   . ASN A 1 5  ? -35.797 7.260   -52.430 1.00 73.15  ? 265 ASN A C   1 
ATOM   35  O O   . ASN A 1 5  ? -35.182 7.686   -51.443 1.00 68.04  ? 265 ASN A O   1 
ATOM   36  C CB  . ASN A 1 5  ? -36.782 8.953   -53.964 1.00 65.32  ? 265 ASN A CB  1 
ATOM   37  C CG  . ASN A 1 5  ? -36.348 10.178  -54.711 1.00 81.51  ? 265 ASN A CG  1 
ATOM   38  O OD1 . ASN A 1 5  ? -35.708 10.091  -55.762 1.00 80.56  ? 265 ASN A OD1 1 
ATOM   39  N ND2 . ASN A 1 5  ? -36.703 11.342  -54.179 1.00 80.98  ? 265 ASN A ND2 1 
ATOM   40  N N   . ILE A 1 6  ? -36.625 6.217   -52.356 1.00 65.83  ? 266 ILE A N   1 
ATOM   41  C CA  . ILE A 1 6  ? -36.856 5.535   -51.097 1.00 60.62  ? 266 ILE A CA  1 
ATOM   42  C C   . ILE A 1 6  ? -35.601 4.802   -50.660 1.00 78.69  ? 266 ILE A C   1 
ATOM   43  O O   . ILE A 1 6  ? -35.340 4.648   -49.454 1.00 68.82  ? 266 ILE A O   1 
ATOM   44  C CB  . ILE A 1 6  ? -38.054 4.586   -51.241 1.00 56.43  ? 266 ILE A CB  1 
ATOM   45  C CG1 . ILE A 1 6  ? -39.342 5.391   -51.361 1.00 64.96  ? 266 ILE A CG1 1 
ATOM   46  C CG2 . ILE A 1 6  ? -38.177 3.639   -50.045 1.00 53.90  ? 266 ILE A CG2 1 
ATOM   47  C CD1 . ILE A 1 6  ? -40.424 4.640   -52.159 1.00 61.23  ? 266 ILE A CD1 1 
ATOM   48  N N   . ILE A 1 7  ? -34.800 4.359   -51.628 1.00 70.16  ? 267 ILE A N   1 
ATOM   49  C CA  . ILE A 1 7  ? -33.580 3.626   -51.323 1.00 63.73  ? 267 ILE A CA  1 
ATOM   50  C C   . ILE A 1 7  ? -32.470 4.589   -50.908 1.00 69.54  ? 267 ILE A C   1 
ATOM   51  O O   . ILE A 1 7  ? -31.960 4.526   -49.783 1.00 86.18  ? 267 ILE A O   1 
ATOM   52  C CB  . ILE A 1 7  ? -33.164 2.747   -52.522 1.00 69.35  ? 267 ILE A CB  1 
ATOM   53  C CG1 . ILE A 1 7  ? -34.348 1.946   -53.094 1.00 76.48  ? 267 ILE A CG1 1 
ATOM   54  C CG2 . ILE A 1 7  ? -32.095 1.769   -52.108 1.00 67.40  ? 267 ILE A CG2 1 
ATOM   55  C CD1 . ILE A 1 7  ? -34.031 1.182   -54.444 1.00 67.78  ? 267 ILE A CD1 1 
ATOM   56  N N   . ARG A 1 8  ? -32.091 5.512   -51.792 1.00 62.35  ? 268 ARG A N   1 
ATOM   57  C CA  . ARG A 1 8  ? -31.094 6.499   -51.413 1.00 74.80  ? 268 ARG A CA  1 
ATOM   58  C C   . ARG A 1 8  ? -31.781 7.463   -50.463 1.00 84.41  ? 268 ARG A C   1 
ATOM   59  O O   . ARG A 1 8  ? -32.139 8.593   -50.807 1.00 97.55  ? 268 ARG A O   1 
ATOM   60  C CB  . ARG A 1 8  ? -30.438 7.174   -52.635 1.00 74.42  ? 268 ARG A CB  1 
ATOM   61  C CG  . ARG A 1 8  ? -31.224 8.201   -53.420 1.00 88.84  ? 268 ARG A CG  1 
ATOM   62  C CD  . ARG A 1 8  ? -30.627 9.598   -53.247 1.00 99.57  ? 268 ARG A CD  1 
ATOM   63  N NE  . ARG A 1 8  ? -31.557 10.631  -53.700 1.00 102.40 ? 268 ARG A NE  1 
ATOM   64  C CZ  . ARG A 1 8  ? -32.315 11.369  -52.890 1.00 104.09 ? 268 ARG A CZ  1 
ATOM   65  N NH1 . ARG A 1 8  ? -32.253 11.197  -51.567 1.00 100.11 ? 268 ARG A NH1 1 
ATOM   66  N NH2 . ARG A 1 8  ? -33.134 12.280  -53.404 1.00 98.26  ? 268 ARG A NH2 1 
ATOM   67  N N   . ASN A 1 9  ? -31.999 6.972   -49.254 1.00 70.23  ? 269 ASN A N   1 
ATOM   68  C CA  . ASN A 1 9  ? -32.650 7.719   -48.196 1.00 78.23  ? 269 ASN A CA  1 
ATOM   69  C C   . ASN A 1 9  ? -32.650 6.807   -46.998 1.00 77.65  ? 269 ASN A C   1 
ATOM   70  O O   . ASN A 1 9  ? -32.122 7.160   -45.942 1.00 76.81  ? 269 ASN A O   1 
ATOM   71  C CB  . ASN A 1 9  ? -34.077 8.129   -48.530 1.00 69.66  ? 269 ASN A CB  1 
ATOM   72  C CG  . ASN A 1 9  ? -34.545 9.309   -47.681 1.00 88.71  ? 269 ASN A CG  1 
ATOM   73  O OD1 . ASN A 1 9  ? -35.108 9.128   -46.592 1.00 87.52  ? 269 ASN A OD1 1 
ATOM   74  N ND2 . ASN A 1 9  ? -34.299 10.529  -48.175 1.00 96.89  ? 269 ASN A ND2 1 
ATOM   75  N N   . GLU A 1 10 ? -33.219 5.616   -47.158 1.00 73.03  ? 270 GLU A N   1 
ATOM   76  C CA  . GLU A 1 10 ? -32.949 4.600   -46.157 1.00 86.38  ? 270 GLU A CA  1 
ATOM   77  C C   . GLU A 1 10 ? -31.461 4.272   -46.123 1.00 82.63  ? 270 GLU A C   1 
ATOM   78  O O   . GLU A 1 10 ? -30.922 3.973   -45.055 1.00 81.88  ? 270 GLU A O   1 
ATOM   79  C CB  . GLU A 1 10 ? -33.797 3.352   -46.406 1.00 81.82  ? 270 GLU A CB  1 
ATOM   80  C CG  . GLU A 1 10 ? -34.405 2.818   -45.112 1.00 95.11  ? 270 GLU A CG  1 
ATOM   81  C CD  . GLU A 1 10 ? -35.148 1.504   -45.290 1.00 121.23 ? 270 GLU A CD  1 
ATOM   82  O OE1 . GLU A 1 10 ? -35.369 1.099   -46.457 1.00 129.53 ? 270 GLU A OE1 1 
ATOM   83  O OE2 . GLU A 1 10 ? -35.514 0.882   -44.264 1.00 111.32 ? 270 GLU A OE2 1 
ATOM   84  N N   . LEU A 1 11 ? -30.780 4.364   -47.272 1.00 78.44  ? 271 LEU A N   1 
ATOM   85  C CA  . LEU A 1 11 ? -29.323 4.246   -47.295 1.00 76.18  ? 271 LEU A CA  1 
ATOM   86  C C   . LEU A 1 11 ? -28.678 5.397   -46.544 1.00 67.00  ? 271 LEU A C   1 
ATOM   87  O O   . LEU A 1 11 ? -27.748 5.204   -45.756 1.00 76.51  ? 271 LEU A O   1 
ATOM   88  C CB  . LEU A 1 11 ? -28.809 4.232   -48.732 1.00 75.52  ? 271 LEU A CB  1 
ATOM   89  C CG  . LEU A 1 11 ? -28.977 2.995   -49.602 1.00 80.96  ? 271 LEU A CG  1 
ATOM   90  C CD1 . LEU A 1 11 ? -28.338 3.252   -50.951 1.00 76.68  ? 271 LEU A CD1 1 
ATOM   91  C CD2 . LEU A 1 11 ? -28.345 1.806   -48.931 1.00 80.71  ? 271 LEU A CD2 1 
ATOM   92  N N   . HIS A 1 12 ? -29.130 6.615   -46.826 1.00 71.91  ? 272 HIS A N   1 
ATOM   93  C CA  . HIS A 1 12 ? -28.707 7.764   -46.043 1.00 71.47  ? 272 HIS A CA  1 
ATOM   94  C C   . HIS A 1 12 ? -28.938 7.513   -44.556 1.00 74.31  ? 272 HIS A C   1 
ATOM   95  O O   . HIS A 1 12 ? -28.070 7.803   -43.725 1.00 73.45  ? 272 HIS A O   1 
ATOM   96  C CB  . HIS A 1 12 ? -29.461 9.003   -46.525 1.00 68.82  ? 272 HIS A CB  1 
ATOM   97  C CG  . HIS A 1 12 ? -28.741 10.292  -46.282 1.00 75.12  ? 272 HIS A CG  1 
ATOM   98  N ND1 . HIS A 1 12 ? -29.074 11.150  -45.252 1.00 81.30  ? 272 HIS A ND1 1 
ATOM   99  C CD2 . HIS A 1 12 ? -27.717 10.882  -46.945 1.00 87.85  ? 272 HIS A CD2 1 
ATOM   100 C CE1 . HIS A 1 12 ? -28.278 12.203  -45.282 1.00 79.25  ? 272 HIS A CE1 1 
ATOM   101 N NE2 . HIS A 1 12 ? -27.446 12.067  -46.301 1.00 91.33  ? 272 HIS A NE2 1 
ATOM   102 N N   . ASN A 1 13 ? -30.080 6.915   -44.206 1.00 76.91  ? 273 ASN A N   1 
ATOM   103 C CA  . ASN A 1 13 ? -30.426 6.729   -42.804 1.00 72.89  ? 273 ASN A CA  1 
ATOM   104 C C   . ASN A 1 13 ? -29.616 5.637   -42.144 1.00 77.58  ? 273 ASN A C   1 
ATOM   105 O O   . ASN A 1 13 ? -29.454 5.670   -40.921 1.00 86.62  ? 273 ASN A O   1 
ATOM   106 C CB  . ASN A 1 13 ? -31.911 6.424   -42.630 1.00 71.85  ? 273 ASN A CB  1 
ATOM   107 C CG  . ASN A 1 13 ? -32.684 7.634   -42.161 1.00 86.51  ? 273 ASN A CG  1 
ATOM   108 O OD1 . ASN A 1 13 ? -32.514 8.090   -41.025 1.00 95.99  ? 273 ASN A OD1 1 
ATOM   109 N ND2 . ASN A 1 13 ? -33.522 8.181   -43.039 1.00 83.95  ? 273 ASN A ND2 1 
ATOM   110 N N   . ILE A 1 14 ? -29.093 4.681   -42.905 1.00 75.42  ? 274 ILE A N   1 
ATOM   111 C CA  . ILE A 1 14 ? -28.188 3.731   -42.278 1.00 79.51  ? 274 ILE A CA  1 
ATOM   112 C C   . ILE A 1 14 ? -26.787 4.324   -42.166 1.00 84.95  ? 274 ILE A C   1 
ATOM   113 O O   . ILE A 1 14 ? -26.159 4.233   -41.104 1.00 91.14  ? 274 ILE A O   1 
ATOM   114 C CB  . ILE A 1 14 ? -28.202 2.372   -43.007 1.00 74.67  ? 274 ILE A CB  1 
ATOM   115 C CG1 . ILE A 1 14 ? -27.416 2.412   -44.315 1.00 81.32  ? 274 ILE A CG1 1 
ATOM   116 C CG2 . ILE A 1 14 ? -29.648 1.901   -43.204 1.00 70.08  ? 274 ILE A CG2 1 
ATOM   117 C CD1 . ILE A 1 14 ? -25.999 1.858   -44.197 1.00 92.59  ? 274 ILE A CD1 1 
ATOM   118 N N   . MET A 1 15 ? -26.285 4.977   -43.223 1.00 67.58  ? 275 MET A N   1 
ATOM   119 C CA  . MET A 1 15 ? -24.968 5.590   -43.121 1.00 71.29  ? 275 MET A CA  1 
ATOM   120 C C   . MET A 1 15 ? -24.926 6.588   -41.973 1.00 80.70  ? 275 MET A C   1 
ATOM   121 O O   . MET A 1 15 ? -23.908 6.706   -41.272 1.00 69.55  ? 275 MET A O   1 
ATOM   122 C CB  . MET A 1 15 ? -24.589 6.266   -44.431 1.00 69.43  ? 275 MET A CB  1 
ATOM   123 C CG  . MET A 1 15 ? -23.086 6.450   -44.577 1.00 71.75  ? 275 MET A CG  1 
ATOM   124 S SD  . MET A 1 15 ? -22.573 6.679   -46.299 1.00 116.67 ? 275 MET A SD  1 
ATOM   125 C CE  . MET A 1 15 ? -23.711 5.577   -47.142 1.00 73.63  ? 275 MET A CE  1 
ATOM   126 N N   . ASN A 1 16 ? -26.044 7.262   -41.728 1.00 73.97  ? 276 ASN A N   1 
ATOM   127 C CA  . ASN A 1 16 ? -26.138 8.249   -40.663 1.00 67.48  ? 276 ASN A CA  1 
ATOM   128 C C   . ASN A 1 16 ? -26.245 7.598   -39.282 1.00 78.26  ? 276 ASN A C   1 
ATOM   129 O O   . ASN A 1 16 ? -25.721 8.132   -38.299 1.00 66.64  ? 276 ASN A O   1 
ATOM   130 C CB  . ASN A 1 16 ? -27.331 9.154   -40.969 1.00 68.28  ? 276 ASN A CB  1 
ATOM   131 C CG  . ASN A 1 16 ? -27.897 9.829   -39.751 1.00 77.79  ? 276 ASN A CG  1 
ATOM   132 O OD1 . ASN A 1 16 ? -27.461 10.925  -39.380 1.00 84.73  ? 276 ASN A OD1 1 
ATOM   133 N ND2 . ASN A 1 16 ? -28.893 9.189   -39.124 1.00 75.42  ? 276 ASN A ND2 1 
ATOM   134 N N   . THR A 1 17 ? -26.897 6.448   -39.168 1.00 79.17  ? 277 THR A N   1 
ATOM   135 C CA  . THR A 1 17 ? -26.900 5.785   -37.872 1.00 69.85  ? 277 THR A CA  1 
ATOM   136 C C   . THR A 1 17 ? -25.525 5.190   -37.556 1.00 72.95  ? 277 THR A C   1 
ATOM   137 O O   . THR A 1 17 ? -25.042 5.319   -36.428 1.00 75.77  ? 277 THR A O   1 
ATOM   138 C CB  . THR A 1 17 ? -27.994 4.715   -37.817 1.00 75.60  ? 277 THR A CB  1 
ATOM   139 O OG1 . THR A 1 17 ? -27.904 3.881   -38.978 1.00 87.49  ? 277 THR A OG1 1 
ATOM   140 C CG2 . THR A 1 17 ? -29.391 5.375   -37.769 1.00 68.69  ? 277 THR A CG2 1 
ATOM   141 N N   . GLN A 1 18 ? -24.866 4.553   -38.530 1.00 73.73  ? 278 GLN A N   1 
ATOM   142 C CA  . GLN A 1 18 ? -23.535 4.021   -38.251 1.00 75.66  ? 278 GLN A CA  1 
ATOM   143 C C   . GLN A 1 18 ? -22.565 5.133   -37.868 1.00 72.51  ? 278 GLN A C   1 
ATOM   144 O O   . GLN A 1 18 ? -21.684 4.935   -37.023 1.00 74.10  ? 278 GLN A O   1 
ATOM   145 C CB  . GLN A 1 18 ? -22.992 3.246   -39.450 1.00 83.66  ? 278 GLN A CB  1 
ATOM   146 C CG  . GLN A 1 18 ? -23.635 1.892   -39.684 1.00 89.41  ? 278 GLN A CG  1 
ATOM   147 C CD  . GLN A 1 18 ? -23.429 1.407   -41.117 1.00 102.39 ? 278 GLN A CD  1 
ATOM   148 O OE1 . GLN A 1 18 ? -22.876 2.124   -41.960 1.00 104.14 ? 278 GLN A OE1 1 
ATOM   149 N NE2 . GLN A 1 18 ? -23.893 0.194   -41.402 1.00 98.10  ? 278 GLN A NE2 1 
ATOM   150 N N   . LEU A 1 19 ? -22.701 6.304   -38.489 1.00 68.37  ? 279 LEU A N   1 
ATOM   151 C CA  . LEU A 1 19 ? -21.860 7.428   -38.109 1.00 62.93  ? 279 LEU A CA  1 
ATOM   152 C C   . LEU A 1 19 ? -22.189 7.916   -36.703 1.00 72.34  ? 279 LEU A C   1 
ATOM   153 O O   . LEU A 1 19 ? -21.291 8.354   -35.970 1.00 72.10  ? 279 LEU A O   1 
ATOM   154 C CB  . LEU A 1 19 ? -22.006 8.546   -39.131 1.00 64.28  ? 279 LEU A CB  1 
ATOM   155 C CG  . LEU A 1 19 ? -21.590 9.985   -38.824 1.00 72.16  ? 279 LEU A CG  1 
ATOM   156 C CD1 . LEU A 1 19 ? -20.110 10.106  -38.507 1.00 65.63  ? 279 LEU A CD1 1 
ATOM   157 C CD2 . LEU A 1 19 ? -21.901 10.815  -40.056 1.00 73.75  ? 279 LEU A CD2 1 
ATOM   158 N N   . LYS A 1 20 ? -23.452 7.813   -36.287 1.00 69.17  ? 280 LYS A N   1 
ATOM   159 C CA  . LYS A 1 20 ? -23.789 8.198   -34.925 1.00 62.99  ? 280 LYS A CA  1 
ATOM   160 C C   . LYS A 1 20 ? -23.212 7.206   -33.914 1.00 69.30  ? 280 LYS A C   1 
ATOM   161 O O   . LYS A 1 20 ? -22.636 7.612   -32.896 1.00 66.19  ? 280 LYS A O   1 
ATOM   162 C CB  . LYS A 1 20 ? -25.301 8.329   -34.778 1.00 57.65  ? 280 LYS A CB  1 
ATOM   163 C CG  . LYS A 1 20 ? -25.850 9.696   -35.202 1.00 76.18  ? 280 LYS A CG  1 
ATOM   164 C CD  . LYS A 1 20 ? -24.867 10.862  -34.939 1.00 83.06  ? 280 LYS A CD  1 
ATOM   165 C CE  . LYS A 1 20 ? -25.447 12.223  -35.426 1.00 92.11  ? 280 LYS A CE  1 
ATOM   166 N NZ  . LYS A 1 20 ? -24.473 13.172  -36.083 1.00 79.87  ? 280 LYS A NZ  1 
ATOM   167 N N   . ARG A 1 21 ? -23.360 5.905   -34.179 1.00 64.39  ? 281 ARG A N   1 
ATOM   168 C CA  A ARG A 1 21 ? -22.795 4.892   -33.295 0.56 65.67  ? 281 ARG A CA  1 
ATOM   169 C CA  B ARG A 1 21 ? -22.799 4.899   -33.288 0.44 65.28  ? 281 ARG A CA  1 
ATOM   170 C C   . ARG A 1 21 ? -21.286 5.040   -33.188 1.00 72.53  ? 281 ARG A C   1 
ATOM   171 O O   . ARG A 1 21 ? -20.713 4.892   -32.100 1.00 68.35  ? 281 ARG A O   1 
ATOM   172 C CB  A ARG A 1 21 ? -23.146 3.489   -33.790 0.56 67.15  ? 281 ARG A CB  1 
ATOM   173 C CB  B ARG A 1 21 ? -23.188 3.501   -33.769 0.44 67.43  ? 281 ARG A CB  1 
ATOM   174 C CG  A ARG A 1 21 ? -22.598 2.377   -32.890 0.56 74.92  ? 281 ARG A CG  1 
ATOM   175 C CG  B ARG A 1 21 ? -24.408 2.925   -33.055 0.44 71.39  ? 281 ARG A CG  1 
ATOM   176 C CD  A ARG A 1 21 ? -22.606 1.026   -33.580 0.56 76.64  ? 281 ARG A CD  1 
ATOM   177 C CD  B ARG A 1 21 ? -24.427 1.403   -33.117 0.44 74.19  ? 281 ARG A CD  1 
ATOM   178 N NE  A ARG A 1 21 ? -23.961 0.500   -33.715 0.56 80.55  ? 281 ARG A NE  1 
ATOM   179 N NE  B ARG A 1 21 ? -23.193 0.808   -32.603 0.44 73.65  ? 281 ARG A NE  1 
ATOM   180 C CZ  A ARG A 1 21 ? -24.498 0.109   -34.865 0.56 72.91  ? 281 ARG A CZ  1 
ATOM   181 C CZ  B ARG A 1 21 ? -23.106 -0.422  -32.109 0.44 75.22  ? 281 ARG A CZ  1 
ATOM   182 N NH1 A ARG A 1 21 ? -23.787 0.181   -35.985 0.56 62.35  ? 281 ARG A NH1 1 
ATOM   183 N NH1 B ARG A 1 21 ? -24.183 -1.196  -32.053 0.44 83.04  ? 281 ARG A NH1 1 
ATOM   184 N NH2 A ARG A 1 21 ? -25.742 -0.356  -34.891 0.56 72.54  ? 281 ARG A NH2 1 
ATOM   185 N NH2 B ARG A 1 21 ? -21.944 -0.877  -31.668 0.44 78.66  ? 281 ARG A NH2 1 
ATOM   186 N N   . ALA A 1 22 ? -20.625 5.325   -34.312 1.00 63.80  ? 282 ALA A N   1 
ATOM   187 C CA  . ALA A 1 22 ? -19.188 5.543   -34.299 1.00 60.26  ? 282 ALA A CA  1 
ATOM   188 C C   . ALA A 1 22 ? -18.825 6.768   -33.466 1.00 58.59  ? 282 ALA A C   1 
ATOM   189 O O   . ALA A 1 22 ? -17.740 6.827   -32.875 1.00 63.72  ? 282 ALA A O   1 
ATOM   190 C CB  . ALA A 1 22 ? -18.686 5.679   -35.739 1.00 53.85  ? 282 ALA A CB  1 
ATOM   191 N N   . GLU A 1 23 ? -19.711 7.760   -33.416 1.00 59.10  ? 283 GLU A N   1 
ATOM   192 C CA  . GLU A 1 23 ? -19.468 8.906   -32.547 1.00 69.26  ? 283 GLU A CA  1 
ATOM   193 C C   . GLU A 1 23 ? -19.700 8.531   -31.094 1.00 60.52  ? 283 GLU A C   1 
ATOM   194 O O   . GLU A 1 23 ? -18.968 8.979   -30.202 1.00 55.42  ? 283 GLU A O   1 
ATOM   195 C CB  . GLU A 1 23 ? -20.372 10.075  -32.949 1.00 69.44  ? 283 GLU A CB  1 
ATOM   196 C CG  . GLU A 1 23 ? -19.814 10.925  -34.084 1.00 75.17  ? 283 GLU A CG  1 
ATOM   197 C CD  . GLU A 1 23 ? -20.750 12.047  -34.501 1.00 81.78  ? 283 GLU A CD  1 
ATOM   198 O OE1 . GLU A 1 23 ? -21.954 12.000  -34.152 1.00 78.17  ? 283 GLU A OE1 1 
ATOM   199 O OE2 . GLU A 1 23 ? -20.273 12.974  -35.190 1.00 86.49  ? 283 GLU A OE2 1 
ATOM   200 N N   A SER A 1 24 ? -20.741 7.729   -30.845 0.54 58.37  ? 284 SER A N   1 
ATOM   201 N N   B SER A 1 24 ? -20.706 7.692   -30.831 0.46 58.36  ? 284 SER A N   1 
ATOM   202 C CA  A SER A 1 24 ? -21.012 7.199   -29.516 0.54 59.11  ? 284 SER A CA  1 
ATOM   203 C CA  B SER A 1 24 ? -20.965 7.276   -29.461 0.46 59.05  ? 284 SER A CA  1 
ATOM   204 C C   A SER A 1 24 ? -19.779 6.509   -28.942 0.54 61.65  ? 284 SER A C   1 
ATOM   205 C C   B SER A 1 24 ? -19.816 6.443   -28.901 0.46 61.74  ? 284 SER A C   1 
ATOM   206 O O   A SER A 1 24 ? -19.376 6.767   -27.803 0.54 60.73  ? 284 SER A O   1 
ATOM   207 O O   B SER A 1 24 ? -19.514 6.533   -27.705 0.46 60.68  ? 284 SER A O   1 
ATOM   208 C CB  A SER A 1 24 ? -22.192 6.225   -29.594 0.54 58.12  ? 284 SER A CB  1 
ATOM   209 C CB  B SER A 1 24 ? -22.281 6.506   -29.385 0.46 58.68  ? 284 SER A CB  1 
ATOM   210 O OG  A SER A 1 24 ? -23.269 6.644   -28.773 0.54 61.14  ? 284 SER A OG  1 
ATOM   211 O OG  B SER A 1 24 ? -23.083 7.013   -28.331 0.46 61.22  ? 284 SER A OG  1 
ATOM   212 N N   . GLU A 1 25 ? -19.157 5.644   -29.744 1.00 60.28  ? 285 GLU A N   1 
ATOM   213 C CA  . GLU A 1 25 ? -17.990 4.895   -29.300 1.00 55.07  ? 285 GLU A CA  1 
ATOM   214 C C   . GLU A 1 25 ? -16.855 5.830   -28.894 1.00 60.57  ? 285 GLU A C   1 
ATOM   215 O O   . GLU A 1 25 ? -16.332 5.750   -27.775 1.00 63.13  ? 285 GLU A O   1 
ATOM   216 C CB  . GLU A 1 25 ? -17.552 3.953   -30.418 1.00 63.40  ? 285 GLU A CB  1 
ATOM   217 C CG  . GLU A 1 25 ? -17.153 2.562   -29.940 1.00 82.69  ? 285 GLU A CG  1 
ATOM   218 C CD  . GLU A 1 25 ? -16.442 1.764   -31.018 1.00 101.93 ? 285 GLU A CD  1 
ATOM   219 O OE1 . GLU A 1 25 ? -17.025 1.606   -32.123 1.00 94.53  ? 285 GLU A OE1 1 
ATOM   220 O OE2 . GLU A 1 25 ? -15.301 1.306   -30.759 1.00 98.13  ? 285 GLU A OE2 1 
ATOM   221 N N   . VAL A 1 26 ? -16.474 6.743   -29.780 1.00 62.13  ? 286 VAL A N   1 
ATOM   222 C CA  . VAL A 1 26 ? -15.460 7.723   -29.409 1.00 62.59  ? 286 VAL A CA  1 
ATOM   223 C C   . VAL A 1 26 ? -15.896 8.509   -28.181 1.00 58.54  ? 286 VAL A C   1 
ATOM   224 O O   . VAL A 1 26 ? -15.076 8.870   -27.327 1.00 62.68  ? 286 VAL A O   1 
ATOM   225 C CB  . VAL A 1 26 ? -15.170 8.659   -30.592 1.00 55.45  ? 286 VAL A CB  1 
ATOM   226 C CG1 . VAL A 1 26 ? -14.213 9.749   -30.154 1.00 48.12  ? 286 VAL A CG1 1 
ATOM   227 C CG2 . VAL A 1 26 ? -14.621 7.869   -31.770 1.00 55.51  ? 286 VAL A CG2 1 
ATOM   228 N N   . ALA A 1 27 ? -17.191 8.802   -28.079 1.00 59.00  ? 287 ALA A N   1 
ATOM   229 C CA  . ALA A 1 27 ? -17.671 9.594   -26.950 1.00 58.74  ? 287 ALA A CA  1 
ATOM   230 C C   . ALA A 1 27 ? -17.502 8.838   -25.644 1.00 58.35  ? 287 ALA A C   1 
ATOM   231 O O   . ALA A 1 27 ? -17.135 9.417   -24.616 1.00 58.08  ? 287 ALA A O   1 
ATOM   232 C CB  . ALA A 1 27 ? -19.144 9.952   -27.153 1.00 45.81  ? 287 ALA A CB  1 
ATOM   233 N N   . ALA A 1 28 ? -17.798 7.547   -25.672 1.00 53.07  ? 288 ALA A N   1 
ATOM   234 C CA  . ALA A 1 28 ? -17.760 6.726   -24.478 1.00 52.05  ? 288 ALA A CA  1 
ATOM   235 C C   . ALA A 1 28 ? -16.323 6.538   -23.998 1.00 61.81  ? 288 ALA A C   1 
ATOM   236 O O   . ALA A 1 28 ? -16.019 6.730   -22.812 1.00 60.75  ? 288 ALA A O   1 
ATOM   237 C CB  . ALA A 1 28 ? -18.435 5.385   -24.793 1.00 44.58  ? 288 ALA A CB  1 
ATOM   238 N N   . LEU A 1 29 ? -15.421 6.183   -24.921 1.00 56.96  ? 289 LEU A N   1 
ATOM   239 C CA  . LEU A 1 29 ? -14.011 6.027   -24.590 1.00 52.43  ? 289 LEU A CA  1 
ATOM   240 C C   . LEU A 1 29 ? -13.420 7.290   -23.984 1.00 54.48  ? 289 LEU A C   1 
ATOM   241 O O   . LEU A 1 29 ? -12.560 7.213   -23.095 1.00 62.83  ? 289 LEU A O   1 
ATOM   242 C CB  . LEU A 1 29 ? -13.222 5.632   -25.834 1.00 46.33  ? 289 LEU A CB  1 
ATOM   243 C CG  . LEU A 1 29 ? -13.512 4.208   -26.280 1.00 54.15  ? 289 LEU A CG  1 
ATOM   244 C CD1 . LEU A 1 29 ? -12.906 3.940   -27.669 1.00 52.93  ? 289 LEU A CD1 1 
ATOM   245 C CD2 . LEU A 1 29 ? -13.033 3.186   -25.231 1.00 46.59  ? 289 LEU A CD2 1 
ATOM   246 N N   . ASN A 1 30 ? -13.840 8.462   -24.457 1.00 54.81  ? 290 ASN A N   1 
ATOM   247 C CA  . ASN A 1 30 ? -13.295 9.697   -23.894 1.00 57.20  ? 290 ASN A CA  1 
ATOM   248 C C   . ASN A 1 30 ? -13.771 9.909   -22.466 1.00 56.96  ? 290 ASN A C   1 
ATOM   249 O O   . ASN A 1 30 ? -13.028 10.424  -21.622 1.00 59.45  ? 290 ASN A O   1 
ATOM   250 C CB  . ASN A 1 30 ? -13.674 10.889  -24.769 1.00 60.13  ? 290 ASN A CB  1 
ATOM   251 C CG  . ASN A 1 30 ? -12.701 11.083  -25.923 1.00 70.38  ? 290 ASN A CG  1 
ATOM   252 O OD1 . ASN A 1 30 ? -13.105 11.149  -27.086 1.00 76.85  ? 290 ASN A OD1 1 
ATOM   253 N ND2 . ASN A 1 30 ? -11.407 11.150  -25.607 1.00 77.01  ? 290 ASN A ND2 1 
ATOM   254 N N   . ARG A 1 31 ? -15.017 9.533   -22.184 1.00 57.13  ? 291 ARG A N   1 
ATOM   255 C CA  . ARG A 1 31 ? -15.513 9.583   -20.817 1.00 57.03  ? 291 ARG A CA  1 
ATOM   256 C C   . ARG A 1 31 ? -14.764 8.585   -19.947 1.00 63.56  ? 291 ARG A C   1 
ATOM   257 O O   . ARG A 1 31 ? -14.317 8.915   -18.842 1.00 62.60  ? 291 ARG A O   1 
ATOM   258 C CB  . ARG A 1 31 ? -17.019 9.299   -20.806 1.00 54.83  ? 291 ARG A CB  1 
ATOM   259 C CG  . ARG A 1 31 ? -17.843 10.365  -21.526 1.00 53.52  ? 291 ARG A CG  1 
ATOM   260 C CD  . ARG A 1 31 ? -19.296 10.334  -21.125 1.00 46.27  ? 291 ARG A CD  1 
ATOM   261 N NE  . ARG A 1 31 ? -19.886 9.015   -21.332 1.00 49.76  ? 291 ARG A NE  1 
ATOM   262 C CZ  . ARG A 1 31 ? -20.210 8.508   -22.521 1.00 53.48  ? 291 ARG A CZ  1 
ATOM   263 N NH1 . ARG A 1 31 ? -20.021 9.198   -23.651 1.00 54.18  ? 291 ARG A NH1 1 
ATOM   264 N NH2 . ARG A 1 31 ? -20.731 7.296   -22.577 1.00 48.34  ? 291 ARG A NH2 1 
ATOM   265 N N   . ARG A 1 32 ? -14.607 7.357   -20.448 1.00 58.37  ? 292 ARG A N   1 
ATOM   266 C CA  . ARG A 1 32 ? -13.918 6.312   -19.704 1.00 52.36  ? 292 ARG A CA  1 
ATOM   267 C C   . ARG A 1 32 ? -12.489 6.729   -19.379 1.00 60.95  ? 292 ARG A C   1 
ATOM   268 O O   . ARG A 1 32 ? -12.096 6.792   -18.215 1.00 54.97  ? 292 ARG A O   1 
ATOM   269 C CB  . ARG A 1 32 ? -13.928 5.007   -20.505 1.00 49.74  ? 292 ARG A CB  1 
ATOM   270 C CG  . ARG A 1 32 ? -13.249 3.859   -19.739 1.00 64.58  ? 292 ARG A CG  1 
ATOM   271 C CD  . ARG A 1 32 ? -13.080 2.573   -20.552 1.00 62.15  ? 292 ARG A CD  1 
ATOM   272 N NE  . ARG A 1 32 ? -12.815 1.427   -19.678 1.00 64.26  ? 292 ARG A NE  1 
ATOM   273 C CZ  . ARG A 1 32 ? -13.748 0.809   -18.956 1.00 64.38  ? 292 ARG A CZ  1 
ATOM   274 N NH1 . ARG A 1 32 ? -15.011 1.209   -19.017 1.00 70.04  ? 292 ARG A NH1 1 
ATOM   275 N NH2 . ARG A 1 32 ? -13.424 -0.208  -18.170 1.00 68.79  ? 292 ARG A NH2 1 
ATOM   276 N N   . ILE A 1 33 ? -11.703 7.040   -20.408 1.00 56.94  ? 293 ILE A N   1 
ATOM   277 C CA  . ILE A 1 33 ? -10.343 7.523   -20.217 1.00 46.55  ? 293 ILE A CA  1 
ATOM   278 C C   . ILE A 1 33 ? -10.269 8.627   -19.176 1.00 57.56  ? 293 ILE A C   1 
ATOM   279 O O   . ILE A 1 33 ? -9.260  8.765   -18.468 1.00 63.38  ? 293 ILE A O   1 
ATOM   280 C CB  . ILE A 1 33 ? -9.785  7.982   -21.575 1.00 48.19  ? 293 ILE A CB  1 
ATOM   281 C CG1 . ILE A 1 33 ? -9.496  6.759   -22.442 1.00 52.51  ? 293 ILE A CG1 1 
ATOM   282 C CG2 . ILE A 1 33 ? -8.566  8.838   -21.393 1.00 43.85  ? 293 ILE A CG2 1 
ATOM   283 C CD1 . ILE A 1 33 ? -9.172  7.071   -23.867 1.00 46.64  ? 293 ILE A CD1 1 
ATOM   284 N N   . GLN A 1 34 ? -11.332 9.412   -19.030 1.00 59.39  ? 294 GLN A N   1 
ATOM   285 C CA  . GLN A 1 34 ? -11.248 10.570  -18.141 1.00 65.87  ? 294 GLN A CA  1 
ATOM   286 C C   . GLN A 1 34 ? -11.518 10.193  -16.688 1.00 65.52  ? 294 GLN A C   1 
ATOM   287 O O   . GLN A 1 34 ? -10.820 10.657  -15.776 1.00 59.27  ? 294 GLN A O   1 
ATOM   288 C CB  . GLN A 1 34 ? -12.231 11.651  -18.591 1.00 61.20  ? 294 GLN A CB  1 
ATOM   289 C CG  . GLN A 1 34 ? -11.949 13.012  -17.950 1.00 73.62  ? 294 GLN A CG  1 
ATOM   290 C CD  . GLN A 1 34 ? -13.209 13.837  -17.776 1.00 87.78  ? 294 GLN A CD  1 
ATOM   291 O OE1 . GLN A 1 34 ? -14.118 13.457  -17.026 1.00 88.77  ? 294 GLN A OE1 1 
ATOM   292 N NE2 . GLN A 1 34 ? -13.281 14.973  -18.484 1.00 92.55  ? 294 GLN A NE2 1 
ATOM   293 N N   . LEU A 1 35 ? -12.541 9.375   -16.450 1.00 59.92  ? 295 LEU A N   1 
ATOM   294 C CA  . LEU A 1 35 ? -12.798 8.919   -15.094 1.00 56.70  ? 295 LEU A CA  1 
ATOM   295 C C   . LEU A 1 35 ? -11.675 8.023   -14.581 1.00 59.82  ? 295 LEU A C   1 
ATOM   296 O O   . LEU A 1 35 ? -11.351 8.083   -13.393 1.00 55.58  ? 295 LEU A O   1 
ATOM   297 C CB  . LEU A 1 35 ? -14.146 8.205   -15.051 1.00 57.08  ? 295 LEU A CB  1 
ATOM   298 C CG  . LEU A 1 35 ? -15.292 9.097   -15.539 1.00 57.32  ? 295 LEU A CG  1 
ATOM   299 C CD1 . LEU A 1 35 ? -16.608 8.428   -15.314 1.00 57.25  ? 295 LEU A CD1 1 
ATOM   300 C CD2 . LEU A 1 35 ? -15.247 10.431  -14.837 1.00 59.47  ? 295 LEU A CD2 1 
ATOM   301 N N   . LEU A 1 36 ? -11.071 7.205   -15.462 1.00 54.80  ? 296 LEU A N   1 
ATOM   302 C CA  . LEU A 1 36 ? -9.884  6.432   -15.118 1.00 49.17  ? 296 LEU A CA  1 
ATOM   303 C C   . LEU A 1 36 ? -8.777  7.336   -14.599 1.00 60.62  ? 296 LEU A C   1 
ATOM   304 O O   . LEU A 1 36 ? -8.259  7.138   -13.491 1.00 56.84  ? 296 LEU A O   1 
ATOM   305 C CB  . LEU A 1 36 ? -9.372  5.664   -16.326 1.00 38.75  ? 296 LEU A CB  1 
ATOM   306 C CG  . LEU A 1 36 ? -10.029 4.355   -16.742 1.00 48.97  ? 296 LEU A CG  1 
ATOM   307 C CD1 . LEU A 1 36 ? -9.545  3.939   -18.127 1.00 46.39  ? 296 LEU A CD1 1 
ATOM   308 C CD2 . LEU A 1 36 ? -9.724  3.281   -15.760 1.00 40.52  ? 296 LEU A CD2 1 
ATOM   309 N N   . GLU A 1 37 ? -8.394  8.331   -15.403 1.00 56.70  ? 297 GLU A N   1 
ATOM   310 C CA  . GLU A 1 37 ? -7.367  9.279   -14.992 1.00 51.79  ? 297 GLU A CA  1 
ATOM   311 C C   . GLU A 1 37 ? -7.686  9.906   -13.639 1.00 62.51  ? 297 GLU A C   1 
ATOM   312 O O   . GLU A 1 37 ? -6.772  10.204  -12.856 1.00 55.39  ? 297 GLU A O   1 
ATOM   313 C CB  . GLU A 1 37 ? -7.205  10.367  -16.064 1.00 52.02  ? 297 GLU A CB  1 
ATOM   314 C CG  . GLU A 1 37 ? -6.271  9.989   -17.224 1.00 61.44  ? 297 GLU A CG  1 
ATOM   315 C CD  . GLU A 1 37 ? -6.444  10.872  -18.464 1.00 71.48  ? 297 GLU A CD  1 
ATOM   316 O OE1 . GLU A 1 37 ? -7.470  11.582  -18.568 1.00 70.50  ? 297 GLU A OE1 1 
ATOM   317 O OE2 . GLU A 1 37 ? -5.560  10.852  -19.353 1.00 72.77  ? 297 GLU A OE2 1 
ATOM   318 N N   . GLU A 1 38 ? -8.975  10.098  -13.339 1.00 58.72  ? 298 GLU A N   1 
ATOM   319 C CA  . GLU A 1 38 ? -9.353  10.679  -12.059 1.00 56.92  ? 298 GLU A CA  1 
ATOM   320 C C   . GLU A 1 38 ? -9.197  9.673   -10.928 1.00 62.02  ? 298 GLU A C   1 
ATOM   321 O O   . GLU A 1 38 ? -8.718  10.019  -9.844  1.00 67.70  ? 298 GLU A O   1 
ATOM   322 C CB  . GLU A 1 38 ? -10.786 11.208  -12.127 1.00 52.80  ? 298 GLU A CB  1 
ATOM   323 C CG  . GLU A 1 38 ? -10.898 12.382  -13.084 1.00 67.79  ? 298 GLU A CG  1 
ATOM   324 C CD  . GLU A 1 38 ? -12.328 12.868  -13.358 1.00 71.59  ? 298 GLU A CD  1 
ATOM   325 O OE1 . GLU A 1 38 ? -12.449 13.857  -14.120 1.00 71.79  ? 298 GLU A OE1 1 
ATOM   326 O OE2 . GLU A 1 38 ? -13.316 12.298  -12.823 1.00 70.31  ? 298 GLU A OE2 1 
ATOM   327 N N   . ASP A 1 39 ? -9.600  8.425   -11.159 1.00 58.20  ? 299 ASP A N   1 
ATOM   328 C CA  . ASP A 1 39 ? -9.392  7.380   -10.164 1.00 65.28  ? 299 ASP A CA  1 
ATOM   329 C C   . ASP A 1 39 ? -7.905  7.161   -9.907  1.00 62.07  ? 299 ASP A C   1 
ATOM   330 O O   . ASP A 1 39 ? -7.470  7.051   -8.756  1.00 69.81  ? 299 ASP A O   1 
ATOM   331 C CB  . ASP A 1 39 ? -10.056 6.084   -10.629 1.00 64.62  ? 299 ASP A CB  1 
ATOM   332 C CG  . ASP A 1 39 ? -10.276 5.091   -9.494  1.00 61.03  ? 299 ASP A CG  1 
ATOM   333 O OD1 . ASP A 1 39 ? -9.569  5.171   -8.458  1.00 65.49  ? 299 ASP A OD1 1 
ATOM   334 O OD2 . ASP A 1 39 ? -11.163 4.218   -9.654  1.00 60.09  ? 299 ASP A OD2 1 
ATOM   335 N N   . LEU A 1 40 ? -7.117  7.077   -10.982 1.00 58.73  ? 300 LEU A N   1 
ATOM   336 C CA  . LEU A 1 40 ? -5.665  7.056   -10.889 1.00 58.15  ? 300 LEU A CA  1 
ATOM   337 C C   . LEU A 1 40 ? -5.158  8.145   -9.948  1.00 67.14  ? 300 LEU A C   1 
ATOM   338 O O   . LEU A 1 40 ? -4.493  7.861   -8.946  1.00 71.84  ? 300 LEU A O   1 
ATOM   339 C CB  . LEU A 1 40 ? -5.087  7.216   -12.291 1.00 50.76  ? 300 LEU A CB  1 
ATOM   340 C CG  . LEU A 1 40 ? -3.755  6.539   -12.590 1.00 59.82  ? 300 LEU A CG  1 
ATOM   341 C CD1 . LEU A 1 40 ? -3.584  5.209   -11.851 1.00 64.66  ? 300 LEU A CD1 1 
ATOM   342 C CD2 . LEU A 1 40 ? -3.713  6.310   -14.071 1.00 55.51  ? 300 LEU A CD2 1 
ATOM   343 N N   . GLU A 1 41 ? -5.512  9.399   -10.242 1.00 68.07  ? 301 GLU A N   1 
ATOM   344 C CA  . GLU A 1 41 ? -5.091  10.535  -9.423  1.00 65.47  ? 301 GLU A CA  1 
ATOM   345 C C   . GLU A 1 41 ? -5.537  10.376  -7.973  1.00 69.03  ? 301 GLU A C   1 
ATOM   346 O O   . GLU A 1 41 ? -4.782  10.661  -7.036  1.00 65.00  ? 301 GLU A O   1 
ATOM   347 C CB  . GLU A 1 41 ? -5.677  11.813  -10.020 1.00 62.08  ? 301 GLU A CB  1 
ATOM   348 C CG  . GLU A 1 41 ? -4.759  13.021  -10.126 1.00 66.03  ? 301 GLU A CG  1 
ATOM   349 C CD  . GLU A 1 41 ? -5.571  14.317  -10.262 1.00 91.81  ? 301 GLU A CD  1 
ATOM   350 O OE1 . GLU A 1 41 ? -5.281  15.302  -9.539  1.00 94.59  ? 301 GLU A OE1 1 
ATOM   351 O OE2 . GLU A 1 41 ? -6.513  14.341  -11.096 1.00 91.41  ? 301 GLU A OE2 1 
ATOM   352 N N   . ARG A 1 42 ? -6.773  9.944   -7.771  1.00 68.64  ? 302 ARG A N   1 
ATOM   353 C CA  . ARG A 1 42 ? -7.269  9.740   -6.425  1.00 59.55  ? 302 ARG A CA  1 
ATOM   354 C C   . ARG A 1 42 ? -6.569  8.567   -5.756  1.00 67.87  ? 302 ARG A C   1 
ATOM   355 O O   . ARG A 1 42 ? -6.303  8.606   -4.548  1.00 65.34  ? 302 ARG A O   1 
ATOM   356 C CB  . ARG A 1 42 ? -8.778  9.509   -6.471  1.00 59.34  ? 302 ARG A CB  1 
ATOM   357 C CG  . ARG A 1 42 ? -9.596  10.725  -6.101  1.00 65.03  ? 302 ARG A CG  1 
ATOM   358 C CD  . ARG A 1 42 ? -11.090 10.420  -6.203  1.00 68.89  ? 302 ARG A CD  1 
ATOM   359 N NE  . ARG A 1 42 ? -11.497 10.036  -7.554  1.00 85.45  ? 302 ARG A NE  1 
ATOM   360 C CZ  . ARG A 1 42 ? -12.177 8.930   -7.832  1.00 74.86  ? 302 ARG A CZ  1 
ATOM   361 N NH1 . ARG A 1 42 ? -12.519 8.112   -6.852  1.00 81.05  ? 302 ARG A NH1 1 
ATOM   362 N NH2 . ARG A 1 42 ? -12.502 8.641   -9.083  1.00 62.88  ? 302 ARG A NH2 1 
ATOM   363 N N   . SER A 1 43 ? -6.274  7.502   -6.515  1.00 62.45  ? 303 SER A N   1 
ATOM   364 C CA  . SER A 1 43 ? -5.572  6.396   -5.884  1.00 63.37  ? 303 SER A CA  1 
ATOM   365 C C   . SER A 1 43 ? -4.145  6.755   -5.505  1.00 72.41  ? 303 SER A C   1 
ATOM   366 O O   . SER A 1 43 ? -3.701  6.394   -4.413  1.00 68.68  ? 303 SER A O   1 
ATOM   367 C CB  . SER A 1 43 ? -5.629  5.121   -6.719  1.00 47.12  ? 303 SER A CB  1 
ATOM   368 O OG  . SER A 1 43 ? -6.972  4.749   -6.942  1.00 47.79  ? 303 SER A OG  1 
ATOM   369 N N   . GLU A 1 44 ? -3.411  7.468   -6.353  1.00 63.10  ? 304 GLU A N   1 
ATOM   370 C CA  . GLU A 1 44 ? -2.027  7.763   -5.989  1.00 60.24  ? 304 GLU A CA  1 
ATOM   371 C C   . GLU A 1 44 ? -1.952  8.543   -4.676  1.00 70.73  ? 304 GLU A C   1 
ATOM   372 O O   . GLU A 1 44 ? -1.095  8.273   -3.816  1.00 67.09  ? 304 GLU A O   1 
ATOM   373 C CB  . GLU A 1 44 ? -1.333  8.516   -7.116  1.00 61.29  ? 304 GLU A CB  1 
ATOM   374 C CG  . GLU A 1 44 ? -1.444  7.822   -8.425  1.00 65.71  ? 304 GLU A CG  1 
ATOM   375 C CD  . GLU A 1 44 ? -0.172  7.108   -8.802  1.00 75.74  ? 304 GLU A CD  1 
ATOM   376 O OE1 . GLU A 1 44 ? 0.643   6.820   -7.888  1.00 80.56  ? 304 GLU A OE1 1 
ATOM   377 O OE2 . GLU A 1 44 ? 0.013   6.834   -10.011 1.00 80.25  ? 304 GLU A OE2 1 
ATOM   378 N N   . GLU A 1 45 ? -2.872  9.482   -4.480  1.00 65.27  ? 305 GLU A N   1 
ATOM   379 C CA  . GLU A 1 45 ? -2.814  10.279  -3.267  1.00 68.11  ? 305 GLU A CA  1 
ATOM   380 C C   . GLU A 1 45 ? -3.292  9.474   -2.064  1.00 69.14  ? 305 GLU A C   1 
ATOM   381 O O   . GLU A 1 45 ? -2.765  9.623   -0.956  1.00 78.65  ? 305 GLU A O   1 
ATOM   382 C CB  . GLU A 1 45 ? -3.617  11.570  -3.453  1.00 73.57  ? 305 GLU A CB  1 
ATOM   383 C CG  . GLU A 1 45 ? -5.115  11.446  -3.270  1.00 78.36  ? 305 GLU A CG  1 
ATOM   384 C CD  . GLU A 1 45 ? -5.772  12.769  -2.927  1.00 89.31  ? 305 GLU A CD  1 
ATOM   385 O OE1 . GLU A 1 45 ? -6.214  13.476  -3.869  1.00 90.49  ? 305 GLU A OE1 1 
ATOM   386 O OE2 . GLU A 1 45 ? -5.853  13.092  -1.717  1.00 93.35  ? 305 GLU A OE2 1 
ATOM   387 N N   . ARG A 1 46 ? -4.272  8.603   -2.263  1.00 66.04  ? 306 ARG A N   1 
ATOM   388 C CA  . ARG A 1 46 ? -4.643  7.652   -1.229  1.00 63.16  ? 306 ARG A CA  1 
ATOM   389 C C   . ARG A 1 46 ? -3.529  6.639   -0.958  1.00 67.46  ? 306 ARG A C   1 
ATOM   390 O O   . ARG A 1 46 ? -3.571  5.956   0.066   1.00 72.05  ? 306 ARG A O   1 
ATOM   391 C CB  . ARG A 1 46 ? -5.940  6.929   -1.634  1.00 63.23  ? 306 ARG A CB  1 
ATOM   392 C CG  . ARG A 1 46 ? -7.072  7.027   -0.623  1.00 71.18  ? 306 ARG A CG  1 
ATOM   393 C CD  . ARG A 1 46 ? -8.441  6.843   -1.251  1.00 69.93  ? 306 ARG A CD  1 
ATOM   394 N NE  . ARG A 1 46 ? -8.530  5.589   -2.002  1.00 93.75  ? 306 ARG A NE  1 
ATOM   395 C CZ  . ARG A 1 46 ? -9.620  5.154   -2.634  1.00 97.40  ? 306 ARG A CZ  1 
ATOM   396 N NH1 . ARG A 1 46 ? -10.741 5.873   -2.604  1.00 93.75  ? 306 ARG A NH1 1 
ATOM   397 N NH2 . ARG A 1 46 ? -9.585  3.996   -3.296  1.00 81.91  ? 306 ARG A NH2 1 
ATOM   398 N N   . LEU A 1 47 ? -2.533  6.526   -1.841  1.00 60.39  ? 307 LEU A N   1 
ATOM   399 C CA  . LEU A 1 47 ? -1.443  5.579   -1.643  1.00 56.50  ? 307 LEU A CA  1 
ATOM   400 C C   . LEU A 1 47 ? -0.315  6.173   -0.812  1.00 68.00  ? 307 LEU A C   1 
ATOM   401 O O   . LEU A 1 47 ? 0.196   5.514   0.095   1.00 74.62  ? 307 LEU A O   1 
ATOM   402 C CB  . LEU A 1 47 ? -0.886  5.100   -2.984  1.00 57.62  ? 307 LEU A CB  1 
ATOM   403 C CG  . LEU A 1 47 ? 0.342   4.186   -2.848  1.00 59.30  ? 307 LEU A CG  1 
ATOM   404 C CD1 . LEU A 1 47 ? 0.014   2.945   -2.015  1.00 63.23  ? 307 LEU A CD1 1 
ATOM   405 C CD2 . LEU A 1 47 ? 0.857   3.778   -4.204  1.00 56.35  ? 307 LEU A CD2 1 
ATOM   406 N N   . GLY A 1 48 ? 0.101   7.404   -1.120  1.00 70.16  ? 308 GLY A N   1 
ATOM   407 C CA  . GLY A 1 48 ? 1.032   8.104   -0.247  1.00 63.74  ? 308 GLY A CA  1 
ATOM   408 C C   . GLY A 1 48 ? 0.475   8.351   1.144   1.00 73.03  ? 308 GLY A C   1 
ATOM   409 O O   . GLY A 1 48 ? 1.228   8.395   2.130   1.00 77.42  ? 308 GLY A O   1 
ATOM   410 N N   . SER A 1 49 ? -0.843  8.505   1.253   1.00 65.46  ? 309 SER A N   1 
ATOM   411 C CA  . SER A 1 49 ? -1.457  8.589   2.576   1.00 68.48  ? 309 SER A CA  1 
ATOM   412 C C   . SER A 1 49 ? -1.345  7.263   3.327   1.00 71.88  ? 309 SER A C   1 
ATOM   413 O O   . SER A 1 49 ? -0.922  7.226   4.487   1.00 72.63  ? 309 SER A O   1 
ATOM   414 C CB  . SER A 1 49 ? -2.915  9.011   2.439   1.00 58.02  ? 309 SER A CB  1 
ATOM   415 O OG  . SER A 1 49 ? -3.660  8.391   3.471   1.00 73.64  ? 309 SER A OG  1 
ATOM   416 N N   . ALA A 1 50 ? -1.726  6.158   2.675   1.00 73.35  ? 310 ALA A N   1 
ATOM   417 C CA  . ALA A 1 50 ? -1.600  4.834   3.277   1.00 71.64  ? 310 ALA A CA  1 
ATOM   418 C C   . ALA A 1 50 ? -0.145  4.447   3.516   1.00 71.00  ? 310 ALA A C   1 
ATOM   419 O O   . ALA A 1 50 ? 0.154   3.717   4.470   1.00 60.21  ? 310 ALA A O   1 
ATOM   420 C CB  . ALA A 1 50 ? -2.271  3.782   2.386   1.00 41.60  ? 310 ALA A CB  1 
ATOM   421 N N   . THR A 1 51 ? 0.757   4.898   2.641   1.00 65.10  ? 311 THR A N   1 
ATOM   422 C CA  . THR A 1 51 ? 2.179   4.629   2.797   1.00 62.43  ? 311 THR A CA  1 
ATOM   423 C C   . THR A 1 51 ? 2.707   5.205   4.105   1.00 70.19  ? 311 THR A C   1 
ATOM   424 O O   . THR A 1 51 ? 3.387   4.515   4.878   1.00 57.27  ? 311 THR A O   1 
ATOM   425 C CB  . THR A 1 51 ? 2.921   5.213   1.598   1.00 54.88  ? 311 THR A CB  1 
ATOM   426 O OG1 . THR A 1 51 ? 2.631   4.403   0.462   1.00 70.13  ? 311 THR A OG1 1 
ATOM   427 C CG2 . THR A 1 51 ? 4.436   5.222   1.820   1.00 57.30  ? 311 THR A CG2 1 
ATOM   428 N N   . ALA A 1 52 ? 2.393   6.474   4.371   1.00 69.05  ? 312 ALA A N   1 
ATOM   429 C CA  . ALA A 1 52 ? 2.811   7.091   5.620   1.00 62.61  ? 312 ALA A CA  1 
ATOM   430 C C   . ALA A 1 52 ? 2.150   6.414   6.804   1.00 69.12  ? 312 ALA A C   1 
ATOM   431 O O   . ALA A 1 52 ? 2.779   6.215   7.852   1.00 81.78  ? 312 ALA A O   1 
ATOM   432 C CB  . ALA A 1 52 ? 2.474   8.580   5.611   1.00 67.94  ? 312 ALA A CB  1 
ATOM   433 N N   . LYS A 1 53 ? 0.876   6.063   6.664   1.00 65.63  ? 313 LYS A N   1 
ATOM   434 C CA  . LYS A 1 53 ? 0.194   5.375   7.756   1.00 72.48  ? 313 LYS A CA  1 
ATOM   435 C C   . LYS A 1 53 ? 0.807   4.004   8.033   1.00 75.67  ? 313 LYS A C   1 
ATOM   436 O O   . LYS A 1 53 ? 0.718   3.497   9.158   1.00 74.35  ? 313 LYS A O   1 
ATOM   437 C CB  . LYS A 1 53 ? -1.292  5.240   7.434   1.00 67.99  ? 313 LYS A CB  1 
ATOM   438 C CG  . LYS A 1 53 ? -2.151  4.875   8.623   1.00 69.49  ? 313 LYS A CG  1 
ATOM   439 C CD  . LYS A 1 53 ? -2.463  3.385   8.656   1.00 68.33  ? 313 LYS A CD  1 
ATOM   440 C CE  . LYS A 1 53 ? -3.799  3.124   9.336   1.00 84.11  ? 313 LYS A CE  1 
ATOM   441 N NZ  . LYS A 1 53 ? -4.317  1.749   9.091   1.00 78.96  ? 313 LYS A NZ  1 
ATOM   442 N N   . LEU A 1 54 ? 1.432   3.385   7.031   1.00 68.46  ? 314 LEU A N   1 
ATOM   443 C CA  . LEU A 1 54 ? 2.038   2.082   7.270   1.00 65.16  ? 314 LEU A CA  1 
ATOM   444 C C   . LEU A 1 54 ? 3.440   2.217   7.849   1.00 64.77  ? 314 LEU A C   1 
ATOM   445 O O   . LEU A 1 54 ? 3.826   1.428   8.718   1.00 59.85  ? 314 LEU A O   1 
ATOM   446 C CB  . LEU A 1 54 ? 2.061   1.266   5.982   1.00 63.27  ? 314 LEU A CB  1 
ATOM   447 C CG  . LEU A 1 54 ? 2.848   -0.035  5.934   1.00 55.68  ? 314 LEU A CG  1 
ATOM   448 C CD1 . LEU A 1 54 ? 2.071   -1.180  6.536   1.00 74.82  ? 314 LEU A CD1 1 
ATOM   449 C CD2 . LEU A 1 54 ? 3.201   -0.324  4.476   1.00 70.55  ? 314 LEU A CD2 1 
ATOM   450 N N   . SER A 1 55 ? 4.209   3.206   7.383   1.00 67.74  ? 315 SER A N   1 
ATOM   451 C CA  . SER A 1 55 ? 5.553   3.413   7.915   1.00 64.22  ? 315 SER A CA  1 
ATOM   452 C C   . SER A 1 55 ? 5.513   3.732   9.403   1.00 69.68  ? 315 SER A C   1 
ATOM   453 O O   . SER A 1 55 ? 6.393   3.308   10.161  1.00 71.32  ? 315 SER A O   1 
ATOM   454 C CB  . SER A 1 55 ? 6.258   4.531   7.158   1.00 64.35  ? 315 SER A CB  1 
ATOM   455 O OG  . SER A 1 55 ? 5.891   5.780   7.697   1.00 69.37  ? 315 SER A OG  1 
ATOM   456 N N   . GLU A 1 56 ? 4.492   4.467   9.842   1.00 68.29  ? 316 GLU A N   1 
ATOM   457 C CA  . GLU A 1 56 ? 4.335   4.718   11.267  1.00 68.41  ? 316 GLU A CA  1 
ATOM   458 C C   . GLU A 1 56 ? 3.910   3.451   12.005  1.00 72.89  ? 316 GLU A C   1 
ATOM   459 O O   . GLU A 1 56 ? 4.423   3.154   13.093  1.00 81.38  ? 316 GLU A O   1 
ATOM   460 C CB  . GLU A 1 56 ? 3.344   5.872   11.499  1.00 84.70  ? 316 GLU A CB  1 
ATOM   461 C CG  . GLU A 1 56 ? 1.883   5.551   11.176  1.00 93.82  ? 316 GLU A CG  1 
ATOM   462 C CD  . GLU A 1 56 ? 0.886   6.568   11.747  1.00 116.44 ? 316 GLU A CD  1 
ATOM   463 O OE1 . GLU A 1 56 ? 0.033   6.164   12.573  1.00 107.96 ? 316 GLU A OE1 1 
ATOM   464 O OE2 . GLU A 1 56 ? 0.944   7.759   11.354  1.00 117.52 ? 316 GLU A OE2 1 
ATOM   465 N N   . ALA A 1 57 ? 2.991   2.676   11.422  1.00 69.91  ? 317 ALA A N   1 
ATOM   466 C CA  . ALA A 1 57 ? 2.560   1.429   12.052  1.00 65.28  ? 317 ALA A CA  1 
ATOM   467 C C   . ALA A 1 57 ? 3.726   0.470   12.249  1.00 70.10  ? 317 ALA A C   1 
ATOM   468 O O   . ALA A 1 57 ? 3.739   -0.307  13.210  1.00 72.34  ? 317 ALA A O   1 
ATOM   469 C CB  . ALA A 1 57 ? 1.469   0.752   11.216  1.00 56.55  ? 317 ALA A CB  1 
ATOM   470 N N   . SER A 1 58 ? 4.708   0.514   11.356  1.00 66.62  ? 318 SER A N   1 
ATOM   471 C CA  . SER A 1 58 ? 5.804   -0.433  11.398  1.00 67.88  ? 318 SER A CA  1 
ATOM   472 C C   . SER A 1 58 ? 6.977   0.089   12.204  1.00 68.85  ? 318 SER A C   1 
ATOM   473 O O   . SER A 1 58 ? 7.713   -0.710  12.794  1.00 69.38  ? 318 SER A O   1 
ATOM   474 C CB  . SER A 1 58 ? 6.246   -0.791  9.972   1.00 73.67  ? 318 SER A CB  1 
ATOM   475 O OG  . SER A 1 58 ? 7.215   0.123   9.493   1.00 76.77  ? 318 SER A OG  1 
ATOM   476 N N   . GLN A 1 59 ? 7.166   1.409   12.256  1.00 75.85  ? 319 GLN A N   1 
ATOM   477 C CA  . GLN A 1 59 ? 8.176   1.959   13.154  1.00 76.03  ? 319 GLN A CA  1 
ATOM   478 C C   . GLN A 1 59 ? 7.717   1.893   14.609  1.00 76.01  ? 319 GLN A C   1 
ATOM   479 O O   . GLN A 1 59 ? 8.548   1.809   15.518  1.00 80.63  ? 319 GLN A O   1 
ATOM   480 C CB  . GLN A 1 59 ? 8.527   3.386   12.740  1.00 75.58  ? 319 GLN A CB  1 
ATOM   481 C CG  . GLN A 1 59 ? 7.912   4.474   13.593  1.00 88.77  ? 319 GLN A CG  1 
ATOM   482 C CD  . GLN A 1 59 ? 8.334   5.858   13.131  1.00 95.99  ? 319 GLN A CD  1 
ATOM   483 O OE1 . GLN A 1 59 ? 9.147   5.994   12.214  1.00 99.91  ? 319 GLN A OE1 1 
ATOM   484 N NE2 . GLN A 1 59 ? 7.780   6.895   13.758  1.00 92.90  ? 319 GLN A NE2 1 
ATOM   485 N N   . ALA A 1 60 ? 6.408   1.892   14.845  1.00 71.58  ? 320 ALA A N   1 
ATOM   486 C CA  . ALA A 1 60 ? 5.897   1.619   16.182  1.00 73.97  ? 320 ALA A CA  1 
ATOM   487 C C   . ALA A 1 60 ? 6.155   0.174   16.586  1.00 80.41  ? 320 ALA A C   1 
ATOM   488 O O   . ALA A 1 60 ? 6.605   -0.098  17.707  1.00 83.31  ? 320 ALA A O   1 
ATOM   489 C CB  . ALA A 1 60 ? 4.400   1.917   16.249  1.00 77.99  ? 320 ALA A CB  1 
ATOM   490 N N   . ALA A 1 61 ? 5.841   -0.772  15.696  1.00 69.35  ? 321 ALA A N   1 
ATOM   491 C CA  . ALA A 1 61 ? 6.095   -2.172  16.016  1.00 69.45  ? 321 ALA A CA  1 
ATOM   492 C C   . ALA A 1 61 ? 7.588   -2.462  16.149  1.00 69.95  ? 321 ALA A C   1 
ATOM   493 O O   . ALA A 1 61 ? 7.977   -3.285  16.975  1.00 74.84  ? 321 ALA A O   1 
ATOM   494 C CB  . ALA A 1 61 ? 5.471   -3.085  14.969  1.00 70.60  ? 321 ALA A CB  1 
ATOM   495 N N   . ASP A 1 62 ? 8.436   -1.801  15.360  1.00 64.17  ? 322 ASP A N   1 
ATOM   496 C CA  . ASP A 1 62 ? 9.868   -2.029  15.481  1.00 65.01  ? 322 ASP A CA  1 
ATOM   497 C C   . ASP A 1 62 ? 10.371  -1.554  16.842  1.00 79.80  ? 322 ASP A C   1 
ATOM   498 O O   . ASP A 1 62 ? 11.252  -2.181  17.446  1.00 72.72  ? 322 ASP A O   1 
ATOM   499 C CB  . ASP A 1 62 ? 10.617  -1.315  14.346  1.00 63.75  ? 322 ASP A CB  1 
ATOM   500 C CG  . ASP A 1 62 ? 10.510  -2.045  12.994  1.00 80.39  ? 322 ASP A CG  1 
ATOM   501 O OD1 . ASP A 1 62 ? 9.804   -3.075  12.882  1.00 76.12  ? 322 ASP A OD1 1 
ATOM   502 O OD2 . ASP A 1 62 ? 11.144  -1.577  12.024  1.00 83.74  ? 322 ASP A OD2 1 
ATOM   503 N N   . GLU A 1 63 ? 9.797   -0.466  17.353  1.00 75.91  ? 323 GLU A N   1 
ATOM   504 C CA  . GLU A 1 63 ? 10.270  0.151   18.584  1.00 78.59  ? 323 GLU A CA  1 
ATOM   505 C C   . GLU A 1 63 ? 9.640   -0.458  19.836  1.00 79.32  ? 323 GLU A C   1 
ATOM   506 O O   . GLU A 1 63 ? 10.223  -0.371  20.919  1.00 77.79  ? 323 GLU A O   1 
ATOM   507 C CB  . GLU A 1 63 ? 10.010  1.659   18.540  1.00 79.46  ? 323 GLU A CB  1 
ATOM   508 C CG  . GLU A 1 63 ? 10.972  2.461   17.644  1.00 91.11  ? 323 GLU A CG  1 
ATOM   509 C CD  . GLU A 1 63 ? 11.367  1.750   16.343  1.00 89.22  ? 323 GLU A CD  1 
ATOM   510 N N   . SER A 1 64 ? 8.460   -1.061  19.716  1.00 79.58  ? 324 SER A N   1 
ATOM   511 C CA  . SER A 1 64 ? 7.965   -1.959  20.757  1.00 79.53  ? 324 SER A CA  1 
ATOM   512 C C   . SER A 1 64 ? 8.745   -3.264  20.768  1.00 74.94  ? 324 SER A C   1 
ATOM   513 O O   . SER A 1 64 ? 8.933   -3.878  21.823  1.00 76.25  ? 324 SER A O   1 
ATOM   514 C CB  . SER A 1 64 ? 6.473   -2.254  20.548  1.00 78.55  ? 324 SER A CB  1 
ATOM   515 O OG  . SER A 1 64 ? 6.143   -3.560  21.000  1.00 75.75  ? 324 SER A OG  1 
ATOM   516 N N   . GLU A 1 65 ? 9.154   -3.730  19.594  1.00 72.76  ? 325 GLU A N   1 
ATOM   517 C CA  . GLU A 1 65 ? 9.864   -4.995  19.493  1.00 66.42  ? 325 GLU A CA  1 
ATOM   518 C C   . GLU A 1 65 ? 11.261  -4.881  20.069  1.00 69.83  ? 325 GLU A C   1 
ATOM   519 O O   . GLU A 1 65 ? 11.792  -5.845  20.631  1.00 65.61  ? 325 GLU A O   1 
ATOM   520 C CB  . GLU A 1 65 ? 9.911   -5.419  18.025  1.00 65.39  ? 325 GLU A CB  1 
ATOM   521 C CG  . GLU A 1 65 ? 10.482  -6.771  17.742  1.00 67.68  ? 325 GLU A CG  1 
ATOM   522 C CD  . GLU A 1 65 ? 9.652   -7.916  18.300  1.00 78.51  ? 325 GLU A CD  1 
ATOM   523 O OE1 . GLU A 1 65 ? 8.703   -7.693  19.098  1.00 77.37  ? 325 GLU A OE1 1 
ATOM   524 O OE2 . GLU A 1 65 ? 9.985   -9.063  17.937  1.00 79.33  ? 325 GLU A OE2 1 
ATOM   525 N N   . ARG A 1 66 ? 11.870  -3.710  19.934  1.00 68.46  ? 326 ARG A N   1 
ATOM   526 C CA  . ARG A 1 66 ? 13.198  -3.528  20.475  1.00 62.05  ? 326 ARG A CA  1 
ATOM   527 C C   . ARG A 1 66 ? 13.139  -3.213  21.960  1.00 71.90  ? 326 ARG A C   1 
ATOM   528 O O   . ARG A 1 66 ? 14.052  -3.584  22.699  1.00 70.19  ? 326 ARG A O   1 
ATOM   529 C CB  . ARG A 1 66 ? 13.922  -2.430  19.700  1.00 66.17  ? 326 ARG A CB  1 
ATOM   530 C CG  . ARG A 1 66 ? 13.978  -1.072  20.374  1.00 72.03  ? 326 ARG A CG  1 
ATOM   531 C CD  . ARG A 1 66 ? 14.964  -0.197  19.616  1.00 82.07  ? 326 ARG A CD  1 
ATOM   532 N NE  . ARG A 1 66 ? 14.726  -0.321  18.177  1.00 90.45  ? 326 ARG A NE  1 
ATOM   533 C CZ  . ARG A 1 66 ? 14.270  0.652   17.384  1.00 95.55  ? 326 ARG A CZ  1 
ATOM   534 N NH1 . ARG A 1 66 ? 14.041  1.867   17.865  1.00 94.39  ? 326 ARG A NH1 1 
ATOM   535 N NH2 . ARG A 1 66 ? 14.079  0.424   16.089  1.00 92.99  ? 326 ARG A NH2 1 
ATOM   536 N N   . ALA A 1 67 ? 12.068  -2.563  22.419  1.00 69.46  ? 327 ALA A N   1 
ATOM   537 C CA  . ALA A 1 67 ? 11.878  -2.390  23.852  1.00 62.48  ? 327 ALA A CA  1 
ATOM   538 C C   . ALA A 1 67 ? 11.784  -3.739  24.549  1.00 69.50  ? 327 ALA A C   1 
ATOM   539 O O   . ALA A 1 67 ? 12.431  -3.963  25.579  1.00 77.33  ? 327 ALA A O   1 
ATOM   540 C CB  . ALA A 1 67 ? 10.624  -1.559  24.120  1.00 65.42  ? 327 ALA A CB  1 
ATOM   541 N N   . ARG A 1 68 ? 10.999  -4.658  23.982  1.00 67.06  ? 328 ARG A N   1 
ATOM   542 C CA  . ARG A 1 68 ? 10.841  -5.989  24.561  1.00 64.01  ? 328 ARG A CA  1 
ATOM   543 C C   . ARG A 1 68 ? 12.176  -6.706  24.652  1.00 70.12  ? 328 ARG A C   1 
ATOM   544 O O   . ARG A 1 68 ? 12.466  -7.364  25.660  1.00 67.48  ? 328 ARG A O   1 
ATOM   545 C CB  . ARG A 1 68 ? 9.854   -6.812  23.728  1.00 55.73  ? 328 ARG A CB  1 
ATOM   546 C CG  . ARG A 1 68 ? 9.396   -8.102  24.390  1.00 62.83  ? 328 ARG A CG  1 
ATOM   547 C CD  . ARG A 1 68 ? 9.078   -9.184  23.378  1.00 79.95  ? 328 ARG A CD  1 
ATOM   548 N NE  . ARG A 1 68 ? 10.228  -10.044 23.119  1.00 79.99  ? 328 ARG A NE  1 
ATOM   549 C CZ  . ARG A 1 68 ? 10.829  -10.144 21.941  1.00 73.66  ? 328 ARG A CZ  1 
ATOM   550 N NH1 . ARG A 1 68 ? 10.390  -9.424  20.920  1.00 76.97  ? 328 ARG A NH1 1 
ATOM   551 N NH2 . ARG A 1 68 ? 11.877  -10.947 21.781  1.00 75.82  ? 328 ARG A NH2 1 
ATOM   552 N N   . LYS A 1 69 ? 12.998  -6.585  23.599  1.00 63.83  ? 329 LYS A N   1 
ATOM   553 C CA  . LYS A 1 69 ? 14.318  -7.197  23.593  1.00 60.20  ? 329 LYS A CA  1 
ATOM   554 C C   . LYS A 1 69 ? 15.236  -6.553  24.625  1.00 66.53  ? 329 LYS A C   1 
ATOM   555 O O   . LYS A 1 69 ? 15.980  -7.255  25.317  1.00 61.11  ? 329 LYS A O   1 
ATOM   556 C CB  . LYS A 1 69 ? 14.932  -7.092  22.201  1.00 56.31  ? 329 LYS A CB  1 
ATOM   557 C CG  . LYS A 1 69 ? 14.417  -8.141  21.233  1.00 69.49  ? 329 LYS A CG  1 
ATOM   558 C CD  . LYS A 1 69 ? 14.632  -7.693  19.817  1.00 63.14  ? 329 LYS A CD  1 
ATOM   559 C CE  . LYS A 1 69 ? 14.045  -8.678  18.837  1.00 72.57  ? 329 LYS A CE  1 
ATOM   560 N NZ  . LYS A 1 69 ? 13.891  -8.023  17.507  1.00 77.60  ? 329 LYS A NZ  1 
ATOM   561 N N   . ILE A 1 70 ? 15.203  -5.220  24.732  1.00 60.87  ? 330 ILE A N   1 
ATOM   562 C CA  . ILE A 1 70 ? 16.044  -4.508  25.687  1.00 65.04  ? 330 ILE A CA  1 
ATOM   563 C C   . ILE A 1 70 ? 15.672  -4.882  27.113  1.00 74.14  ? 330 ILE A C   1 
ATOM   564 O O   . ILE A 1 70 ? 16.537  -4.938  27.997  1.00 68.11  ? 330 ILE A O   1 
ATOM   565 C CB  . ILE A 1 70 ? 15.935  -2.991  25.463  1.00 71.29  ? 330 ILE A CB  1 
ATOM   566 C CG1 . ILE A 1 70 ? 16.836  -2.581  24.301  1.00 73.42  ? 330 ILE A CG1 1 
ATOM   567 C CG2 . ILE A 1 70 ? 16.302  -2.231  26.734  1.00 63.69  ? 330 ILE A CG2 1 
ATOM   568 C CD1 . ILE A 1 70 ? 16.984  -1.100  24.155  1.00 65.68  ? 330 ILE A CD1 1 
ATOM   569 N N   A LEU A 1 71 ? 14.390  -5.146  27.361  0.50 71.63  ? 331 LEU A N   1 
ATOM   570 N N   B LEU A 1 71 ? 14.390  -5.146  27.361  0.50 71.66  ? 331 LEU A N   1 
ATOM   571 C CA  A LEU A 1 71 ? 13.962  -5.572  28.688  0.50 69.41  ? 331 LEU A CA  1 
ATOM   572 C CA  B LEU A 1 71 ? 13.962  -5.572  28.688  0.50 69.44  ? 331 LEU A CA  1 
ATOM   573 C C   A LEU A 1 71 ? 14.454  -6.979  28.996  0.50 68.55  ? 331 LEU A C   1 
ATOM   574 C C   B LEU A 1 71 ? 14.454  -6.979  28.996  0.50 68.55  ? 331 LEU A C   1 
ATOM   575 O O   A LEU A 1 71 ? 15.010  -7.233  30.071  0.50 73.42  ? 331 LEU A O   1 
ATOM   576 O O   B LEU A 1 71 ? 15.010  -7.233  30.071  0.50 73.50  ? 331 LEU A O   1 
ATOM   577 C CB  A LEU A 1 71 ? 12.442  -5.500  28.792  0.50 71.77  ? 331 LEU A CB  1 
ATOM   578 C CB  B LEU A 1 71 ? 12.442  -5.500  28.792  0.50 71.50  ? 331 LEU A CB  1 
ATOM   579 C CG  . LEU A 1 71 ? 11.896  -4.243  29.460  1.00 78.20  ? 331 LEU A CG  1 
ATOM   580 C CD1 . LEU A 1 71 ? 11.877  -3.060  28.470  1.00 73.38  ? 331 LEU A CD1 1 
ATOM   581 C CD2 . LEU A 1 71 ? 10.513  -4.540  30.021  1.00 83.26  ? 331 LEU A CD2 1 
ATOM   582 N N   . GLU A 1 72 ? 14.265  -7.910  28.059  1.00 66.10  ? 332 GLU A N   1 
ATOM   583 C CA  . GLU A 1 72 ? 14.717  -9.277  28.284  1.00 65.66  ? 332 GLU A CA  1 
ATOM   584 C C   . GLU A 1 72 ? 16.225  -9.361  28.464  1.00 62.21  ? 332 GLU A C   1 
ATOM   585 O O   . GLU A 1 72 ? 16.704  -10.211 29.221  1.00 58.80  ? 332 GLU A O   1 
ATOM   586 C CB  . GLU A 1 72 ? 14.268  -10.164 27.136  1.00 53.07  ? 332 GLU A CB  1 
ATOM   587 C CG  . GLU A 1 72 ? 12.785  -10.388 27.186  1.00 63.72  ? 332 GLU A CG  1 
ATOM   588 C CD  . GLU A 1 72 ? 12.265  -11.023 25.932  1.00 89.15  ? 332 GLU A CD  1 
ATOM   589 O OE1 . GLU A 1 72 ? 13.020  -11.035 24.928  1.00 84.02  ? 332 GLU A OE1 1 
ATOM   590 O OE2 . GLU A 1 72 ? 11.101  -11.492 25.953  1.00 95.58  ? 332 GLU A OE2 1 
ATOM   591 N N   . ASN A 1 73 ? 16.987  -8.490  27.789  1.00 61.90  ? 333 ASN A N   1 
ATOM   592 C CA  . ASN A 1 73 ? 18.437  -8.487  27.957  1.00 58.38  ? 333 ASN A CA  1 
ATOM   593 C C   . ASN A 1 73 ? 18.836  -7.944  29.321  1.00 63.60  ? 333 ASN A C   1 
ATOM   594 O O   . ASN A 1 73 ? 19.878  -8.329  29.860  1.00 54.50  ? 333 ASN A O   1 
ATOM   595 C CB  . ASN A 1 73 ? 19.103  -7.662  26.857  1.00 40.92  ? 333 ASN A CB  1 
ATOM   596 C CG  . ASN A 1 73 ? 20.486  -8.193  26.490  1.00 47.33  ? 333 ASN A CG  1 
ATOM   597 O OD1 . ASN A 1 73 ? 20.712  -9.407  26.483  1.00 50.55  ? 333 ASN A OD1 1 
ATOM   598 N ND2 . ASN A 1 73 ? 21.425  -7.282  26.192  1.00 50.35  ? 333 ASN A ND2 1 
ATOM   599 N N   . ARG A 1 74 ? 18.032  -7.045  29.887  1.00 65.36  ? 334 ARG A N   1 
ATOM   600 C CA  . ARG A 1 74 ? 18.341  -6.511  31.205  1.00 67.03  ? 334 ARG A CA  1 
ATOM   601 C C   . ARG A 1 74 ? 18.010  -7.530  32.284  1.00 61.99  ? 334 ARG A C   1 
ATOM   602 O O   . ARG A 1 74 ? 18.728  -7.636  33.283  1.00 65.89  ? 334 ARG A O   1 
ATOM   603 C CB  . ARG A 1 74 ? 17.588  -5.195  31.424  1.00 67.77  ? 334 ARG A CB  1 
ATOM   604 C CG  . ARG A 1 74 ? 18.191  -4.001  30.626  1.00 75.17  ? 334 ARG A CG  1 
ATOM   605 C CD  . ARG A 1 74 ? 19.733  -4.149  30.375  1.00 86.10  ? 334 ARG A CD  1 
ATOM   606 N NE  . ARG A 1 74 ? 20.223  -3.507  29.139  1.00 85.58  ? 334 ARG A NE  1 
ATOM   607 C CZ  . ARG A 1 74 ? 21.449  -3.666  28.633  1.00 84.27  ? 334 ARG A CZ  1 
ATOM   608 N NH1 . ARG A 1 74 ? 22.330  -4.441  29.254  1.00 78.71  ? 334 ARG A NH1 1 
ATOM   609 N NH2 . ARG A 1 74 ? 21.801  -3.048  27.507  1.00 84.26  ? 334 ARG A NH2 1 
ATOM   610 N N   . ALA A 1 75 ? 16.937  -8.295  32.084  1.00 60.02  ? 335 ALA A N   1 
ATOM   611 C CA  . ALA A 1 75 ? 16.653  -9.419  32.964  1.00 59.60  ? 335 ALA A CA  1 
ATOM   612 C C   . ALA A 1 75 ? 17.774  -10.444 32.916  1.00 62.59  ? 335 ALA A C   1 
ATOM   613 O O   . ALA A 1 75 ? 18.157  -11.012 33.946  1.00 70.54  ? 335 ALA A O   1 
ATOM   614 C CB  . ALA A 1 75 ? 15.336  -10.075 32.566  1.00 57.40  ? 335 ALA A CB  1 
ATOM   615 N N   . LEU A 1 76 ? 18.316  -10.688 31.730  1.00 49.45  ? 336 LEU A N   1 
ATOM   616 C CA  . LEU A 1 76 ? 19.377  -11.674 31.600  1.00 53.74  ? 336 LEU A CA  1 
ATOM   617 C C   . LEU A 1 76 ? 20.649  -11.190 32.284  1.00 51.57  ? 336 LEU A C   1 
ATOM   618 O O   . LEU A 1 76 ? 21.253  -11.918 33.081  1.00 59.97  ? 336 LEU A O   1 
ATOM   619 C CB  . LEU A 1 76 ? 19.610  -11.975 30.117  1.00 48.58  ? 336 LEU A CB  1 
ATOM   620 C CG  . LEU A 1 76 ? 20.533  -13.151 29.787  1.00 47.00  ? 336 LEU A CG  1 
ATOM   621 C CD1 . LEU A 1 76 ? 20.129  -14.422 30.518  1.00 38.58  ? 336 LEU A CD1 1 
ATOM   622 C CD2 . LEU A 1 76 ? 20.584  -13.372 28.300  1.00 51.64  ? 336 LEU A CD2 1 
ATOM   623 N N   . ALA A 1 77 ? 21.056  -9.951  31.998  1.00 49.83  ? 337 ALA A N   1 
ATOM   624 C CA  . ALA A 1 77 ? 22.163  -9.319  32.709  1.00 50.00  ? 337 ALA A CA  1 
ATOM   625 C C   . ALA A 1 77 ? 22.003  -9.411  34.232  1.00 67.50  ? 337 ALA A C   1 
ATOM   626 O O   . ALA A 1 77 ? 22.952  -9.760  34.946  1.00 62.23  ? 337 ALA A O   1 
ATOM   627 C CB  . ALA A 1 77 ? 22.276  -7.864  32.265  1.00 45.35  ? 337 ALA A CB  1 
ATOM   628 N N   . ASP A 1 78 ? 20.810  -9.101  34.752  1.00 60.56  ? 338 ASP A N   1 
ATOM   629 C CA  . ASP A 1 78 ? 20.604  -9.172  36.197  1.00 61.82  ? 338 ASP A CA  1 
ATOM   630 C C   . ASP A 1 78 ? 20.963  -10.541 36.749  1.00 67.15  ? 338 ASP A C   1 
ATOM   631 O O   . ASP A 1 78 ? 21.551  -10.645 37.830  1.00 65.45  ? 338 ASP A O   1 
ATOM   632 C CB  . ASP A 1 78 ? 19.162  -8.843  36.553  1.00 68.70  ? 338 ASP A CB  1 
ATOM   633 C CG  . ASP A 1 78 ? 18.873  -7.364  36.478  1.00 79.74  ? 338 ASP A CG  1 
ATOM   634 O OD1 . ASP A 1 78 ? 19.805  -6.582  36.165  1.00 76.56  ? 338 ASP A OD1 1 
ATOM   635 O OD2 . ASP A 1 78 ? 17.703  -6.990  36.714  1.00 85.66  ? 338 ASP A OD2 1 
ATOM   636 N N   . GLU A 1 79 ? 20.633  -11.606 36.017  1.00 63.82  ? 339 GLU A N   1 
ATOM   637 C CA  . GLU A 1 79 ? 20.986  -12.941 36.488  1.00 64.01  ? 339 GLU A CA  1 
ATOM   638 C C   . GLU A 1 79 ? 22.469  -13.227 36.340  1.00 67.42  ? 339 GLU A C   1 
ATOM   639 O O   . GLU A 1 79 ? 23.034  -14.000 37.123  1.00 62.06  ? 339 GLU A O   1 
ATOM   640 C CB  . GLU A 1 79 ? 20.188  -13.984 35.733  1.00 57.51  ? 339 GLU A CB  1 
ATOM   641 C CG  . GLU A 1 79 ? 18.717  -13.815 35.964  1.00 66.47  ? 339 GLU A CG  1 
ATOM   642 C CD  . GLU A 1 79 ? 17.894  -14.765 35.142  1.00 71.36  ? 339 GLU A CD  1 
ATOM   643 O OE1 . GLU A 1 79 ? 16.674  -14.504 35.038  1.00 66.25  ? 339 GLU A OE1 1 
ATOM   644 O OE2 . GLU A 1 79 ? 18.472  -15.758 34.615  1.00 72.38  ? 339 GLU A OE2 1 
ATOM   645 N N   . GLU A 1 80 ? 23.105  -12.657 35.320  1.00 67.53  ? 340 GLU A N   1 
ATOM   646 C CA  . GLU A 1 80 ? 24.545  -12.802 35.190  1.00 67.59  ? 340 GLU A CA  1 
ATOM   647 C C   . GLU A 1 80 ? 25.270  -12.002 36.274  1.00 62.74  ? 340 GLU A C   1 
ATOM   648 O O   . GLU A 1 80 ? 26.283  -12.450 36.823  1.00 59.22  ? 340 GLU A O   1 
ATOM   649 C CB  . GLU A 1 80 ? 24.957  -12.383 33.776  1.00 54.56  ? 340 GLU A CB  1 
ATOM   650 C CG  . GLU A 1 80 ? 24.470  -13.376 32.714  1.00 59.16  ? 340 GLU A CG  1 
ATOM   651 C CD  . GLU A 1 80 ? 24.766  -12.960 31.264  1.00 53.39  ? 340 GLU A CD  1 
ATOM   652 O OE1 . GLU A 1 80 ? 25.049  -11.766 30.990  1.00 59.20  ? 340 GLU A OE1 1 
ATOM   653 O OE2 . GLU A 1 80 ? 24.705  -13.842 30.378  1.00 59.44  ? 340 GLU A OE2 1 
ATOM   654 N N   . ARG A 1 81 ? 24.745  -10.829 36.611  1.00 63.32  ? 341 ARG A N   1 
ATOM   655 C CA  . ARG A 1 81 ? 25.241  -10.074 37.757  1.00 65.66  ? 341 ARG A CA  1 
ATOM   656 C C   . ARG A 1 81 ? 25.211  -10.911 39.038  1.00 74.32  ? 341 ARG A C   1 
ATOM   657 O O   . ARG A 1 81 ? 26.194  -10.951 39.793  1.00 73.10  ? 341 ARG A O   1 
ATOM   658 C CB  . ARG A 1 81 ? 24.404  -8.807  37.903  1.00 66.36  ? 341 ARG A CB  1 
ATOM   659 C CG  . ARG A 1 81 ? 24.369  -8.191  39.272  1.00 80.60  ? 341 ARG A CG  1 
ATOM   660 C CD  . ARG A 1 81 ? 23.840  -6.778  39.158  1.00 82.11  ? 341 ARG A CD  1 
ATOM   661 N NE  . ARG A 1 81 ? 23.968  -6.278  37.790  1.00 74.13  ? 341 ARG A NE  1 
ATOM   662 C CZ  . ARG A 1 81 ? 22.976  -5.692  37.128  1.00 78.60  ? 341 ARG A CZ  1 
ATOM   663 N NH1 . ARG A 1 81 ? 21.794  -5.552  37.715  1.00 83.54  ? 341 ARG A NH1 1 
ATOM   664 N NH2 . ARG A 1 81 ? 23.153  -5.269  35.877  1.00 78.23  ? 341 ARG A NH2 1 
ATOM   665 N N   . MET A 1 82 ? 24.093  -11.592 39.298  1.00 69.56  ? 342 MET A N   1 
ATOM   666 C CA  . MET A 1 82 ? 23.994  -12.409 40.502  1.00 65.14  ? 342 MET A CA  1 
ATOM   667 C C   . MET A 1 82 ? 24.967  -13.583 40.451  1.00 72.91  ? 342 MET A C   1 
ATOM   668 O O   . MET A 1 82 ? 25.667  -13.866 41.434  1.00 85.11  ? 342 MET A O   1 
ATOM   669 C CB  . MET A 1 82 ? 22.553  -12.881 40.693  1.00 58.50  ? 342 MET A CB  1 
ATOM   670 C CG  . MET A 1 82 ? 21.605  -11.733 41.049  1.00 71.72  ? 342 MET A CG  1 
ATOM   671 S SD  . MET A 1 82 ? 19.851  -12.184 41.172  1.00 85.12  ? 342 MET A SD  1 
ATOM   672 C CE  . MET A 1 82 ? 19.122  -10.560 41.459  1.00 68.27  ? 342 MET A CE  1 
ATOM   673 N N   . ASP A 1 83 ? 25.028  -14.279 39.318  1.00 70.56  ? 343 ASP A N   1 
ATOM   674 C CA  . ASP A 1 83 ? 26.077  -15.273 39.112  1.00 75.88  ? 343 ASP A CA  1 
ATOM   675 C C   . ASP A 1 83 ? 27.439  -14.685 39.452  1.00 75.30  ? 343 ASP A C   1 
ATOM   676 O O   . ASP A 1 83 ? 28.199  -15.267 40.229  1.00 80.64  ? 343 ASP A O   1 
ATOM   677 C CB  . ASP A 1 83 ? 26.057  -15.784 37.662  1.00 68.84  ? 343 ASP A CB  1 
ATOM   678 C CG  . ASP A 1 83 ? 24.937  -16.790 37.409  1.00 85.39  ? 343 ASP A CG  1 
ATOM   679 O OD1 . ASP A 1 83 ? 24.328  -17.248 38.402  1.00 90.23  ? 343 ASP A OD1 1 
ATOM   680 O OD2 . ASP A 1 83 ? 24.656  -17.115 36.226  1.00 87.08  ? 343 ASP A OD2 1 
ATOM   681 N N   . ALA A 1 84 ? 27.733  -13.488 38.920  1.00 70.79  ? 344 ALA A N   1 
ATOM   682 C CA  . ALA A 1 84 ? 29.068  -12.891 39.032  1.00 71.46  ? 344 ALA A CA  1 
ATOM   683 C C   . ALA A 1 84 ? 29.409  -12.492 40.461  1.00 84.25  ? 344 ALA A C   1 
ATOM   684 O O   . ALA A 1 84 ? 30.541  -12.696 40.918  1.00 79.23  ? 344 ALA A O   1 
ATOM   685 C CB  . ALA A 1 84 ? 29.177  -11.664 38.130  1.00 62.98  ? 344 ALA A CB  1 
ATOM   686 N N   . LEU A 1 85 ? 28.470  -11.862 41.160  1.00 86.23  ? 345 LEU A N   1 
ATOM   687 C CA  . LEU A 1 85 ? 28.695  -11.562 42.564  1.00 71.93  ? 345 LEU A CA  1 
ATOM   688 C C   . LEU A 1 85 ? 28.959  -12.843 43.348  1.00 85.29  ? 345 LEU A C   1 
ATOM   689 O O   . LEU A 1 85 ? 29.821  -12.869 44.233  1.00 88.28  ? 345 LEU A O   1 
ATOM   690 C CB  . LEU A 1 85 ? 27.494  -10.791 43.123  1.00 84.49  ? 345 LEU A CB  1 
ATOM   691 C CG  . LEU A 1 85 ? 27.596  -9.249  43.175  1.00 91.37  ? 345 LEU A CG  1 
ATOM   692 C CD1 . LEU A 1 85 ? 28.119  -8.626  41.868  1.00 85.03  ? 345 LEU A CD1 1 
ATOM   693 C CD2 . LEU A 1 85 ? 26.241  -8.636  43.557  1.00 88.01  ? 345 LEU A CD2 1 
ATOM   694 N N   . GLU A 1 86 ? 28.276  -13.936 42.997  1.00 83.88  ? 346 GLU A N   1 
ATOM   695 C CA  . GLU A 1 86 ? 28.484  -15.188 43.723  1.00 83.72  ? 346 GLU A CA  1 
ATOM   696 C C   . GLU A 1 86 ? 29.877  -15.772 43.466  1.00 88.62  ? 346 GLU A C   1 
ATOM   697 O O   . GLU A 1 86 ? 30.494  -16.327 44.382  1.00 93.71  ? 346 GLU A O   1 
ATOM   698 C CB  . GLU A 1 86 ? 27.389  -16.180 43.352  1.00 80.23  ? 346 GLU A CB  1 
ATOM   699 C CG  . GLU A 1 86 ? 27.514  -17.549 43.989  1.00 76.18  ? 346 GLU A CG  1 
ATOM   700 C CD  . GLU A 1 86 ? 26.650  -18.568 43.267  1.00 96.19  ? 346 GLU A CD  1 
ATOM   701 O OE1 . GLU A 1 86 ? 25.855  -18.156 42.385  1.00 92.77  ? 346 GLU A OE1 1 
ATOM   702 O OE2 . GLU A 1 86 ? 26.774  -19.776 43.564  1.00 107.18 ? 346 GLU A OE2 1 
ATOM   703 N N   . ASN A 1 87 ? 30.395  -15.651 42.235  1.00 85.77  ? 347 ASN A N   1 
ATOM   704 C CA  . ASN A 1 87 ? 31.742  -16.138 41.926  1.00 88.04  ? 347 ASN A CA  1 
ATOM   705 C C   . ASN A 1 87 ? 32.838  -15.251 42.498  1.00 84.44  ? 347 ASN A C   1 
ATOM   706 O O   . ASN A 1 87 ? 33.976  -15.711 42.641  1.00 87.70  ? 347 ASN A O   1 
ATOM   707 C CB  . ASN A 1 87 ? 31.969  -16.249 40.413  1.00 87.96  ? 347 ASN A CB  1 
ATOM   708 C CG  . ASN A 1 87 ? 30.754  -16.755 39.669  1.00 95.57  ? 347 ASN A CG  1 
ATOM   709 O OD1 . ASN A 1 87 ? 30.015  -17.612 40.172  1.00 101.87 ? 347 ASN A OD1 1 
ATOM   710 N ND2 . ASN A 1 87 ? 30.523  -16.214 38.469  1.00 88.35  ? 347 ASN A ND2 1 
ATOM   711 N N   . GLN A 1 88 ? 32.535  -13.990 42.784  1.00 81.07  ? 348 GLN A N   1 
ATOM   712 C CA  . GLN A 1 88 ? 33.510  -13.087 43.372  1.00 86.44  ? 348 GLN A CA  1 
ATOM   713 C C   . GLN A 1 88 ? 33.559  -13.167 44.890  1.00 88.74  ? 348 GLN A C   1 
ATOM   714 O O   . GLN A 1 88 ? 34.555  -12.741 45.488  1.00 90.86  ? 348 GLN A O   1 
ATOM   715 C CB  . GLN A 1 88 ? 33.218  -11.648 42.950  1.00 76.16  ? 348 GLN A CB  1 
ATOM   716 C CG  . GLN A 1 88 ? 33.678  -11.328 41.549  1.00 83.24  ? 348 GLN A CG  1 
ATOM   717 C CD  . GLN A 1 88 ? 33.159  -9.984  41.073  1.00 88.51  ? 348 GLN A CD  1 
ATOM   718 O OE1 . GLN A 1 88 ? 32.647  -9.192  41.867  1.00 96.29  ? 348 GLN A OE1 1 
ATOM   719 N NE2 . GLN A 1 88 ? 33.275  -9.725  39.771  1.00 74.64  ? 348 GLN A NE2 1 
ATOM   720 N N   . LEU A 1 89 ? 32.506  -13.680 45.530  1.00 83.67  ? 349 LEU A N   1 
ATOM   721 C CA  . LEU A 1 89 ? 32.595  -13.969 46.956  1.00 93.35  ? 349 LEU A CA  1 
ATOM   722 C C   . LEU A 1 89 ? 33.388  -15.241 47.212  1.00 101.42 ? 349 LEU A C   1 
ATOM   723 O O   . LEU A 1 89 ? 34.147  -15.319 48.186  1.00 103.60 ? 349 LEU A O   1 
ATOM   724 C CB  . LEU A 1 89 ? 31.204  -14.103 47.572  1.00 83.20  ? 349 LEU A CB  1 
ATOM   725 C CG  . LEU A 1 89 ? 30.312  -12.873 47.627  1.00 74.17  ? 349 LEU A CG  1 
ATOM   726 C CD1 . LEU A 1 89 ? 29.151  -13.188 48.550  1.00 77.35  ? 349 LEU A CD1 1 
ATOM   727 C CD2 . LEU A 1 89 ? 31.076  -11.621 48.077  1.00 71.48  ? 349 LEU A CD2 1 
ATOM   728 N N   . LYS A 1 90 ? 33.202  -16.256 46.362  1.00 98.06  ? 350 LYS A N   1 
ATOM   729 C CA  . LYS A 1 90 ? 34.043  -17.442 46.448  1.00 100.65 ? 350 LYS A CA  1 
ATOM   730 C C   . LYS A 1 90 ? 35.507  -17.089 46.196  1.00 99.38  ? 350 LYS A C   1 
ATOM   731 O O   . LYS A 1 90 ? 36.412  -17.737 46.737  1.00 100.99 ? 350 LYS A O   1 
ATOM   732 C CB  . LYS A 1 90 ? 33.534  -18.499 45.463  1.00 89.44  ? 350 LYS A CB  1 
ATOM   733 C CG  . LYS A 1 90 ? 32.024  -18.695 45.525  1.00 91.17  ? 350 LYS A CG  1 
ATOM   734 C CD  . LYS A 1 90 ? 31.615  -20.134 45.260  1.00 98.55  ? 350 LYS A CD  1 
ATOM   735 C CE  . LYS A 1 90 ? 30.220  -20.206 44.656  1.00 98.71  ? 350 LYS A CE  1 
ATOM   736 N NZ  . LYS A 1 90 ? 30.207  -19.786 43.219  1.00 109.14 ? 350 LYS A NZ  1 
ATOM   737 N N   . GLU A 1 91 ? 35.750  -16.037 45.412  1.00 96.00  ? 351 GLU A N   1 
ATOM   738 C CA  . GLU A 1 91 ? 37.110  -15.593 45.131  1.00 98.84  ? 351 GLU A CA  1 
ATOM   739 C C   . GLU A 1 91 ? 37.721  -14.884 46.330  1.00 102.11 ? 351 GLU A C   1 
ATOM   740 O O   . GLU A 1 91 ? 38.919  -15.021 46.590  1.00 105.87 ? 351 GLU A O   1 
ATOM   741 C CB  . GLU A 1 91 ? 37.108  -14.666 43.918  1.00 96.41  ? 351 GLU A CB  1 
ATOM   742 C CG  . GLU A 1 91 ? 38.368  -14.723 43.098  1.00 102.03 ? 351 GLU A CG  1 
ATOM   743 C CD  . GLU A 1 91 ? 38.113  -14.355 41.656  1.00 111.31 ? 351 GLU A CD  1 
ATOM   744 O OE1 . GLU A 1 91 ? 37.015  -13.828 41.359  1.00 108.90 ? 351 GLU A OE1 1 
ATOM   745 O OE2 . GLU A 1 91 ? 39.008  -14.600 40.819  1.00 115.19 ? 351 GLU A OE2 1 
ATOM   746 N N   . ALA A 1 92 ? 36.913  -14.116 47.068  1.00 102.36 ? 352 ALA A N   1 
ATOM   747 C CA  . ALA A 1 92 ? 37.398  -13.336 48.202  1.00 104.33 ? 352 ALA A CA  1 
ATOM   748 C C   . ALA A 1 92 ? 37.429  -14.122 49.508  1.00 106.52 ? 352 ALA A C   1 
ATOM   749 O O   . ALA A 1 92 ? 38.252  -13.820 50.377  1.00 109.28 ? 352 ALA A O   1 
ATOM   750 C CB  . ALA A 1 92 ? 36.541  -12.080 48.387  1.00 96.42  ? 352 ALA A CB  1 
ATOM   751 N N   . ARG A 1 93 ? 36.544  -15.108 49.686  1.00 105.05 ? 353 ARG A N   1 
ATOM   752 C CA  . ARG A 1 93 ? 36.686  -16.012 50.823  1.00 107.13 ? 353 ARG A CA  1 
ATOM   753 C C   . ARG A 1 93 ? 37.873  -16.953 50.636  1.00 114.60 ? 353 ARG A C   1 
ATOM   754 O O   . ARG A 1 93 ? 38.485  -17.384 51.623  1.00 114.27 ? 353 ARG A O   1 
ATOM   755 C CB  . ARG A 1 93 ? 35.395  -16.805 51.037  1.00 101.44 ? 353 ARG A CB  1 
ATOM   756 N N   . PHE A 1 94 ? 38.216  -17.274 49.380  1.00 117.78 ? 354 PHE A N   1 
ATOM   757 C CA  . PHE A 1 94 ? 39.399  -18.088 49.103  1.00 120.24 ? 354 PHE A CA  1 
ATOM   758 C C   . PHE A 1 94 ? 40.690  -17.290 49.275  1.00 120.70 ? 354 PHE A C   1 
ATOM   759 O O   . PHE A 1 94 ? 41.649  -17.790 49.875  1.00 125.19 ? 354 PHE A O   1 
ATOM   760 C CB  . PHE A 1 94 ? 39.331  -18.683 47.690  1.00 108.80 ? 354 PHE A CB  1 
ATOM   761 C CG  . PHE A 1 94 ? 40.674  -19.137 47.151  1.00 115.10 ? 354 PHE A CG  1 
ATOM   762 C CD1 . PHE A 1 94 ? 41.295  -20.272 47.655  1.00 115.88 ? 354 PHE A CD1 1 
ATOM   763 C CD2 . PHE A 1 94 ? 41.312  -18.427 46.137  1.00 120.43 ? 354 PHE A CD2 1 
ATOM   764 C CE1 . PHE A 1 94 ? 42.525  -20.689 47.169  1.00 112.76 ? 354 PHE A CE1 1 
ATOM   765 C CE2 . PHE A 1 94 ? 42.546  -18.841 45.641  1.00 115.54 ? 354 PHE A CE2 1 
ATOM   766 C CZ  . PHE A 1 94 ? 43.150  -19.974 46.159  1.00 114.62 ? 354 PHE A CZ  1 
ATOM   767 N N   . LEU A 1 95 ? 40.736  -16.050 48.772  1.00 116.34 ? 355 LEU A N   1 
ATOM   768 C CA  . LEU A 1 95 ? 41.962  -15.252 48.810  1.00 113.88 ? 355 LEU A CA  1 
ATOM   769 C C   . LEU A 1 95 ? 42.308  -14.812 50.235  1.00 111.10 ? 355 LEU A C   1 
ATOM   770 O O   . LEU A 1 95 ? 42.581  -13.634 50.485  1.00 107.43 ? 355 LEU A O   1 
ATOM   771 C CB  . LEU A 1 95 ? 41.844  -14.033 47.883  1.00 108.09 ? 355 LEU A CB  1 
ATOM   772 C CG  . LEU A 1 95 ? 41.903  -14.223 46.355  1.00 100.51 ? 355 LEU A CG  1 
ATOM   773 C CD1 . LEU A 1 95 ? 41.932  -12.869 45.644  1.00 86.61  ? 355 LEU A CD1 1 
ATOM   774 C CD2 . LEU A 1 95 ? 43.061  -15.121 45.885  1.00 98.46  ? 355 LEU A CD2 1 
ATOM   775 N N   . ALA A 1 96 ? 42.288  -15.760 51.171  1.00 115.11 ? 356 ALA A N   1 
ATOM   776 C CA  . ALA A 1 96 ? 42.821  -15.559 52.520  1.00 110.69 ? 356 ALA A CA  1 
ATOM   777 C C   . ALA A 1 96 ? 42.980  -16.970 53.099  1.00 116.26 ? 356 ALA A C   1 
ATOM   778 O O   . ALA A 1 96 ? 42.041  -17.491 53.708  1.00 112.14 ? 356 ALA A O   1 
ATOM   779 C CB  . ALA A 1 96 ? 41.913  -14.693 53.370  1.00 101.15 ? 356 ALA A CB  1 
ATOM   780 N N   . GLU A 1 97 ? 44.153  -17.605 52.887  1.00 116.42 ? 357 GLU A N   1 
ATOM   781 C CA  . GLU A 1 97 ? 45.444  -17.131 52.300  1.00 113.98 ? 357 GLU A CA  1 
ATOM   782 C C   . GLU A 1 97 ? 46.092  -15.956 53.068  1.00 114.64 ? 357 GLU A C   1 
ATOM   783 O O   . GLU A 1 97 ? 46.087  -14.800 52.620  1.00 106.79 ? 357 GLU A O   1 
ATOM   784 C CB  . GLU A 1 97 ? 45.311  -16.775 50.807  1.00 110.73 ? 357 GLU A CB  1 
ATOM   785 C CG  . GLU A 1 97 ? 44.821  -17.901 49.897  1.00 110.11 ? 357 GLU A CG  1 
ATOM   786 C CD  . GLU A 1 97 ? 45.702  -19.140 49.919  1.00 113.67 ? 357 GLU A CD  1 
ATOM   787 O OE1 . GLU A 1 97 ? 45.159  -20.254 50.111  1.00 106.36 ? 357 GLU A OE1 1 
ATOM   788 O OE2 . GLU A 1 97 ? 46.930  -19.003 49.724  1.00 116.07 ? 357 GLU A OE2 1 
ATOM   789 N N   . GLU A 1 98 ? 46.676  -16.301 54.218  1.00 117.81 ? 358 GLU A N   1 
ATOM   790 C CA  . GLU A 1 98 ? 47.284  -15.354 55.150  1.00 105.96 ? 358 GLU A CA  1 
ATOM   791 C C   . GLU A 1 98 ? 48.636  -15.849 55.650  1.00 109.80 ? 358 GLU A C   1 
ATOM   792 O O   . GLU A 1 98 ? 48.698  -16.745 56.497  1.00 109.41 ? 358 GLU A O   1 
ATOM   793 C CB  . GLU A 1 98 ? 46.362  -15.126 56.341  1.00 100.15 ? 358 GLU A CB  1 
ATOM   794 C CG  . GLU A 1 98 ? 45.010  -14.614 55.949  1.00 100.09 ? 358 GLU A CG  1 
ATOM   795 C CD  . GLU A 1 98 ? 44.649  -13.351 56.688  1.00 101.86 ? 358 GLU A CD  1 
ATOM   796 O OE1 . GLU A 1 98 ? 44.744  -12.263 56.071  1.00 101.95 ? 358 GLU A OE1 1 
ATOM   797 O OE2 . GLU A 1 98 ? 44.266  -13.446 57.877  1.00 92.87  ? 358 GLU A OE2 1 
HETATM 798 O O   . HOH B 2 .  ? -23.156 12.523  -32.420 1.00 85.03  ? 401 HOH A O   1 
HETATM 799 O O   . HOH B 2 .  ? 13.297  -12.774 21.648  1.00 69.01  ? 402 HOH A O   1 
HETATM 800 O O   . HOH B 2 .  ? -10.836 5.903   -6.538  1.00 69.72  ? 403 HOH A O   1 
HETATM 801 O O   . HOH B 2 .  ? -13.224 8.020   -11.777 1.00 60.47  ? 404 HOH A O   1 
HETATM 802 O O   . HOH B 2 .  ? -20.943 3.760   -41.966 1.00 82.32  ? 405 HOH A O   1 
HETATM 803 O O   . HOH B 2 .  ? 12.117  -9.244  16.140  1.00 76.74  ? 406 HOH A O   1 
HETATM 804 O O   . HOH B 2 .  ? -33.145 9.822   -56.220 1.00 92.88  ? 407 HOH A O   1 
HETATM 805 O O   . HOH B 2 .  ? -21.492 7.588   -26.225 1.00 60.25  ? 408 HOH A O   1 
HETATM 806 O O   . HOH B 2 .  ? -16.873 2.864   -20.144 1.00 60.77  ? 409 HOH A O   1 
HETATM 807 O O   . HOH B 2 .  ? -5.086  12.066  -21.850 1.00 84.91  ? 410 HOH A O   1 
HETATM 808 O O   . HOH B 2 .  ? 2.256   4.528   -8.280  1.00 65.76  ? 411 HOH A O   1 
HETATM 809 O O   . HOH B 2 .  ? -7.558  14.010  -6.331  1.00 70.33  ? 412 HOH A O   1 
HETATM 810 O O   . HOH B 2 .  ? -4.157  10.896  -13.852 1.00 61.90  ? 413 HOH A O   1 
HETATM 811 O O   . HOH B 2 .  ? -31.461 11.953  -48.901 1.00 92.05  ? 414 HOH A O   1 
HETATM 812 O O   . HOH B 2 .  ? 10.294  -3.859  10.042  1.00 93.09  ? 415 HOH A O   1 
HETATM 813 O O   . HOH B 2 .  ? 21.830  -16.977 34.903  1.00 77.58  ? 416 HOH A O   1 
HETATM 814 O O   . HOH B 2 .  ? 6.166   -6.597  22.566  1.00 70.47  ? 417 HOH A O   1 
HETATM 815 O O   . HOH B 2 .  ? -2.945  9.776   -16.217 1.00 67.20  ? 418 HOH A O   1 
HETATM 816 O O   . HOH B 2 .  ? -6.281  12.579  -23.427 1.00 80.31  ? 419 HOH A O   1 
# 
